data_1J5N
#
_entry.id   1J5N
#
loop_
_entity.id
_entity.type
_entity.pdbx_description
1 polymer "5'-D(*GP*GP*GP*GP*TP*GP*AP*TP*TP*GP*TP*TP*CP*AP*G)-3'"
2 polymer "5'-D(*CP*TP*GP*AP*AP*CP*AP*AP*TP*CP*AP*CP*CP*CP*C)-3'"
3 polymer 'Nonhistone chromosomal protein 6A'
#
loop_
_entity_poly.entity_id
_entity_poly.type
_entity_poly.pdbx_seq_one_letter_code
_entity_poly.pdbx_strand_id
1 'polydeoxyribonucleotide' (DG)(DG)(DG)(DG)(DT)(DG)(DA)(DT)(DT)(DG)(DT)(DT)(DC)(DA)(DG) B
2 'polydeoxyribonucleotide' (DC)(DT)(DG)(DA)(DA)(DC)(DA)(DA)(DT)(DC)(DA)(DC)(DC)(DC)(DC) C
3 'polypeptide(L)'
;MVTPREPKKRTTRKKKDPNAPKRALSAYMFFANENRDIVRSENPDITFGQVGKKLGEKWKALTPEEKQPYEAKAQADKKR
YESEKELYNATLA
;
A
#
loop_
_chem_comp.id
_chem_comp.type
_chem_comp.name
_chem_comp.formula
DA DNA linking 2'-DEOXYADENOSINE-5'-MONOPHOSPHATE 'C10 H14 N5 O6 P'
DC DNA linking 2'-DEOXYCYTIDINE-5'-MONOPHOSPHATE 'C9 H14 N3 O7 P'
DG DNA linking 2'-DEOXYGUANOSINE-5'-MONOPHOSPHATE 'C10 H14 N5 O7 P'
DT DNA linking THYMIDINE-5'-MONOPHOSPHATE 'C10 H15 N2 O8 P'
#
# COMPACT_ATOMS: atom_id res chain seq x y z
N MET C 1 14.23 -12.42 11.06
CA MET C 1 14.20 -12.94 9.67
C MET C 1 12.92 -13.75 9.42
N VAL C 2 11.84 -13.36 10.08
CA VAL C 2 10.57 -14.05 9.92
C VAL C 2 9.94 -13.76 8.57
N THR C 3 10.40 -12.69 7.93
CA THR C 3 9.89 -12.29 6.62
C THR C 3 10.99 -12.29 5.58
N PRO C 4 11.22 -13.45 4.92
CA PRO C 4 12.25 -13.58 3.90
C PRO C 4 12.16 -12.50 2.83
N ARG C 5 13.28 -11.89 2.51
CA ARG C 5 13.32 -10.84 1.50
C ARG C 5 13.69 -11.40 0.13
N GLU C 6 13.43 -12.69 -0.05
CA GLU C 6 13.73 -13.37 -1.32
C GLU C 6 12.47 -13.52 -2.16
N PRO C 7 12.61 -13.41 -3.49
CA PRO C 7 11.48 -13.54 -4.42
C PRO C 7 10.70 -14.83 -4.20
N LYS C 8 9.37 -14.74 -4.32
CA LYS C 8 8.51 -15.90 -4.14
C LYS C 8 7.24 -15.76 -4.97
N LYS C 9 7.40 -15.44 -6.24
CA LYS C 9 6.26 -15.28 -7.14
C LYS C 9 5.11 -14.56 -6.45
N ARG C 10 5.08 -13.23 -6.59
CA ARG C 10 4.03 -12.43 -5.98
C ARG C 10 3.43 -11.46 -6.99
N THR C 11 2.10 -11.36 -6.98
CA THR C 11 1.40 -10.46 -7.89
C THR C 11 -0.07 -10.86 -8.01
N THR C 12 -0.95 -9.93 -7.65
CA THR C 12 -2.40 -10.18 -7.70
C THR C 12 -2.71 -11.63 -7.34
N ARG C 13 -2.14 -12.09 -6.23
CA ARG C 13 -2.34 -13.46 -5.77
C ARG C 13 -3.78 -13.91 -6.05
N LYS C 14 -3.95 -15.21 -6.25
CA LYS C 14 -5.28 -15.77 -6.53
C LYS C 14 -6.24 -15.51 -5.38
N LYS C 15 -7.36 -16.21 -5.39
CA LYS C 15 -8.37 -16.05 -4.34
C LYS C 15 -8.18 -17.08 -3.24
N LYS C 16 -8.97 -16.95 -2.18
CA LYS C 16 -8.89 -17.87 -1.05
C LYS C 16 -9.69 -17.35 0.13
N ASP C 17 -11.00 -17.59 0.13
CA ASP C 17 -11.87 -17.13 1.19
C ASP C 17 -13.31 -17.02 0.71
N PRO C 18 -14.27 -17.22 1.63
CA PRO C 18 -15.70 -17.10 1.31
C PRO C 18 -16.05 -15.72 0.76
N ASN C 19 -15.74 -14.70 1.53
CA ASN C 19 -15.96 -13.32 1.10
C ASN C 19 -14.65 -12.67 0.71
N ALA C 20 -13.57 -13.12 1.33
CA ALA C 20 -12.23 -12.63 1.01
C ALA C 20 -12.18 -11.11 1.05
N PRO C 21 -12.11 -10.53 2.24
CA PRO C 21 -11.99 -9.08 2.42
C PRO C 21 -10.79 -8.52 1.66
N LYS C 22 -9.63 -9.11 1.89
CA LYS C 22 -8.41 -8.71 1.20
C LYS C 22 -7.68 -7.59 1.94
N ARG C 23 -7.40 -7.83 3.22
CA ARG C 23 -6.67 -6.86 4.03
C ARG C 23 -6.96 -5.43 3.57
N ALA C 24 -5.99 -4.54 3.78
CA ALA C 24 -6.14 -3.15 3.38
C ALA C 24 -4.95 -2.68 2.57
N LEU C 25 -5.07 -1.50 1.97
CA LEU C 25 -3.98 -0.90 1.23
C LEU C 25 -2.76 -0.73 2.14
N SER C 26 -1.77 0.01 1.64
CA SER C 26 -0.56 0.25 2.41
C SER C 26 -0.19 1.73 2.40
N ALA C 27 0.65 2.14 3.34
CA ALA C 27 1.13 3.51 3.39
C ALA C 27 1.85 3.87 2.10
N TYR C 28 2.25 2.84 1.35
CA TYR C 28 2.95 3.04 0.10
C TYR C 28 1.97 3.34 -1.04
N MET C 29 0.73 2.86 -0.89
CA MET C 29 -0.30 3.09 -1.89
C MET C 29 -0.87 4.49 -1.76
N PHE C 30 -1.17 4.89 -0.53
CA PHE C 30 -1.70 6.22 -0.27
C PHE C 30 -0.65 7.29 -0.56
N PHE C 31 0.56 7.06 -0.06
CA PHE C 31 1.67 7.96 -0.34
C PHE C 31 2.01 7.96 -1.83
N ALA C 32 2.19 6.76 -2.39
CA ALA C 32 2.44 6.62 -3.81
C ALA C 32 1.32 7.27 -4.63
N ASN C 33 0.12 7.32 -4.04
CA ASN C 33 -1.01 7.98 -4.68
C ASN C 33 -0.72 9.45 -4.90
N GLU C 34 -0.24 10.11 -3.84
CA GLU C 34 0.12 11.52 -3.92
C GLU C 34 1.32 11.73 -4.83
N ASN C 35 2.31 10.85 -4.70
CA ASN C 35 3.52 10.94 -5.51
C ASN C 35 3.22 10.67 -6.98
N ARG C 36 2.97 9.42 -7.32
CA ARG C 36 2.62 9.04 -8.68
C ARG C 36 2.36 10.27 -9.54
N ASP C 37 1.32 11.02 -9.19
CA ASP C 37 0.97 12.22 -9.94
C ASP C 37 2.02 13.30 -9.76
N ILE C 38 2.38 13.58 -8.51
CA ILE C 38 3.42 14.56 -8.22
C ILE C 38 4.74 14.17 -8.88
N VAL C 39 5.35 13.10 -8.38
CA VAL C 39 6.61 12.60 -8.92
C VAL C 39 6.65 12.70 -10.44
N ARG C 40 5.76 11.96 -11.10
CA ARG C 40 5.72 11.93 -12.56
C ARG C 40 5.36 13.31 -13.12
N SER C 41 4.69 14.12 -12.32
CA SER C 41 4.31 15.46 -12.73
C SER C 41 5.53 16.37 -12.81
N GLU C 42 6.57 16.01 -12.08
CA GLU C 42 7.82 16.77 -12.08
C GLU C 42 8.85 16.11 -12.98
N ASN C 43 8.62 14.84 -13.31
CA ASN C 43 9.54 14.09 -14.16
C ASN C 43 8.78 13.30 -15.20
N PRO C 44 7.95 13.98 -16.02
CA PRO C 44 7.17 13.34 -17.08
C PRO C 44 8.04 12.61 -18.08
N ASP C 45 9.34 12.86 -18.02
CA ASP C 45 10.28 12.25 -18.94
C ASP C 45 10.76 10.89 -18.42
N ILE C 46 10.89 10.78 -17.11
CA ILE C 46 11.34 9.55 -16.48
C ILE C 46 10.22 8.51 -16.46
N THR C 47 10.58 7.26 -16.73
CA THR C 47 9.60 6.18 -16.78
C THR C 47 9.43 5.52 -15.41
N PHE C 48 8.78 4.38 -15.38
CA PHE C 48 8.53 3.65 -14.14
C PHE C 48 9.83 3.35 -13.41
N GLY C 49 10.89 3.10 -14.18
CA GLY C 49 12.17 2.75 -13.59
C GLY C 49 12.86 3.92 -12.93
N GLN C 50 12.17 5.05 -12.87
CA GLN C 50 12.72 6.24 -12.23
C GLN C 50 11.73 6.77 -11.18
N VAL C 51 10.50 6.99 -11.62
CA VAL C 51 9.44 7.43 -10.73
C VAL C 51 9.18 6.40 -9.64
N GLY C 52 9.15 5.13 -10.03
CA GLY C 52 8.88 4.06 -9.08
C GLY C 52 9.99 3.90 -8.06
N LYS C 53 11.16 3.45 -8.51
CA LYS C 53 12.28 3.24 -7.61
C LYS C 53 12.57 4.51 -6.80
N LYS C 54 12.60 5.65 -7.47
CA LYS C 54 12.82 6.93 -6.80
C LYS C 54 11.70 7.21 -5.80
N LEU C 55 10.51 6.66 -6.08
CA LEU C 55 9.36 6.83 -5.20
C LEU C 55 9.64 6.20 -3.84
N GLY C 56 10.10 4.96 -3.86
CA GLY C 56 10.39 4.25 -2.63
C GLY C 56 11.49 4.91 -1.83
N GLU C 57 12.61 5.21 -2.47
CA GLU C 57 13.73 5.86 -1.80
C GLU C 57 13.29 7.16 -1.15
N LYS C 58 12.65 8.02 -1.94
CA LYS C 58 12.14 9.29 -1.44
C LYS C 58 11.04 9.08 -0.43
N TRP C 59 10.35 7.94 -0.53
CA TRP C 59 9.27 7.62 0.40
C TRP C 59 9.79 7.61 1.83
N LYS C 60 10.75 6.75 2.10
CA LYS C 60 11.35 6.66 3.43
C LYS C 60 12.25 7.85 3.69
N ALA C 61 12.65 8.53 2.62
CA ALA C 61 13.52 9.70 2.74
C ALA C 61 12.82 10.83 3.48
N LEU C 62 11.53 10.98 3.25
CA LEU C 62 10.75 12.04 3.90
C LEU C 62 10.94 12.00 5.41
N THR C 63 10.36 10.98 6.04
CA THR C 63 10.42 10.82 7.49
C THR C 63 9.05 10.43 8.04
N PRO C 64 9.02 9.64 9.12
CA PRO C 64 7.77 9.19 9.73
C PRO C 64 6.70 10.28 9.74
N GLU C 65 7.08 11.48 10.17
CA GLU C 65 6.15 12.60 10.20
C GLU C 65 5.54 12.85 8.83
N GLU C 66 6.40 12.92 7.81
CA GLU C 66 5.95 13.14 6.44
C GLU C 66 4.99 12.04 6.02
N LYS C 67 5.11 10.87 6.64
CA LYS C 67 4.25 9.74 6.33
C LYS C 67 2.90 9.87 7.03
N GLN C 68 2.89 10.57 8.15
CA GLN C 68 1.67 10.74 8.94
C GLN C 68 0.44 10.78 8.04
N PRO C 69 0.46 11.63 7.00
CA PRO C 69 -0.66 11.76 6.06
C PRO C 69 -1.10 10.43 5.48
N TYR C 70 -0.17 9.73 4.85
CA TYR C 70 -0.48 8.46 4.22
C TYR C 70 -0.47 7.32 5.24
N GLU C 71 0.68 7.09 5.85
CA GLU C 71 0.80 6.05 6.88
C GLU C 71 -0.45 6.03 7.76
N ALA C 72 -0.83 7.21 8.26
CA ALA C 72 -2.06 7.34 9.00
C ALA C 72 -3.24 6.96 8.13
N LYS C 73 -3.22 7.42 6.88
CA LYS C 73 -4.21 7.03 5.90
C LYS C 73 -4.19 5.52 5.69
N ALA C 74 -3.11 4.89 6.15
CA ALA C 74 -2.97 3.45 6.05
C ALA C 74 -3.81 2.76 7.12
N GLN C 75 -3.70 3.26 8.35
CA GLN C 75 -4.55 2.77 9.42
C GLN C 75 -6.01 3.05 9.11
N ALA C 76 -6.25 4.15 8.39
CA ALA C 76 -7.59 4.50 7.97
C ALA C 76 -8.15 3.46 7.00
N ASP C 77 -7.35 3.11 6.00
CA ASP C 77 -7.74 2.10 5.02
C ASP C 77 -7.75 0.70 5.66
N LYS C 78 -6.94 0.55 6.71
CA LYS C 78 -6.88 -0.72 7.43
C LYS C 78 -8.25 -1.05 8.04
N LYS C 79 -8.87 -0.06 8.67
CA LYS C 79 -10.21 -0.22 9.21
C LYS C 79 -11.23 -0.37 8.07
N ARG C 80 -11.08 0.47 7.05
CA ARG C 80 -11.93 0.40 5.87
C ARG C 80 -12.26 -1.05 5.54
N TYR C 81 -11.22 -1.83 5.28
CA TYR C 81 -11.40 -3.26 4.99
C TYR C 81 -11.80 -4.01 6.25
N GLU C 82 -11.28 -3.58 7.39
CA GLU C 82 -11.61 -4.21 8.66
C GLU C 82 -13.11 -4.44 8.78
N SER C 83 -13.88 -3.64 8.05
CA SER C 83 -15.33 -3.78 8.04
C SER C 83 -15.74 -5.00 7.22
N GLU C 84 -15.18 -5.11 6.02
CA GLU C 84 -15.47 -6.24 5.15
C GLU C 84 -14.92 -7.53 5.72
N LYS C 85 -14.04 -7.40 6.71
CA LYS C 85 -13.47 -8.58 7.37
C LYS C 85 -14.35 -9.01 8.54
N GLU C 86 -14.74 -8.04 9.36
CA GLU C 86 -15.64 -8.31 10.48
C GLU C 86 -16.90 -9.00 9.98
N LEU C 87 -17.34 -8.62 8.77
CA LEU C 87 -18.49 -9.26 8.14
C LEU C 87 -18.05 -10.55 7.46
N TYR C 88 -16.90 -10.50 6.80
CA TYR C 88 -16.32 -11.69 6.19
C TYR C 88 -16.59 -12.91 7.05
N ASN C 89 -16.45 -12.74 8.36
CA ASN C 89 -16.73 -13.82 9.30
C ASN C 89 -18.17 -13.75 9.80
N ALA C 90 -18.71 -12.53 9.86
CA ALA C 90 -20.08 -12.33 10.31
C ALA C 90 -21.08 -12.66 9.21
N THR C 91 -20.58 -13.29 8.15
CA THR C 91 -21.43 -13.66 7.02
C THR C 91 -21.02 -15.03 6.47
N LEU C 92 -19.72 -15.25 6.38
CA LEU C 92 -19.19 -16.51 5.89
C LEU C 92 -19.33 -17.60 6.96
N ALA C 93 -19.23 -17.19 8.22
CA ALA C 93 -19.35 -18.14 9.33
C ALA C 93 -20.16 -17.53 10.48
N MET C 1 15.57 -11.39 11.16
CA MET C 1 14.55 -11.56 12.23
C MET C 1 13.31 -12.25 11.68
N VAL C 2 12.51 -11.51 10.92
CA VAL C 2 11.28 -12.05 10.34
C VAL C 2 11.20 -11.73 8.85
N THR C 3 12.31 -11.25 8.28
CA THR C 3 12.35 -10.90 6.87
C THR C 3 13.15 -11.93 6.08
N PRO C 4 12.53 -13.06 5.74
CA PRO C 4 13.20 -14.14 4.98
C PRO C 4 13.47 -13.73 3.54
N ARG C 5 12.44 -13.27 2.85
CA ARG C 5 12.56 -12.86 1.46
C ARG C 5 12.93 -14.04 0.58
N GLU C 6 12.24 -15.15 0.76
CA GLU C 6 12.49 -16.36 -0.02
C GLU C 6 11.72 -16.33 -1.33
N PRO C 7 10.43 -15.95 -1.27
CA PRO C 7 9.56 -15.88 -2.45
C PRO C 7 10.19 -15.07 -3.58
N LYS C 8 9.44 -14.87 -4.66
CA LYS C 8 9.91 -14.12 -5.80
C LYS C 8 8.82 -13.99 -6.87
N LYS C 9 8.01 -15.04 -6.99
CA LYS C 9 6.94 -15.05 -7.98
C LYS C 9 5.87 -16.08 -7.62
N ARG C 10 6.32 -17.23 -7.12
CA ARG C 10 5.41 -18.30 -6.74
C ARG C 10 4.12 -17.74 -6.16
N THR C 11 4.26 -16.85 -5.17
CA THR C 11 3.10 -16.24 -4.52
C THR C 11 1.96 -16.06 -5.52
N THR C 12 2.01 -14.97 -6.27
CA THR C 12 0.98 -14.68 -7.26
C THR C 12 -0.41 -14.71 -6.63
N ARG C 13 -0.78 -13.62 -5.97
CA ARG C 13 -2.07 -13.51 -5.31
C ARG C 13 -3.14 -14.29 -6.08
N LYS C 14 -3.68 -15.32 -5.45
CA LYS C 14 -4.71 -16.15 -6.08
C LYS C 14 -5.92 -16.29 -5.16
N LYS C 15 -7.01 -16.81 -5.71
CA LYS C 15 -8.24 -17.00 -4.95
C LYS C 15 -7.93 -17.44 -3.52
N LYS C 16 -8.72 -16.97 -2.58
CA LYS C 16 -8.54 -17.32 -1.17
C LYS C 16 -9.65 -16.73 -0.31
N ASP C 17 -10.31 -17.58 0.47
CA ASP C 17 -11.39 -17.14 1.34
C ASP C 17 -12.72 -17.10 0.59
N PRO C 18 -13.83 -17.33 1.31
CA PRO C 18 -15.17 -17.30 0.72
C PRO C 18 -15.50 -15.95 0.11
N ASN C 19 -15.38 -14.90 0.92
CA ASN C 19 -15.64 -13.54 0.45
C ASN C 19 -14.35 -12.74 0.37
N ALA C 20 -13.33 -13.18 1.12
CA ALA C 20 -12.04 -12.52 1.13
C ALA C 20 -12.20 -11.01 1.23
N PRO C 21 -11.95 -10.45 2.43
CA PRO C 21 -12.08 -9.02 2.67
C PRO C 21 -11.10 -8.20 1.84
N LYS C 22 -9.83 -8.61 1.85
CA LYS C 22 -8.79 -7.91 1.11
C LYS C 22 -8.06 -6.93 2.01
N ARG C 23 -7.13 -7.45 2.81
CA ARG C 23 -6.36 -6.64 3.74
C ARG C 23 -6.27 -5.19 3.26
N ALA C 24 -6.14 -4.28 4.22
CA ALA C 24 -6.07 -2.85 3.92
C ALA C 24 -4.91 -2.55 2.99
N LEU C 25 -4.88 -1.31 2.49
CA LEU C 25 -3.78 -0.85 1.65
C LEU C 25 -2.51 -0.69 2.47
N SER C 26 -1.52 -0.03 1.90
CA SER C 26 -0.26 0.21 2.60
C SER C 26 0.09 1.69 2.58
N ALA C 27 0.97 2.09 3.50
CA ALA C 27 1.42 3.47 3.56
C ALA C 27 2.12 3.87 2.26
N TYR C 28 2.60 2.87 1.53
CA TYR C 28 3.29 3.10 0.26
C TYR C 28 2.29 3.37 -0.85
N MET C 29 1.05 2.89 -0.68
CA MET C 29 0.01 3.09 -1.67
C MET C 29 -0.62 4.47 -1.53
N PHE C 30 -0.93 4.86 -0.30
CA PHE C 30 -1.50 6.18 -0.04
C PHE C 30 -0.51 7.27 -0.39
N PHE C 31 0.74 7.10 0.04
CA PHE C 31 1.80 8.04 -0.29
C PHE C 31 2.10 8.00 -1.79
N ALA C 32 2.37 6.80 -2.29
CA ALA C 32 2.62 6.62 -3.72
C ALA C 32 1.46 7.13 -4.55
N ASN C 33 0.28 7.23 -3.92
CA ASN C 33 -0.89 7.77 -4.58
C ASN C 33 -0.74 9.26 -4.82
N GLU C 34 -0.35 9.98 -3.76
CA GLU C 34 -0.10 11.42 -3.87
C GLU C 34 1.05 11.70 -4.82
N ASN C 35 2.13 10.93 -4.68
CA ASN C 35 3.30 11.10 -5.53
C ASN C 35 2.97 10.80 -6.97
N ARG C 36 2.72 9.53 -7.27
CA ARG C 36 2.34 9.10 -8.61
C ARG C 36 2.04 10.30 -9.51
N ASP C 37 1.01 11.06 -9.14
CA ASP C 37 0.63 12.24 -9.90
C ASP C 37 1.66 13.35 -9.76
N ILE C 38 2.00 13.68 -8.52
CA ILE C 38 3.00 14.70 -8.24
C ILE C 38 4.34 14.31 -8.87
N VAL C 39 4.98 13.30 -8.30
CA VAL C 39 6.28 12.84 -8.79
C VAL C 39 6.29 12.75 -10.32
N ARG C 40 5.40 11.93 -10.86
CA ARG C 40 5.32 11.73 -12.30
C ARG C 40 5.01 13.04 -13.02
N SER C 41 4.36 13.95 -12.31
CA SER C 41 4.01 15.26 -12.87
C SER C 41 5.23 16.14 -13.01
N GLU C 42 6.25 15.87 -12.20
CA GLU C 42 7.50 16.62 -12.24
C GLU C 42 8.50 15.96 -13.18
N ASN C 43 8.32 14.66 -13.39
CA ASN C 43 9.20 13.90 -14.27
C ASN C 43 8.40 12.98 -15.19
N PRO C 44 7.52 13.57 -16.01
CA PRO C 44 6.66 12.82 -16.93
C PRO C 44 7.47 12.03 -17.96
N ASP C 45 8.65 12.55 -18.30
CA ASP C 45 9.54 11.89 -19.25
C ASP C 45 10.62 11.11 -18.52
N ILE C 46 10.26 10.58 -17.35
CA ILE C 46 11.21 9.86 -16.51
C ILE C 46 11.13 8.36 -16.76
N THR C 47 9.90 7.84 -16.76
CA THR C 47 9.67 6.41 -17.00
C THR C 47 9.44 5.68 -15.69
N PHE C 48 8.60 4.65 -15.73
CA PHE C 48 8.27 3.87 -14.55
C PHE C 48 9.48 3.73 -13.62
N GLY C 49 10.30 2.72 -13.90
CA GLY C 49 11.45 2.44 -13.04
C GLY C 49 11.97 3.67 -12.34
N GLN C 50 11.88 4.83 -12.98
CA GLN C 50 12.35 6.08 -12.40
C GLN C 50 11.37 6.57 -11.34
N VAL C 51 10.12 6.73 -11.75
CA VAL C 51 9.08 7.19 -10.84
C VAL C 51 8.81 6.17 -9.74
N GLY C 52 8.64 4.91 -10.15
CA GLY C 52 8.35 3.86 -9.18
C GLY C 52 9.47 3.64 -8.19
N LYS C 53 10.62 3.19 -8.67
CA LYS C 53 11.75 2.91 -7.80
C LYS C 53 12.13 4.15 -7.00
N LYS C 54 12.21 5.28 -7.66
CA LYS C 54 12.53 6.54 -7.01
C LYS C 54 11.40 6.98 -6.09
N LEU C 55 10.21 6.42 -6.31
CA LEU C 55 9.07 6.71 -5.45
C LEU C 55 9.29 6.14 -4.05
N GLY C 56 9.57 4.85 -4.00
CA GLY C 56 9.85 4.21 -2.72
C GLY C 56 11.07 4.80 -2.03
N GLU C 57 12.09 5.13 -2.82
CA GLU C 57 13.29 5.74 -2.29
C GLU C 57 12.96 7.03 -1.54
N LYS C 58 12.29 7.94 -2.22
CA LYS C 58 11.88 9.20 -1.62
C LYS C 58 10.80 8.98 -0.57
N TRP C 59 10.10 7.84 -0.68
CA TRP C 59 9.06 7.50 0.28
C TRP C 59 9.63 7.47 1.69
N LYS C 60 10.66 6.63 1.88
CA LYS C 60 11.32 6.53 3.18
C LYS C 60 12.32 7.66 3.37
N ALA C 61 12.66 8.33 2.27
CA ALA C 61 13.62 9.43 2.31
C ALA C 61 13.07 10.61 3.11
N LEU C 62 11.76 10.84 3.00
CA LEU C 62 11.13 11.95 3.71
C LEU C 62 11.35 11.84 5.21
N THR C 63 10.59 10.97 5.86
CA THR C 63 10.67 10.79 7.30
C THR C 63 9.31 10.33 7.86
N PRO C 64 9.33 9.54 8.93
CA PRO C 64 8.10 9.06 9.57
C PRO C 64 7.04 10.16 9.67
N GLU C 65 7.45 11.34 10.11
CA GLU C 65 6.55 12.48 10.21
C GLU C 65 5.94 12.79 8.85
N GLU C 66 6.77 12.85 7.83
CA GLU C 66 6.29 13.10 6.47
C GLU C 66 5.29 12.03 6.04
N LYS C 67 5.39 10.86 6.65
CA LYS C 67 4.50 9.75 6.33
C LYS C 67 3.17 9.91 7.08
N GLN C 68 3.21 10.60 8.21
CA GLN C 68 2.02 10.80 9.03
C GLN C 68 0.76 10.85 8.17
N PRO C 69 0.76 11.68 7.12
CA PRO C 69 -0.39 11.83 6.23
C PRO C 69 -0.87 10.49 5.67
N TYR C 70 0.04 9.78 5.01
CA TYR C 70 -0.30 8.52 4.38
C TYR C 70 -0.29 7.39 5.39
N GLU C 71 0.86 7.16 6.01
CA GLU C 71 0.98 6.12 7.04
C GLU C 71 -0.25 6.13 7.95
N ALA C 72 -0.60 7.31 8.42
CA ALA C 72 -1.83 7.48 9.19
C ALA C 72 -3.04 7.12 8.33
N LYS C 73 -2.99 7.54 7.08
CA LYS C 73 -4.01 7.15 6.11
C LYS C 73 -4.02 5.64 5.93
N ALA C 74 -2.95 4.99 6.36
CA ALA C 74 -2.83 3.54 6.28
C ALA C 74 -3.69 2.90 7.36
N GLN C 75 -3.57 3.39 8.58
CA GLN C 75 -4.42 2.95 9.67
C GLN C 75 -5.88 3.25 9.35
N ALA C 76 -6.11 4.38 8.68
CA ALA C 76 -7.44 4.75 8.25
C ALA C 76 -8.01 3.72 7.28
N ASP C 77 -7.17 3.27 6.35
CA ASP C 77 -7.57 2.25 5.40
C ASP C 77 -7.60 0.87 6.06
N LYS C 78 -6.89 0.75 7.18
CA LYS C 78 -6.85 -0.50 7.93
C LYS C 78 -8.25 -0.84 8.45
N LYS C 79 -8.89 0.13 9.07
CA LYS C 79 -10.25 -0.05 9.56
C LYS C 79 -11.24 -0.10 8.40
N ARG C 80 -11.00 0.76 7.41
CA ARG C 80 -11.84 0.79 6.21
C ARG C 80 -12.18 -0.63 5.77
N TYR C 81 -11.16 -1.41 5.44
CA TYR C 81 -11.35 -2.79 5.03
C TYR C 81 -11.75 -3.66 6.21
N GLU C 82 -11.16 -3.38 7.37
CA GLU C 82 -11.49 -4.13 8.58
C GLU C 82 -12.98 -4.43 8.63
N SER C 83 -13.78 -3.50 8.11
CA SER C 83 -15.23 -3.69 8.04
C SER C 83 -15.57 -4.79 7.05
N GLU C 84 -15.07 -4.64 5.82
CA GLU C 84 -15.25 -5.65 4.79
C GLU C 84 -14.96 -7.04 5.34
N LYS C 85 -14.12 -7.10 6.35
CA LYS C 85 -13.79 -8.36 7.00
C LYS C 85 -14.90 -8.78 7.97
N GLU C 86 -15.39 -7.82 8.75
CA GLU C 86 -16.48 -8.08 9.67
C GLU C 86 -17.64 -8.76 8.96
N LEU C 87 -17.83 -8.40 7.69
CA LEU C 87 -18.86 -9.02 6.87
C LEU C 87 -18.35 -10.33 6.30
N TYR C 88 -17.11 -10.33 5.83
CA TYR C 88 -16.49 -11.54 5.35
C TYR C 88 -16.89 -12.74 6.19
N ASN C 89 -16.98 -12.52 7.50
CA ASN C 89 -17.42 -13.56 8.43
C ASN C 89 -18.91 -13.47 8.69
N ALA C 90 -19.45 -12.25 8.62
CA ALA C 90 -20.87 -12.02 8.82
C ALA C 90 -21.69 -12.47 7.63
N THR C 91 -21.02 -13.06 6.64
CA THR C 91 -21.67 -13.53 5.42
C THR C 91 -21.19 -14.93 5.07
N LEU C 92 -19.87 -15.13 5.10
CA LEU C 92 -19.29 -16.43 4.81
C LEU C 92 -19.58 -17.42 5.92
N ALA C 93 -19.68 -16.93 7.15
CA ALA C 93 -19.95 -17.78 8.30
C ALA C 93 -20.83 -17.05 9.31
N MET C 1 10.81 -2.77 16.18
CA MET C 1 9.92 -1.82 15.46
C MET C 1 9.46 -2.42 14.13
N VAL C 2 9.03 -3.68 14.17
CA VAL C 2 8.56 -4.37 12.97
C VAL C 2 9.38 -3.96 11.75
N THR C 3 10.42 -4.74 11.46
CA THR C 3 11.29 -4.46 10.33
C THR C 3 11.04 -5.46 9.20
N PRO C 4 10.10 -5.15 8.30
CA PRO C 4 9.77 -6.03 7.18
C PRO C 4 10.88 -6.08 6.14
N ARG C 5 11.75 -7.08 6.26
CA ARG C 5 12.86 -7.24 5.33
C ARG C 5 13.14 -8.72 5.07
N GLU C 6 12.15 -9.42 4.54
CA GLU C 6 12.29 -10.84 4.24
C GLU C 6 12.25 -11.09 2.74
N PRO C 7 12.94 -12.14 2.28
CA PRO C 7 13.00 -12.50 0.86
C PRO C 7 11.60 -12.61 0.24
N LYS C 8 11.55 -12.83 -1.07
CA LYS C 8 10.29 -12.96 -1.78
C LYS C 8 10.22 -14.29 -2.53
N LYS C 9 9.04 -14.59 -3.06
CA LYS C 9 8.83 -15.83 -3.79
C LYS C 9 7.45 -15.86 -4.44
N ARG C 10 7.37 -15.40 -5.69
CA ARG C 10 6.10 -15.38 -6.41
C ARG C 10 4.95 -15.05 -5.48
N THR C 11 3.74 -15.45 -5.87
CA THR C 11 2.55 -15.20 -5.07
C THR C 11 1.29 -15.32 -5.92
N THR C 12 1.18 -14.46 -6.92
CA THR C 12 0.02 -14.48 -7.81
C THR C 12 -1.28 -14.63 -7.02
N ARG C 13 -1.62 -13.60 -6.24
CA ARG C 13 -2.83 -13.63 -5.43
C ARG C 13 -3.94 -14.43 -6.12
N LYS C 14 -4.69 -15.18 -5.33
CA LYS C 14 -5.79 -15.99 -5.86
C LYS C 14 -7.10 -15.63 -5.20
N LYS C 15 -7.43 -16.33 -4.11
CA LYS C 15 -8.66 -16.08 -3.38
C LYS C 15 -8.53 -16.50 -1.92
N LYS C 16 -8.89 -17.74 -1.63
CA LYS C 16 -8.80 -18.26 -0.27
C LYS C 16 -9.55 -17.37 0.70
N ASP C 17 -10.88 -17.46 0.68
CA ASP C 17 -11.72 -16.65 1.55
C ASP C 17 -13.14 -16.54 1.00
N PRO C 18 -14.15 -16.88 1.81
CA PRO C 18 -15.55 -16.80 1.42
C PRO C 18 -15.97 -15.37 1.08
N ASN C 19 -15.93 -14.49 2.09
CA ASN C 19 -16.28 -13.09 1.89
C ASN C 19 -15.05 -12.29 1.50
N ALA C 20 -13.88 -12.88 1.71
CA ALA C 20 -12.62 -12.23 1.34
C ALA C 20 -12.69 -10.73 1.57
N PRO C 21 -12.22 -10.27 2.74
CA PRO C 21 -12.21 -8.85 3.10
C PRO C 21 -11.26 -8.04 2.22
N LYS C 22 -10.09 -8.60 1.96
CA LYS C 22 -9.07 -7.94 1.16
C LYS C 22 -8.31 -6.92 1.98
N ARG C 23 -7.35 -7.40 2.76
CA ARG C 23 -6.53 -6.54 3.62
C ARG C 23 -6.48 -5.11 3.08
N ALA C 24 -6.31 -4.17 3.98
CA ALA C 24 -6.28 -2.75 3.61
C ALA C 24 -5.09 -2.44 2.72
N LEU C 25 -5.01 -1.19 2.28
CA LEU C 25 -3.88 -0.72 1.49
C LEU C 25 -2.65 -0.54 2.36
N SER C 26 -1.63 0.11 1.81
CA SER C 26 -0.41 0.37 2.55
C SER C 26 -0.05 1.86 2.50
N ALA C 27 0.78 2.29 3.43
CA ALA C 27 1.24 3.68 3.45
C ALA C 27 1.97 4.03 2.15
N TYR C 28 2.41 3.00 1.45
CA TYR C 28 3.12 3.18 0.19
C TYR C 28 2.14 3.45 -0.96
N MET C 29 0.91 2.97 -0.80
CA MET C 29 -0.11 3.17 -1.83
C MET C 29 -0.73 4.56 -1.71
N PHE C 30 -1.09 4.95 -0.48
CA PHE C 30 -1.66 6.26 -0.25
C PHE C 30 -0.63 7.35 -0.55
N PHE C 31 0.59 7.15 -0.07
CA PHE C 31 1.69 8.07 -0.37
C PHE C 31 2.02 8.04 -1.85
N ALA C 32 2.20 6.84 -2.39
CA ALA C 32 2.47 6.67 -3.82
C ALA C 32 1.34 7.27 -4.65
N ASN C 33 0.16 7.40 -4.04
CA ASN C 33 -0.97 8.01 -4.71
C ASN C 33 -0.74 9.51 -4.90
N GLU C 34 -0.33 10.17 -3.84
CA GLU C 34 -0.02 11.60 -3.91
C GLU C 34 1.18 11.85 -4.82
N ASN C 35 2.19 11.01 -4.69
CA ASN C 35 3.39 11.14 -5.52
C ASN C 35 3.07 10.87 -6.98
N ARG C 36 2.80 9.61 -7.29
CA ARG C 36 2.44 9.21 -8.65
C ARG C 36 2.21 10.44 -9.54
N ASP C 37 1.18 11.21 -9.20
CA ASP C 37 0.85 12.42 -9.96
C ASP C 37 1.92 13.49 -9.74
N ILE C 38 2.21 13.79 -8.49
CA ILE C 38 3.24 14.78 -8.15
C ILE C 38 4.58 14.38 -8.76
N VAL C 39 5.19 13.34 -8.20
CA VAL C 39 6.48 12.86 -8.67
C VAL C 39 6.54 12.81 -10.19
N ARG C 40 5.65 12.02 -10.80
CA ARG C 40 5.63 11.86 -12.24
C ARG C 40 5.35 13.19 -12.93
N SER C 41 4.70 14.10 -12.21
CA SER C 41 4.38 15.42 -12.74
C SER C 41 5.63 16.29 -12.83
N GLU C 42 6.61 15.98 -11.99
CA GLU C 42 7.88 16.72 -11.99
C GLU C 42 8.88 16.06 -12.93
N ASN C 43 8.68 14.78 -13.18
CA ASN C 43 9.56 14.03 -14.07
C ASN C 43 8.77 13.16 -15.03
N PRO C 44 7.90 13.80 -15.84
CA PRO C 44 7.05 13.08 -16.80
C PRO C 44 7.86 12.32 -17.85
N ASP C 45 9.05 12.84 -18.17
CA ASP C 45 9.93 12.20 -19.13
C ASP C 45 11.01 11.40 -18.40
N ILE C 46 10.61 10.79 -17.30
CA ILE C 46 11.55 10.04 -16.47
C ILE C 46 11.44 8.54 -16.74
N THR C 47 10.21 8.04 -16.76
CA THR C 47 9.96 6.62 -17.02
C THR C 47 9.71 5.87 -15.71
N PHE C 48 8.87 4.83 -15.79
CA PHE C 48 8.53 4.05 -14.61
C PHE C 48 9.73 3.87 -13.69
N GLY C 49 10.55 2.86 -13.99
CA GLY C 49 11.68 2.55 -13.14
C GLY C 49 12.24 3.75 -12.41
N GLN C 50 12.14 4.92 -13.04
CA GLN C 50 12.62 6.14 -12.41
C GLN C 50 11.66 6.63 -11.35
N VAL C 51 10.40 6.82 -11.74
CA VAL C 51 9.37 7.27 -10.83
C VAL C 51 9.08 6.22 -9.75
N GLY C 52 8.90 4.98 -10.18
CA GLY C 52 8.59 3.92 -9.25
C GLY C 52 9.69 3.71 -8.22
N LYS C 53 10.89 3.38 -8.69
CA LYS C 53 12.02 3.13 -7.79
C LYS C 53 12.32 4.37 -6.95
N LYS C 54 12.26 5.54 -7.59
CA LYS C 54 12.49 6.79 -6.88
C LYS C 54 11.35 7.09 -5.91
N LEU C 55 10.20 6.48 -6.16
CA LEU C 55 9.03 6.66 -5.30
C LEU C 55 9.26 5.99 -3.95
N GLY C 56 9.65 4.74 -3.98
CA GLY C 56 9.92 4.00 -2.75
C GLY C 56 11.06 4.60 -1.96
N GLU C 57 12.17 4.86 -2.63
CA GLU C 57 13.34 5.46 -1.98
C GLU C 57 12.96 6.77 -1.30
N LYS C 58 12.31 7.65 -2.06
CA LYS C 58 11.88 8.94 -1.52
C LYS C 58 10.76 8.75 -0.49
N TRP C 59 10.04 7.63 -0.60
CA TRP C 59 8.97 7.33 0.33
C TRP C 59 9.49 7.28 1.76
N LYS C 60 10.49 6.44 1.99
CA LYS C 60 11.11 6.32 3.30
C LYS C 60 12.13 7.43 3.51
N ALA C 61 12.49 8.11 2.44
CA ALA C 61 13.46 9.19 2.51
C ALA C 61 12.91 10.37 3.29
N LEU C 62 11.62 10.65 3.12
CA LEU C 62 10.99 11.78 3.80
C LEU C 62 11.16 11.65 5.32
N THR C 63 10.37 10.77 5.93
CA THR C 63 10.41 10.58 7.38
C THR C 63 9.03 10.15 7.89
N PRO C 64 9.00 9.33 8.95
CA PRO C 64 7.76 8.87 9.55
C PRO C 64 6.70 9.98 9.63
N GLU C 65 7.14 11.16 10.09
CA GLU C 65 6.26 12.31 10.18
C GLU C 65 5.66 12.65 8.81
N GLU C 66 6.52 12.71 7.80
CA GLU C 66 6.08 12.98 6.44
C GLU C 66 5.07 11.94 5.98
N LYS C 67 5.15 10.75 6.59
CA LYS C 67 4.23 9.67 6.25
C LYS C 67 2.89 9.83 6.96
N GLN C 68 2.91 10.51 8.11
CA GLN C 68 1.71 10.71 8.90
C GLN C 68 0.47 10.81 8.02
N PRO C 69 0.52 11.65 6.98
CA PRO C 69 -0.61 11.84 6.07
C PRO C 69 -1.10 10.52 5.47
N TYR C 70 -0.19 9.81 4.83
CA TYR C 70 -0.53 8.55 4.16
C TYR C 70 -0.57 7.40 5.16
N GLU C 71 0.57 7.13 5.80
CA GLU C 71 0.63 6.09 6.81
C GLU C 71 -0.61 6.10 7.68
N ALA C 72 -0.96 7.28 8.18
CA ALA C 72 -2.20 7.46 8.92
C ALA C 72 -3.39 7.12 8.03
N LYS C 73 -3.32 7.58 6.78
CA LYS C 73 -4.31 7.23 5.78
C LYS C 73 -4.36 5.72 5.58
N ALA C 74 -3.30 5.04 6.01
CA ALA C 74 -3.23 3.59 5.92
C ALA C 74 -4.12 2.96 6.97
N GLN C 75 -3.99 3.43 8.21
CA GLN C 75 -4.88 3.01 9.28
C GLN C 75 -6.33 3.32 8.92
N ALA C 76 -6.52 4.44 8.23
CA ALA C 76 -7.85 4.83 7.76
C ALA C 76 -8.42 3.78 6.82
N ASP C 77 -7.57 3.28 5.92
CA ASP C 77 -7.97 2.24 4.98
C ASP C 77 -8.03 0.89 5.69
N LYS C 78 -7.31 0.77 6.79
CA LYS C 78 -7.31 -0.46 7.58
C LYS C 78 -8.70 -0.76 8.09
N LYS C 79 -9.36 0.26 8.64
CA LYS C 79 -10.74 0.12 9.10
C LYS C 79 -11.68 -0.08 7.91
N ARG C 80 -11.45 0.70 6.86
CA ARG C 80 -12.24 0.59 5.64
C ARG C 80 -12.55 -0.87 5.33
N TYR C 81 -11.50 -1.66 5.14
CA TYR C 81 -11.65 -3.08 4.85
C TYR C 81 -11.93 -3.86 6.13
N GLU C 82 -11.53 -3.29 7.27
CA GLU C 82 -11.80 -3.91 8.55
C GLU C 82 -13.29 -4.22 8.70
N SER C 83 -14.11 -3.51 7.94
CA SER C 83 -15.55 -3.73 7.96
C SER C 83 -15.89 -5.04 7.26
N GLU C 84 -15.39 -5.22 6.04
CA GLU C 84 -15.63 -6.43 5.28
C GLU C 84 -14.92 -7.63 5.90
N LYS C 85 -14.02 -7.35 6.84
CA LYS C 85 -13.32 -8.42 7.55
C LYS C 85 -14.13 -8.89 8.75
N GLU C 86 -14.53 -7.95 9.59
CA GLU C 86 -15.36 -8.25 10.75
C GLU C 86 -16.60 -9.02 10.33
N LEU C 87 -17.14 -8.66 9.16
CA LEU C 87 -18.29 -9.37 8.62
C LEU C 87 -17.85 -10.64 7.91
N TYR C 88 -16.75 -10.55 7.17
CA TYR C 88 -16.16 -11.72 6.54
C TYR C 88 -16.30 -12.94 7.43
N ASN C 89 -16.06 -12.74 8.72
CA ASN C 89 -16.20 -13.82 9.70
C ASN C 89 -17.59 -13.81 10.31
N ALA C 90 -18.19 -12.63 10.39
CA ALA C 90 -19.53 -12.49 10.95
C ALA C 90 -20.60 -12.93 9.95
N THR C 91 -20.16 -13.53 8.85
CA THR C 91 -21.07 -13.98 7.81
C THR C 91 -20.63 -15.33 7.27
N LEU C 92 -19.32 -15.47 7.05
CA LEU C 92 -18.76 -16.72 6.56
C LEU C 92 -18.70 -17.78 7.67
N ALA C 93 -18.51 -17.31 8.90
CA ALA C 93 -18.43 -18.20 10.05
C ALA C 93 -17.63 -19.46 9.71
N MET C 1 10.37 -6.15 14.03
CA MET C 1 9.86 -7.55 14.06
C MET C 1 9.51 -8.02 12.65
N VAL C 2 9.42 -7.09 11.72
CA VAL C 2 9.09 -7.42 10.33
C VAL C 2 9.97 -6.65 9.36
N THR C 3 10.72 -7.37 8.54
CA THR C 3 11.61 -6.76 7.56
C THR C 3 11.73 -7.62 6.32
N PRO C 4 11.29 -7.11 5.16
CA PRO C 4 11.36 -7.83 3.89
C PRO C 4 12.79 -8.00 3.39
N ARG C 5 12.96 -8.86 2.40
CA ARG C 5 14.29 -9.11 1.83
C ARG C 5 14.24 -10.24 0.82
N GLU C 6 13.96 -11.46 1.30
CA GLU C 6 13.88 -12.62 0.42
C GLU C 6 12.84 -12.42 -0.67
N PRO C 7 13.22 -12.64 -1.93
CA PRO C 7 12.31 -12.48 -3.07
C PRO C 7 11.00 -13.25 -2.88
N LYS C 8 9.95 -12.52 -2.52
CA LYS C 8 8.64 -13.13 -2.30
C LYS C 8 8.38 -14.23 -3.32
N LYS C 9 8.16 -15.44 -2.84
CA LYS C 9 7.90 -16.58 -3.72
C LYS C 9 6.70 -16.30 -4.62
N ARG C 10 6.13 -17.37 -5.19
CA ARG C 10 4.98 -17.24 -6.07
C ARG C 10 4.04 -16.14 -5.58
N THR C 11 3.34 -16.41 -4.49
CA THR C 11 2.40 -15.45 -3.92
C THR C 11 1.25 -15.18 -4.89
N THR C 12 1.42 -14.18 -5.74
CA THR C 12 0.39 -13.82 -6.71
C THR C 12 -1.00 -13.99 -6.11
N ARG C 13 -1.53 -12.90 -5.56
CA ARG C 13 -2.84 -12.92 -4.94
C ARG C 13 -3.78 -13.88 -5.66
N LYS C 14 -4.30 -14.85 -4.93
CA LYS C 14 -5.20 -15.84 -5.49
C LYS C 14 -6.49 -15.93 -4.69
N LYS C 15 -7.14 -17.10 -4.74
CA LYS C 15 -8.39 -17.30 -4.02
C LYS C 15 -8.17 -18.18 -2.80
N LYS C 16 -8.96 -17.95 -1.76
CA LYS C 16 -8.84 -18.71 -0.52
C LYS C 16 -9.65 -18.05 0.60
N ASP C 17 -10.97 -18.22 0.56
CA ASP C 17 -11.85 -17.65 1.57
C ASP C 17 -13.28 -17.54 1.04
N PRO C 18 -14.26 -17.62 1.95
CA PRO C 18 -15.68 -17.50 1.59
C PRO C 18 -16.00 -16.17 0.94
N ASN C 19 -15.65 -15.07 1.62
CA ASN C 19 -15.86 -13.74 1.08
C ASN C 19 -14.53 -13.02 0.90
N ALA C 20 -13.51 -13.49 1.60
CA ALA C 20 -12.18 -12.91 1.49
C ALA C 20 -12.22 -11.40 1.46
N PRO C 21 -11.90 -10.75 2.58
CA PRO C 21 -11.90 -9.28 2.68
C PRO C 21 -10.80 -8.65 1.84
N LYS C 22 -9.60 -9.23 1.90
CA LYS C 22 -8.47 -8.75 1.11
C LYS C 22 -7.69 -7.68 1.86
N ARG C 23 -7.35 -7.96 3.11
CA ARG C 23 -6.56 -7.05 3.92
C ARG C 23 -6.81 -5.60 3.52
N ALA C 24 -5.82 -4.73 3.79
CA ALA C 24 -5.94 -3.32 3.46
C ALA C 24 -4.80 -2.87 2.55
N LEU C 25 -4.87 -1.63 2.09
CA LEU C 25 -3.82 -1.05 1.29
C LEU C 25 -2.55 -0.89 2.12
N SER C 26 -1.58 -0.17 1.58
CA SER C 26 -0.32 0.06 2.28
C SER C 26 0.03 1.54 2.31
N ALA C 27 0.90 1.92 3.24
CA ALA C 27 1.36 3.30 3.34
C ALA C 27 2.05 3.74 2.07
N TYR C 28 2.58 2.76 1.33
CA TYR C 28 3.26 3.03 0.07
C TYR C 28 2.27 3.31 -1.05
N MET C 29 1.04 2.83 -0.88
CA MET C 29 0.01 3.04 -1.89
C MET C 29 -0.62 4.41 -1.74
N PHE C 30 -0.93 4.79 -0.51
CA PHE C 30 -1.52 6.11 -0.24
C PHE C 30 -0.52 7.21 -0.57
N PHE C 31 0.72 7.04 -0.12
CA PHE C 31 1.78 7.98 -0.43
C PHE C 31 2.10 7.95 -1.93
N ALA C 32 2.40 6.77 -2.44
CA ALA C 32 2.67 6.60 -3.86
C ALA C 32 1.51 7.13 -4.70
N ASN C 33 0.33 7.18 -4.09
CA ASN C 33 -0.85 7.72 -4.76
C ASN C 33 -0.68 9.22 -4.98
N GLU C 34 -0.32 9.93 -3.93
CA GLU C 34 -0.08 11.36 -4.01
C GLU C 34 1.09 11.67 -4.94
N ASN C 35 2.15 10.90 -4.81
CA ASN C 35 3.33 11.08 -5.65
C ASN C 35 3.00 10.81 -7.11
N ARG C 36 2.80 9.54 -7.45
CA ARG C 36 2.45 9.14 -8.80
C ARG C 36 2.19 10.36 -9.68
N ASP C 37 1.12 11.09 -9.38
CA ASP C 37 0.77 12.29 -10.12
C ASP C 37 1.79 13.40 -9.87
N ILE C 38 1.98 13.73 -8.59
CA ILE C 38 2.95 14.76 -8.22
C ILE C 38 4.33 14.46 -8.80
N VAL C 39 4.97 13.42 -8.28
CA VAL C 39 6.30 13.05 -8.71
C VAL C 39 6.39 12.98 -10.24
N ARG C 40 5.57 12.11 -10.84
CA ARG C 40 5.60 11.92 -12.29
C ARG C 40 5.19 13.19 -13.02
N SER C 41 4.63 14.15 -12.27
CA SER C 41 4.22 15.42 -12.85
C SER C 41 5.40 16.40 -12.89
N GLU C 42 6.33 16.21 -11.97
CA GLU C 42 7.53 17.06 -11.92
C GLU C 42 8.68 16.43 -12.70
N ASN C 43 8.53 15.15 -13.02
CA ASN C 43 9.54 14.43 -13.78
C ASN C 43 8.89 13.47 -14.77
N PRO C 44 8.09 14.02 -15.70
CA PRO C 44 7.38 13.22 -16.71
C PRO C 44 8.35 12.41 -17.58
N ASP C 45 9.62 12.79 -17.56
CA ASP C 45 10.64 12.11 -18.34
C ASP C 45 10.95 10.74 -17.75
N ILE C 46 11.31 10.72 -16.48
CA ILE C 46 11.63 9.47 -15.79
C ILE C 46 10.52 8.43 -15.98
N THR C 47 10.92 7.20 -16.26
CA THR C 47 9.98 6.11 -16.45
C THR C 47 9.77 5.35 -15.15
N PHE C 48 8.87 4.37 -15.18
CA PHE C 48 8.57 3.57 -14.01
C PHE C 48 9.83 3.25 -13.21
N GLY C 49 10.95 3.13 -13.91
CA GLY C 49 12.20 2.78 -13.26
C GLY C 49 12.73 3.88 -12.37
N GLN C 50 12.71 5.11 -12.88
CA GLN C 50 13.18 6.25 -12.11
C GLN C 50 12.07 6.78 -11.20
N VAL C 51 10.97 7.19 -11.82
CA VAL C 51 9.82 7.68 -11.07
C VAL C 51 9.35 6.66 -10.04
N GLY C 52 9.44 5.38 -10.40
CA GLY C 52 9.03 4.32 -9.51
C GLY C 52 10.05 4.03 -8.43
N LYS C 53 11.08 3.27 -8.78
CA LYS C 53 12.14 2.92 -7.85
C LYS C 53 12.48 4.11 -6.97
N LYS C 54 12.68 5.26 -7.61
CA LYS C 54 12.96 6.50 -6.88
C LYS C 54 11.81 6.83 -5.94
N LEU C 55 10.58 6.79 -6.45
CA LEU C 55 9.41 7.02 -5.63
C LEU C 55 9.60 6.44 -4.24
N GLY C 56 9.85 5.13 -4.20
CA GLY C 56 10.07 4.47 -2.92
C GLY C 56 11.24 5.08 -2.16
N GLU C 57 12.32 5.38 -2.87
CA GLU C 57 13.49 6.00 -2.27
C GLU C 57 13.09 7.25 -1.47
N LYS C 58 12.41 8.17 -2.15
CA LYS C 58 11.96 9.40 -1.52
C LYS C 58 10.86 9.11 -0.49
N TRP C 59 10.17 7.98 -0.68
CA TRP C 59 9.11 7.59 0.24
C TRP C 59 9.64 7.51 1.67
N LYS C 60 10.70 6.75 1.85
CA LYS C 60 11.33 6.60 3.15
C LYS C 60 12.31 7.73 3.42
N ALA C 61 12.68 8.45 2.37
CA ALA C 61 13.62 9.55 2.48
C ALA C 61 13.01 10.71 3.27
N LEU C 62 11.71 10.90 3.15
CA LEU C 62 11.02 11.98 3.85
C LEU C 62 11.22 11.87 5.36
N THR C 63 10.45 10.97 5.98
CA THR C 63 10.51 10.77 7.43
C THR C 63 9.15 10.31 7.95
N PRO C 64 9.15 9.51 9.02
CA PRO C 64 7.91 9.00 9.63
C PRO C 64 6.83 10.08 9.70
N GLU C 65 7.22 11.27 10.15
CA GLU C 65 6.29 12.39 10.23
C GLU C 65 5.70 12.71 8.86
N GLU C 66 6.56 12.79 7.85
CA GLU C 66 6.12 13.04 6.49
C GLU C 66 5.15 11.97 6.03
N LYS C 67 5.26 10.78 6.62
CA LYS C 67 4.38 9.66 6.29
C LYS C 67 3.03 9.80 6.99
N GLN C 68 3.05 10.48 8.13
CA GLN C 68 1.83 10.66 8.92
C GLN C 68 0.59 10.71 8.03
N PRO C 69 0.61 11.55 6.99
CA PRO C 69 -0.52 11.71 6.08
C PRO C 69 -0.98 10.37 5.49
N TYR C 70 -0.05 9.68 4.85
CA TYR C 70 -0.36 8.40 4.20
C TYR C 70 -0.35 7.26 5.21
N GLU C 71 0.79 7.04 5.85
CA GLU C 71 0.90 6.00 6.86
C GLU C 71 -0.35 5.98 7.73
N ALA C 72 -0.73 7.16 8.23
CA ALA C 72 -1.97 7.30 8.97
C ALA C 72 -3.15 6.92 8.08
N LYS C 73 -3.10 7.38 6.83
CA LYS C 73 -4.09 6.98 5.83
C LYS C 73 -4.08 5.48 5.64
N ALA C 74 -3.00 4.84 6.11
CA ALA C 74 -2.88 3.40 6.03
C ALA C 74 -3.75 2.74 7.07
N GLN C 75 -3.64 3.21 8.31
CA GLN C 75 -4.51 2.76 9.38
C GLN C 75 -5.97 3.04 9.03
N ALA C 76 -6.19 4.15 8.32
CA ALA C 76 -7.52 4.51 7.86
C ALA C 76 -8.06 3.44 6.91
N ASP C 77 -7.24 3.04 5.95
CA ASP C 77 -7.60 2.00 5.00
C ASP C 77 -7.64 0.64 5.69
N LYS C 78 -6.92 0.52 6.80
CA LYS C 78 -6.91 -0.72 7.58
C LYS C 78 -8.31 -1.02 8.10
N LYS C 79 -8.96 0.00 8.65
CA LYS C 79 -10.34 -0.13 9.11
C LYS C 79 -11.29 -0.28 7.93
N ARG C 80 -11.02 0.50 6.88
CA ARG C 80 -11.81 0.43 5.66
C ARG C 80 -12.17 -1.02 5.34
N TYR C 81 -11.14 -1.83 5.13
CA TYR C 81 -11.35 -3.25 4.84
C TYR C 81 -11.76 -3.99 6.11
N GLU C 82 -11.26 -3.54 7.25
CA GLU C 82 -11.60 -4.14 8.53
C GLU C 82 -13.10 -4.40 8.61
N SER C 83 -13.87 -3.61 7.87
CA SER C 83 -15.31 -3.76 7.82
C SER C 83 -15.70 -5.00 7.02
N GLU C 84 -15.12 -5.14 5.84
CA GLU C 84 -15.38 -6.28 4.98
C GLU C 84 -14.84 -7.57 5.62
N LYS C 85 -14.03 -7.42 6.65
CA LYS C 85 -13.49 -8.56 7.38
C LYS C 85 -14.44 -8.98 8.50
N GLU C 86 -14.82 -8.02 9.33
CA GLU C 86 -15.78 -8.27 10.40
C GLU C 86 -17.03 -8.95 9.85
N LEU C 87 -17.39 -8.58 8.62
CA LEU C 87 -18.52 -9.22 7.95
C LEU C 87 -18.08 -10.53 7.30
N TYR C 88 -16.90 -10.50 6.70
CA TYR C 88 -16.32 -11.71 6.13
C TYR C 88 -16.65 -12.92 6.99
N ASN C 89 -16.57 -12.72 8.30
CA ASN C 89 -16.91 -13.79 9.24
C ASN C 89 -18.37 -13.68 9.67
N ALA C 90 -18.89 -12.46 9.69
CA ALA C 90 -20.28 -12.22 10.07
C ALA C 90 -21.23 -12.67 8.97
N THR C 91 -20.68 -13.23 7.90
CA THR C 91 -21.47 -13.69 6.77
C THR C 91 -21.07 -15.10 6.37
N LEU C 92 -19.77 -15.33 6.25
CA LEU C 92 -19.25 -16.64 5.90
C LEU C 92 -19.59 -17.67 6.98
N ALA C 93 -19.56 -17.23 8.24
CA ALA C 93 -19.87 -18.10 9.36
C ALA C 93 -21.08 -17.61 10.13
N MET C 1 4.58 -6.79 16.74
CA MET C 1 4.09 -7.29 15.43
C MET C 1 5.09 -8.27 14.80
N VAL C 2 4.74 -8.82 13.66
CA VAL C 2 5.59 -9.78 12.97
C VAL C 2 5.98 -9.26 11.58
N THR C 3 7.05 -8.49 11.52
CA THR C 3 7.53 -7.92 10.26
C THR C 3 8.32 -8.96 9.47
N PRO C 4 7.96 -9.17 8.20
CA PRO C 4 8.63 -10.14 7.32
C PRO C 4 10.04 -9.70 6.96
N ARG C 5 11.04 -10.28 7.62
CA ARG C 5 12.43 -9.94 7.37
C ARG C 5 13.04 -10.88 6.33
N GLU C 6 12.55 -12.11 6.30
CA GLU C 6 13.04 -13.11 5.35
C GLU C 6 11.92 -13.55 4.41
N PRO C 7 11.68 -12.77 3.34
CA PRO C 7 10.64 -13.08 2.35
C PRO C 7 10.98 -14.31 1.51
N LYS C 8 9.96 -15.00 1.03
CA LYS C 8 10.15 -16.18 0.21
C LYS C 8 9.12 -16.25 -0.91
N LYS C 9 7.85 -16.04 -0.55
CA LYS C 9 6.76 -16.08 -1.52
C LYS C 9 5.80 -14.92 -1.30
N ARG C 10 5.69 -14.05 -2.30
CA ARG C 10 4.80 -12.89 -2.21
C ARG C 10 4.12 -12.63 -3.56
N THR C 11 3.02 -11.89 -3.52
CA THR C 11 2.28 -11.55 -4.73
C THR C 11 1.84 -12.82 -5.45
N THR C 12 1.10 -12.64 -6.54
CA THR C 12 0.61 -13.77 -7.34
C THR C 12 -0.54 -14.47 -6.63
N ARG C 13 -1.24 -13.73 -5.77
CA ARG C 13 -2.36 -14.29 -5.03
C ARG C 13 -3.11 -15.33 -5.86
N LYS C 14 -3.78 -16.25 -5.17
CA LYS C 14 -4.54 -17.30 -5.84
C LYS C 14 -5.85 -17.57 -5.12
N LYS C 15 -6.61 -16.51 -4.84
CA LYS C 15 -7.88 -16.65 -4.15
C LYS C 15 -7.73 -17.42 -2.85
N LYS C 16 -8.72 -17.31 -1.97
CA LYS C 16 -8.69 -18.01 -0.70
C LYS C 16 -9.62 -17.33 0.32
N ASP C 17 -10.93 -17.44 0.09
CA ASP C 17 -11.91 -16.83 0.97
C ASP C 17 -13.23 -16.60 0.24
N PRO C 18 -14.36 -16.80 0.95
CA PRO C 18 -15.70 -16.58 0.37
C PRO C 18 -15.88 -15.14 -0.08
N ASN C 19 -15.75 -14.21 0.86
CA ASN C 19 -15.84 -12.78 0.54
C ASN C 19 -14.45 -12.17 0.46
N ALA C 20 -13.52 -12.72 1.23
CA ALA C 20 -12.14 -12.27 1.21
C ALA C 20 -12.06 -10.75 1.18
N PRO C 21 -12.03 -10.12 2.36
CA PRO C 21 -11.90 -8.66 2.48
C PRO C 21 -10.67 -8.14 1.74
N LYS C 22 -9.53 -8.77 2.00
CA LYS C 22 -8.28 -8.42 1.33
C LYS C 22 -7.55 -7.32 2.09
N ARG C 23 -7.31 -7.56 3.38
CA ARG C 23 -6.59 -6.61 4.21
C ARG C 23 -6.83 -5.17 3.75
N ALA C 24 -5.91 -4.28 4.11
CA ALA C 24 -6.03 -2.87 3.75
C ALA C 24 -4.93 -2.46 2.78
N LEU C 25 -4.85 -1.15 2.52
CA LEU C 25 -3.79 -0.61 1.69
C LEU C 25 -2.54 -0.38 2.52
N SER C 26 -1.53 0.24 1.91
CA SER C 26 -0.29 0.51 2.61
C SER C 26 0.05 2.01 2.54
N ALA C 27 0.93 2.45 3.43
CA ALA C 27 1.38 3.84 3.42
C ALA C 27 2.06 4.17 2.09
N TYR C 28 2.45 3.12 1.38
CA TYR C 28 3.10 3.28 0.08
C TYR C 28 2.08 3.52 -1.02
N MET C 29 0.85 3.06 -0.78
CA MET C 29 -0.23 3.22 -1.75
C MET C 29 -0.82 4.63 -1.66
N PHE C 30 -1.12 5.06 -0.44
CA PHE C 30 -1.66 6.40 -0.21
C PHE C 30 -0.62 7.45 -0.55
N PHE C 31 0.62 7.24 -0.12
CA PHE C 31 1.71 8.13 -0.45
C PHE C 31 1.99 8.09 -1.95
N ALA C 32 2.23 6.89 -2.48
CA ALA C 32 2.45 6.72 -3.90
C ALA C 32 1.29 7.31 -4.70
N ASN C 33 0.12 7.40 -4.07
CA ASN C 33 -1.04 7.99 -4.71
C ASN C 33 -0.82 9.48 -4.94
N GLU C 34 -0.36 10.18 -3.91
CA GLU C 34 -0.05 11.60 -4.03
C GLU C 34 1.12 11.82 -4.98
N ASN C 35 2.16 11.01 -4.83
CA ASN C 35 3.33 11.12 -5.69
C ASN C 35 2.98 10.79 -7.13
N ARG C 36 2.74 9.51 -7.40
CA ARG C 36 2.37 9.05 -8.74
C ARG C 36 2.13 10.23 -9.67
N ASP C 37 1.09 11.00 -9.40
CA ASP C 37 0.78 12.17 -10.21
C ASP C 37 1.80 13.28 -9.99
N ILE C 38 2.01 13.65 -8.73
CA ILE C 38 2.99 14.66 -8.38
C ILE C 38 4.36 14.33 -8.99
N VAL C 39 4.99 13.30 -8.47
CA VAL C 39 6.31 12.88 -8.93
C VAL C 39 6.35 12.75 -10.45
N ARG C 40 5.52 11.87 -10.99
CA ARG C 40 5.49 11.62 -12.43
C ARG C 40 5.08 12.87 -13.20
N SER C 41 4.60 13.88 -12.47
CA SER C 41 4.20 15.14 -13.08
C SER C 41 5.39 16.09 -13.19
N GLU C 42 6.34 15.96 -12.27
CA GLU C 42 7.54 16.77 -12.29
C GLU C 42 8.64 16.09 -13.09
N ASN C 43 8.46 14.81 -13.37
CA ASN C 43 9.43 14.03 -14.13
C ASN C 43 8.74 13.05 -15.05
N PRO C 44 7.92 13.57 -15.99
CA PRO C 44 7.16 12.74 -16.93
C PRO C 44 8.07 11.86 -17.79
N ASP C 45 9.35 12.22 -17.85
CA ASP C 45 10.31 11.46 -18.63
C ASP C 45 10.61 10.12 -17.98
N ILE C 46 11.05 10.16 -16.72
CA ILE C 46 11.36 8.95 -15.98
C ILE C 46 10.24 7.93 -16.07
N THR C 47 10.61 6.68 -16.28
CA THR C 47 9.63 5.59 -16.37
C THR C 47 9.51 4.86 -15.04
N PHE C 48 8.61 3.87 -15.01
CA PHE C 48 8.39 3.10 -13.79
C PHE C 48 9.69 2.86 -13.04
N GLY C 49 10.78 2.71 -13.78
CA GLY C 49 12.06 2.40 -13.17
C GLY C 49 12.61 3.54 -12.34
N GLN C 50 12.56 4.75 -12.91
CA GLN C 50 13.05 5.93 -12.20
C GLN C 50 11.97 6.50 -11.29
N VAL C 51 10.84 6.88 -11.90
CA VAL C 51 9.71 7.41 -11.14
C VAL C 51 9.29 6.43 -10.05
N GLY C 52 9.38 5.14 -10.35
CA GLY C 52 9.00 4.12 -9.38
C GLY C 52 10.05 3.90 -8.32
N LYS C 53 11.09 3.14 -8.65
CA LYS C 53 12.17 2.87 -7.72
C LYS C 53 12.51 4.13 -6.92
N LYS C 54 12.68 5.24 -7.62
CA LYS C 54 12.95 6.51 -6.96
C LYS C 54 11.82 6.87 -6.00
N LEU C 55 10.58 6.75 -6.48
CA LEU C 55 9.42 7.01 -5.63
C LEU C 55 9.66 6.48 -4.23
N GLY C 56 9.99 5.21 -4.15
CA GLY C 56 10.28 4.59 -2.86
C GLY C 56 11.44 5.25 -2.15
N GLU C 57 12.48 5.58 -2.91
CA GLU C 57 13.64 6.26 -2.35
C GLU C 57 13.22 7.52 -1.59
N LYS C 58 12.55 8.43 -2.29
CA LYS C 58 12.07 9.66 -1.69
C LYS C 58 10.97 9.37 -0.68
N TRP C 59 10.31 8.22 -0.83
CA TRP C 59 9.25 7.81 0.09
C TRP C 59 9.77 7.79 1.53
N LYS C 60 10.88 7.09 1.72
CA LYS C 60 11.48 6.98 3.05
C LYS C 60 12.41 8.17 3.32
N ALA C 61 12.79 8.86 2.26
CA ALA C 61 13.70 10.00 2.38
C ALA C 61 13.02 11.19 3.08
N LEU C 62 11.71 11.29 2.92
CA LEU C 62 10.95 12.40 3.51
C LEU C 62 11.18 12.48 5.01
N THR C 63 10.51 11.61 5.76
CA THR C 63 10.59 11.62 7.21
C THR C 63 9.26 11.15 7.81
N PRO C 64 9.30 10.42 8.94
CA PRO C 64 8.11 9.90 9.58
C PRO C 64 6.98 10.92 9.65
N GLU C 65 7.33 12.20 9.59
CA GLU C 65 6.33 13.27 9.62
C GLU C 65 5.66 13.43 8.26
N GLU C 66 6.47 13.37 7.21
CA GLU C 66 5.95 13.48 5.85
C GLU C 66 5.15 12.23 5.47
N LYS C 67 5.48 11.11 6.12
CA LYS C 67 4.78 9.85 5.86
C LYS C 67 3.58 9.69 6.78
N GLN C 68 3.66 10.31 7.95
CA GLN C 68 2.56 10.25 8.92
C GLN C 68 1.21 10.51 8.25
N PRO C 69 1.18 11.38 7.23
CA PRO C 69 -0.06 11.71 6.51
C PRO C 69 -0.66 10.49 5.82
N TYR C 70 0.17 9.78 5.07
CA TYR C 70 -0.28 8.60 4.35
C TYR C 70 -0.30 7.38 5.25
N GLU C 71 0.84 7.08 5.85
CA GLU C 71 0.94 5.98 6.80
C GLU C 71 -0.25 6.01 7.77
N ALA C 72 -0.53 7.19 8.29
CA ALA C 72 -1.72 7.39 9.11
C ALA C 72 -2.97 7.13 8.27
N LYS C 73 -2.93 7.59 7.03
CA LYS C 73 -3.99 7.30 6.07
C LYS C 73 -4.06 5.79 5.81
N ALA C 74 -3.02 5.08 6.20
CA ALA C 74 -2.96 3.64 6.05
C ALA C 74 -3.84 2.97 7.10
N GLN C 75 -3.65 3.37 8.35
CA GLN C 75 -4.51 2.90 9.43
C GLN C 75 -5.96 3.28 9.14
N ALA C 76 -6.16 4.44 8.54
CA ALA C 76 -7.47 4.89 8.13
C ALA C 76 -8.11 3.89 7.15
N ASP C 77 -7.32 3.45 6.19
CA ASP C 77 -7.78 2.46 5.21
C ASP C 77 -7.84 1.07 5.84
N LYS C 78 -7.09 0.90 6.93
CA LYS C 78 -7.09 -0.37 7.66
C LYS C 78 -8.49 -0.68 8.19
N LYS C 79 -9.11 0.32 8.80
CA LYS C 79 -10.47 0.18 9.29
C LYS C 79 -11.44 0.04 8.11
N ARG C 80 -11.22 0.83 7.08
CA ARG C 80 -12.03 0.76 5.87
C ARG C 80 -12.34 -0.69 5.51
N TYR C 81 -11.29 -1.47 5.28
CA TYR C 81 -11.45 -2.88 4.97
C TYR C 81 -11.91 -3.66 6.20
N GLU C 82 -11.47 -3.21 7.37
CA GLU C 82 -11.86 -3.87 8.62
C GLU C 82 -13.36 -4.10 8.66
N SER C 83 -14.10 -3.25 7.95
CA SER C 83 -15.55 -3.38 7.87
C SER C 83 -15.93 -4.58 7.02
N GLU C 84 -15.24 -4.74 5.90
CA GLU C 84 -15.48 -5.85 4.99
C GLU C 84 -15.03 -7.18 5.61
N LYS C 85 -14.10 -7.09 6.56
CA LYS C 85 -13.60 -8.28 7.23
C LYS C 85 -14.55 -8.72 8.34
N GLU C 86 -15.10 -7.74 9.06
CA GLU C 86 -16.06 -8.03 10.12
C GLU C 86 -17.30 -8.69 9.55
N LEU C 87 -17.78 -8.19 8.41
CA LEU C 87 -18.91 -8.81 7.73
C LEU C 87 -18.48 -10.13 7.11
N TYR C 88 -17.31 -10.12 6.47
CA TYR C 88 -16.75 -11.35 5.93
C TYR C 88 -17.11 -12.53 6.82
N ASN C 89 -16.59 -12.51 8.04
CA ASN C 89 -16.91 -13.54 9.03
C ASN C 89 -18.42 -13.64 9.24
N ALA C 90 -19.08 -12.49 9.30
CA ALA C 90 -20.53 -12.45 9.50
C ALA C 90 -21.26 -12.94 8.26
N THR C 91 -21.60 -12.01 7.37
CA THR C 91 -22.30 -12.35 6.14
C THR C 91 -21.90 -13.73 5.64
N LEU C 92 -20.61 -13.93 5.40
CA LEU C 92 -20.12 -15.21 4.90
C LEU C 92 -20.48 -16.35 5.85
N ALA C 93 -20.27 -16.12 7.14
CA ALA C 93 -20.57 -17.12 8.16
C ALA C 93 -21.78 -16.71 8.99
N MET C 1 9.07 -8.42 12.71
CA MET C 1 9.62 -9.49 11.83
C MET C 1 9.16 -9.31 10.39
N VAL C 2 9.44 -8.14 9.83
CA VAL C 2 9.06 -7.84 8.46
C VAL C 2 9.62 -8.89 7.50
N THR C 3 8.84 -9.20 6.46
CA THR C 3 9.26 -10.19 5.47
C THR C 3 10.75 -10.08 5.18
N PRO C 4 11.35 -11.14 4.64
CA PRO C 4 12.78 -11.18 4.32
C PRO C 4 13.12 -10.26 3.14
N ARG C 5 12.10 -9.78 2.45
CA ARG C 5 12.29 -8.90 1.31
C ARG C 5 12.84 -9.66 0.11
N GLU C 6 12.39 -10.90 -0.05
CA GLU C 6 12.84 -11.75 -1.16
C GLU C 6 11.77 -12.76 -1.53
N PRO C 7 10.78 -12.34 -2.33
CA PRO C 7 9.68 -13.21 -2.78
C PRO C 7 10.16 -14.27 -3.77
N LYS C 8 9.91 -15.53 -3.43
CA LYS C 8 10.31 -16.64 -4.29
C LYS C 8 9.09 -17.41 -4.79
N LYS C 9 8.37 -16.81 -5.72
CA LYS C 9 7.18 -17.44 -6.28
C LYS C 9 6.26 -16.41 -6.91
N ARG C 10 5.28 -16.88 -7.67
CA ARG C 10 4.33 -15.99 -8.34
C ARG C 10 3.50 -15.22 -7.31
N THR C 11 2.75 -15.95 -6.49
CA THR C 11 1.92 -15.33 -5.46
C THR C 11 0.58 -14.89 -6.04
N THR C 12 0.47 -14.94 -7.36
CA THR C 12 -0.76 -14.54 -8.05
C THR C 12 -1.98 -14.87 -7.20
N ARG C 13 -2.42 -13.91 -6.39
CA ARG C 13 -3.58 -14.10 -5.53
C ARG C 13 -4.61 -14.99 -6.19
N LYS C 14 -5.39 -15.69 -5.38
CA LYS C 14 -6.42 -16.59 -5.90
C LYS C 14 -7.75 -16.37 -5.17
N LYS C 15 -7.96 -17.13 -4.09
CA LYS C 15 -9.19 -17.02 -3.31
C LYS C 15 -8.92 -17.36 -1.84
N LYS C 16 -9.10 -18.62 -1.50
CA LYS C 16 -8.88 -19.09 -0.13
C LYS C 16 -9.57 -18.16 0.87
N ASP C 17 -10.90 -18.26 0.93
CA ASP C 17 -11.68 -17.43 1.84
C ASP C 17 -13.13 -17.35 1.39
N PRO C 18 -14.08 -17.50 2.33
CA PRO C 18 -15.51 -17.40 2.05
C PRO C 18 -15.89 -16.05 1.46
N ASN C 19 -15.71 -15.00 2.25
CA ASN C 19 -15.98 -13.63 1.79
C ASN C 19 -14.71 -12.98 1.28
N ALA C 20 -13.58 -13.38 1.84
CA ALA C 20 -12.28 -12.86 1.41
C ALA C 20 -12.27 -11.34 1.37
N PRO C 21 -12.11 -10.71 2.54
CA PRO C 21 -12.03 -9.25 2.65
C PRO C 21 -10.89 -8.69 1.79
N LYS C 22 -9.69 -9.23 2.00
CA LYS C 22 -8.53 -8.82 1.22
C LYS C 22 -7.79 -7.66 1.89
N ARG C 23 -7.43 -7.84 3.15
CA ARG C 23 -6.68 -6.82 3.89
C ARG C 23 -7.01 -5.43 3.39
N ALA C 24 -6.07 -4.51 3.53
CA ALA C 24 -6.26 -3.13 3.10
C ALA C 24 -5.08 -2.63 2.29
N LEU C 25 -5.11 -1.35 1.92
CA LEU C 25 -4.00 -0.73 1.22
C LEU C 25 -2.83 -0.53 2.17
N SER C 26 -1.79 0.13 1.68
CA SER C 26 -0.60 0.39 2.49
C SER C 26 -0.21 1.86 2.42
N ALA C 27 0.63 2.29 3.35
CA ALA C 27 1.13 3.66 3.35
C ALA C 27 1.85 3.96 2.05
N TYR C 28 2.21 2.90 1.33
CA TYR C 28 2.90 3.04 0.06
C TYR C 28 1.93 3.36 -1.07
N MET C 29 0.69 2.88 -0.94
CA MET C 29 -0.33 3.12 -1.94
C MET C 29 -0.89 4.54 -1.83
N PHE C 30 -1.19 4.95 -0.59
CA PHE C 30 -1.72 6.29 -0.35
C PHE C 30 -0.66 7.34 -0.63
N PHE C 31 0.57 7.09 -0.16
CA PHE C 31 1.69 7.97 -0.42
C PHE C 31 2.04 7.97 -1.91
N ALA C 32 2.35 6.78 -2.43
CA ALA C 32 2.65 6.62 -3.84
C ALA C 32 1.54 7.24 -4.70
N ASN C 33 0.33 7.30 -4.13
CA ASN C 33 -0.78 7.92 -4.83
C ASN C 33 -0.55 9.42 -5.00
N GLU C 34 -0.17 10.08 -3.92
CA GLU C 34 0.14 11.51 -3.96
C GLU C 34 1.35 11.77 -4.87
N ASN C 35 2.39 10.95 -4.71
CA ASN C 35 3.58 11.09 -5.52
C ASN C 35 3.28 10.85 -6.99
N ARG C 36 3.05 9.58 -7.33
CA ARG C 36 2.71 9.20 -8.70
C ARG C 36 2.50 10.44 -9.57
N ASP C 37 1.44 11.20 -9.26
CA ASP C 37 1.14 12.42 -10.00
C ASP C 37 2.20 13.48 -9.74
N ILE C 38 2.41 13.81 -8.48
CA ILE C 38 3.41 14.79 -8.09
C ILE C 38 4.78 14.42 -8.65
N VAL C 39 5.37 13.36 -8.11
CA VAL C 39 6.69 12.92 -8.53
C VAL C 39 6.80 12.86 -10.06
N ARG C 40 5.96 12.03 -10.67
CA ARG C 40 6.00 11.86 -12.12
C ARG C 40 5.66 13.15 -12.85
N SER C 41 5.08 14.10 -12.12
CA SER C 41 4.73 15.40 -12.69
C SER C 41 5.95 16.31 -12.75
N GLU C 42 6.89 16.09 -11.83
CA GLU C 42 8.12 16.87 -11.79
C GLU C 42 9.22 16.19 -12.61
N ASN C 43 9.00 14.90 -12.89
CA ASN C 43 9.97 14.14 -13.67
C ASN C 43 9.25 13.21 -14.65
N PRO C 44 8.48 13.79 -15.57
CA PRO C 44 7.71 13.03 -16.56
C PRO C 44 8.60 12.14 -17.44
N ASP C 45 9.89 12.50 -17.50
CA ASP C 45 10.84 11.74 -18.30
C ASP C 45 11.09 10.36 -17.70
N ILE C 46 11.50 10.34 -16.43
CA ILE C 46 11.77 9.10 -15.74
C ILE C 46 10.61 8.12 -15.87
N THR C 47 10.93 6.86 -16.13
CA THR C 47 9.91 5.82 -16.27
C THR C 47 9.77 5.03 -14.97
N PHE C 48 8.84 4.08 -14.97
CA PHE C 48 8.60 3.25 -13.79
C PHE C 48 9.90 2.93 -13.06
N GLY C 49 10.99 2.82 -13.82
CA GLY C 49 12.26 2.43 -13.24
C GLY C 49 12.86 3.52 -12.37
N GLN C 50 12.84 4.76 -12.86
CA GLN C 50 13.37 5.89 -12.10
C GLN C 50 12.32 6.45 -11.17
N VAL C 51 11.18 6.84 -11.73
CA VAL C 51 10.08 7.36 -10.94
C VAL C 51 9.62 6.35 -9.90
N GLY C 52 9.67 5.07 -10.27
CA GLY C 52 9.25 4.02 -9.36
C GLY C 52 10.23 3.79 -8.24
N LYS C 53 11.34 3.12 -8.55
CA LYS C 53 12.37 2.83 -7.55
C LYS C 53 12.70 4.09 -6.75
N LYS C 54 12.84 5.21 -7.45
CA LYS C 54 13.12 6.49 -6.80
C LYS C 54 11.99 6.85 -5.83
N LEU C 55 10.75 6.58 -6.23
CA LEU C 55 9.60 6.84 -5.38
C LEU C 55 9.79 6.20 -4.02
N GLY C 56 10.07 4.90 -4.02
CA GLY C 56 10.26 4.18 -2.77
C GLY C 56 11.34 4.80 -1.89
N GLU C 57 12.53 4.97 -2.44
CA GLU C 57 13.64 5.55 -1.70
C GLU C 57 13.22 6.87 -1.06
N LYS C 58 12.53 7.70 -1.83
CA LYS C 58 12.05 8.98 -1.35
C LYS C 58 10.91 8.80 -0.35
N TRP C 59 10.20 7.68 -0.49
CA TRP C 59 9.09 7.38 0.42
C TRP C 59 9.58 7.34 1.86
N LYS C 60 10.56 6.48 2.12
CA LYS C 60 11.14 6.36 3.45
C LYS C 60 12.09 7.51 3.74
N ALA C 61 12.53 8.19 2.69
CA ALA C 61 13.44 9.31 2.82
C ALA C 61 12.76 10.50 3.48
N LEU C 62 11.45 10.62 3.27
CA LEU C 62 10.69 11.72 3.84
C LEU C 62 10.85 11.77 5.36
N THR C 63 10.04 10.99 6.05
CA THR C 63 10.05 10.96 7.50
C THR C 63 8.68 10.56 8.05
N PRO C 64 8.64 9.88 9.20
CA PRO C 64 7.39 9.45 9.81
C PRO C 64 6.30 10.50 9.73
N GLU C 65 6.67 11.75 10.03
CA GLU C 65 5.74 12.86 9.96
C GLU C 65 5.21 13.04 8.54
N GLU C 66 6.12 13.04 7.58
CA GLU C 66 5.75 13.16 6.17
C GLU C 66 4.74 12.07 5.78
N LYS C 67 4.90 10.90 6.39
CA LYS C 67 4.01 9.78 6.13
C LYS C 67 2.65 9.99 6.79
N GLN C 68 2.65 10.74 7.88
CA GLN C 68 1.42 11.01 8.62
C GLN C 68 0.19 10.94 7.73
N PRO C 69 0.15 11.77 6.69
CA PRO C 69 -0.98 11.82 5.76
C PRO C 69 -1.36 10.45 5.22
N TYR C 70 -0.38 9.78 4.60
CA TYR C 70 -0.62 8.48 3.99
C TYR C 70 -0.61 7.37 5.02
N GLU C 71 0.54 7.16 5.65
CA GLU C 71 0.66 6.14 6.68
C GLU C 71 -0.58 6.12 7.56
N ALA C 72 -0.97 7.30 8.05
CA ALA C 72 -2.21 7.44 8.80
C ALA C 72 -3.39 7.03 7.93
N LYS C 73 -3.35 7.46 6.67
CA LYS C 73 -4.35 7.04 5.70
C LYS C 73 -4.30 5.53 5.50
N ALA C 74 -3.22 4.92 5.97
CA ALA C 74 -3.05 3.48 5.88
C ALA C 74 -3.87 2.78 6.96
N GLN C 75 -3.80 3.32 8.17
CA GLN C 75 -4.62 2.83 9.27
C GLN C 75 -6.10 3.10 8.97
N ALA C 76 -6.35 4.17 8.22
CA ALA C 76 -7.70 4.52 7.81
C ALA C 76 -8.26 3.48 6.84
N ASP C 77 -7.46 3.13 5.84
CA ASP C 77 -7.86 2.12 4.87
C ASP C 77 -7.83 0.73 5.49
N LYS C 78 -6.98 0.56 6.49
CA LYS C 78 -6.89 -0.71 7.21
C LYS C 78 -8.23 -1.04 7.87
N LYS C 79 -8.84 -0.02 8.47
CA LYS C 79 -10.17 -0.18 9.06
C LYS C 79 -11.22 -0.36 7.96
N ARG C 80 -11.10 0.43 6.91
CA ARG C 80 -11.99 0.32 5.77
C ARG C 80 -12.31 -1.13 5.47
N TYR C 81 -11.27 -1.92 5.21
CA TYR C 81 -11.43 -3.35 4.97
C TYR C 81 -11.77 -4.08 6.27
N GLU C 82 -11.20 -3.59 7.37
CA GLU C 82 -11.47 -4.19 8.67
C GLU C 82 -12.95 -4.45 8.86
N SER C 83 -13.77 -3.69 8.14
CA SER C 83 -15.22 -3.86 8.20
C SER C 83 -15.65 -5.12 7.44
N GLU C 84 -15.12 -5.28 6.24
CA GLU C 84 -15.44 -6.45 5.42
C GLU C 84 -14.81 -7.70 6.01
N LYS C 85 -13.88 -7.51 6.95
CA LYS C 85 -13.25 -8.64 7.63
C LYS C 85 -14.06 -9.06 8.85
N GLU C 86 -14.45 -8.08 9.66
CA GLU C 86 -15.30 -8.33 10.82
C GLU C 86 -16.55 -9.08 10.38
N LEU C 87 -17.06 -8.74 9.20
CA LEU C 87 -18.20 -9.44 8.63
C LEU C 87 -17.75 -10.73 7.97
N TYR C 88 -16.61 -10.68 7.30
CA TYR C 88 -16.02 -11.87 6.70
C TYR C 88 -16.24 -13.08 7.60
N ASN C 89 -16.06 -12.86 8.90
CA ASN C 89 -16.28 -13.92 9.88
C ASN C 89 -17.71 -13.88 10.42
N ALA C 90 -18.29 -12.68 10.45
CA ALA C 90 -19.65 -12.50 10.94
C ALA C 90 -20.67 -12.98 9.92
N THR C 91 -20.18 -13.55 8.81
CA THR C 91 -21.03 -14.04 7.75
C THR C 91 -20.60 -15.45 7.33
N LEU C 92 -19.31 -15.63 7.13
CA LEU C 92 -18.76 -16.92 6.75
C LEU C 92 -18.89 -17.93 7.88
N ALA C 93 -18.77 -17.44 9.11
CA ALA C 93 -18.88 -18.30 10.29
C ALA C 93 -20.31 -18.33 10.81
N MET C 1 9.74 -11.48 15.55
CA MET C 1 10.00 -10.09 15.12
C MET C 1 9.75 -9.91 13.63
N VAL C 2 10.37 -8.91 13.04
CA VAL C 2 10.22 -8.64 11.62
C VAL C 2 11.56 -8.67 10.90
N THR C 3 12.07 -9.87 10.66
CA THR C 3 13.36 -10.04 9.99
C THR C 3 13.18 -9.98 8.47
N PRO C 4 12.13 -10.63 7.95
CA PRO C 4 11.85 -10.65 6.50
C PRO C 4 11.81 -9.26 5.90
N ARG C 5 12.89 -8.87 5.24
CA ARG C 5 12.98 -7.55 4.62
C ARG C 5 13.05 -7.67 3.09
N GLU C 6 13.31 -8.88 2.61
CA GLU C 6 13.42 -9.13 1.18
C GLU C 6 12.34 -10.11 0.72
N PRO C 7 11.67 -9.80 -0.41
CA PRO C 7 10.62 -10.65 -0.97
C PRO C 7 11.16 -11.95 -1.53
N LYS C 8 10.67 -13.07 -1.00
CA LYS C 8 11.11 -14.39 -1.45
C LYS C 8 10.08 -15.01 -2.39
N LYS C 9 9.30 -14.17 -3.05
CA LYS C 9 8.29 -14.62 -3.98
C LYS C 9 7.45 -13.47 -4.50
N ARG C 10 6.88 -13.63 -5.70
CA ARG C 10 6.06 -12.60 -6.30
C ARG C 10 4.75 -13.18 -6.83
N THR C 11 3.71 -12.36 -6.84
CA THR C 11 2.40 -12.79 -7.33
C THR C 11 1.95 -14.06 -6.62
N THR C 12 0.67 -14.38 -6.73
CA THR C 12 0.11 -15.58 -6.11
C THR C 12 -1.40 -15.42 -5.88
N ARG C 13 -1.80 -14.24 -5.43
CA ARG C 13 -3.21 -13.97 -5.18
C ARG C 13 -4.11 -14.74 -6.14
N LYS C 14 -4.64 -15.86 -5.67
CA LYS C 14 -5.52 -16.68 -6.51
C LYS C 14 -6.93 -16.71 -5.94
N LYS C 15 -7.13 -17.53 -4.90
CA LYS C 15 -8.44 -17.65 -4.27
C LYS C 15 -8.30 -18.08 -2.82
N LYS C 16 -9.22 -17.62 -1.98
CA LYS C 16 -9.21 -17.94 -0.56
C LYS C 16 -10.20 -17.08 0.21
N ASP C 17 -11.01 -17.73 1.06
CA ASP C 17 -12.00 -17.02 1.85
C ASP C 17 -13.29 -16.82 1.07
N PRO C 18 -14.44 -17.05 1.71
CA PRO C 18 -15.75 -16.87 1.09
C PRO C 18 -15.98 -15.44 0.63
N ASN C 19 -16.00 -14.52 1.58
CA ASN C 19 -16.18 -13.10 1.26
C ASN C 19 -14.83 -12.44 1.02
N ALA C 20 -13.76 -13.07 1.53
CA ALA C 20 -12.41 -12.56 1.35
C ALA C 20 -12.39 -11.04 1.33
N PRO C 21 -12.08 -10.43 2.48
CA PRO C 21 -12.01 -8.97 2.61
C PRO C 21 -10.84 -8.39 1.82
N LYS C 22 -9.66 -8.97 2.00
CA LYS C 22 -8.46 -8.55 1.26
C LYS C 22 -7.72 -7.44 2.01
N ARG C 23 -7.42 -7.68 3.27
CA ARG C 23 -6.67 -6.73 4.08
C ARG C 23 -6.91 -5.29 3.61
N ALA C 24 -5.96 -4.42 3.87
CA ALA C 24 -6.09 -3.01 3.50
C ALA C 24 -4.97 -2.58 2.57
N LEU C 25 -4.90 -1.28 2.30
CA LEU C 25 -3.83 -0.72 1.50
C LEU C 25 -2.57 -0.55 2.34
N SER C 26 -1.54 0.04 1.74
CA SER C 26 -0.28 0.26 2.45
C SER C 26 0.10 1.73 2.42
N ALA C 27 0.97 2.12 3.35
CA ALA C 27 1.46 3.50 3.39
C ALA C 27 2.12 3.87 2.07
N TYR C 28 2.51 2.85 1.30
CA TYR C 28 3.14 3.06 0.02
C TYR C 28 2.12 3.41 -1.05
N MET C 29 0.92 2.86 -0.92
CA MET C 29 -0.15 3.12 -1.88
C MET C 29 -0.69 4.54 -1.71
N PHE C 30 -1.01 4.90 -0.47
CA PHE C 30 -1.52 6.24 -0.18
C PHE C 30 -0.47 7.29 -0.50
N PHE C 31 0.75 7.08 -0.03
CA PHE C 31 1.85 7.98 -0.31
C PHE C 31 2.18 7.95 -1.81
N ALA C 32 2.72 6.83 -2.26
CA ALA C 32 3.03 6.66 -3.68
C ALA C 32 1.89 7.16 -4.55
N ASN C 33 0.69 7.18 -3.99
CA ASN C 33 -0.48 7.68 -4.71
C ASN C 33 -0.36 9.19 -4.96
N GLU C 34 -0.05 9.93 -3.90
CA GLU C 34 0.12 11.38 -4.01
C GLU C 34 1.37 11.71 -4.82
N ASN C 35 2.45 10.99 -4.56
CA ASN C 35 3.71 11.21 -5.26
C ASN C 35 3.67 10.60 -6.65
N ARG C 36 2.63 9.82 -6.92
CA ARG C 36 2.46 9.20 -8.22
C ARG C 36 2.18 10.27 -9.28
N ASP C 37 1.16 11.08 -9.03
CA ASP C 37 0.80 12.16 -9.94
C ASP C 37 1.79 13.32 -9.81
N ILE C 38 2.24 13.57 -8.58
CA ILE C 38 3.23 14.61 -8.34
C ILE C 38 4.55 14.27 -9.01
N VAL C 39 5.24 13.27 -8.47
CA VAL C 39 6.52 12.84 -9.02
C VAL C 39 6.45 12.69 -10.54
N ARG C 40 5.49 11.89 -11.01
CA ARG C 40 5.32 11.67 -12.44
C ARG C 40 4.99 12.98 -13.16
N SER C 41 4.32 13.89 -12.45
CA SER C 41 3.97 15.18 -13.02
C SER C 41 5.20 16.03 -13.26
N GLU C 42 6.26 15.75 -12.51
CA GLU C 42 7.52 16.48 -12.64
C GLU C 42 8.48 15.72 -13.55
N ASN C 43 8.19 14.44 -13.76
CA ASN C 43 9.04 13.60 -14.60
C ASN C 43 8.22 12.53 -15.30
N PRO C 44 7.28 12.95 -16.16
CA PRO C 44 6.40 12.03 -16.90
C PRO C 44 7.18 11.10 -17.82
N ASP C 45 8.30 11.59 -18.35
CA ASP C 45 9.15 10.79 -19.20
C ASP C 45 10.41 10.35 -18.45
N ILE C 46 10.22 10.00 -17.18
CA ILE C 46 11.32 9.64 -16.32
C ILE C 46 11.63 8.15 -16.40
N THR C 47 10.57 7.33 -16.33
CA THR C 47 10.70 5.88 -16.41
C THR C 47 10.18 5.21 -15.15
N PHE C 48 9.71 3.97 -15.29
CA PHE C 48 9.20 3.22 -14.15
C PHE C 48 10.26 3.07 -13.07
N GLY C 49 11.46 2.67 -13.48
CA GLY C 49 12.54 2.49 -12.53
C GLY C 49 13.08 3.81 -12.02
N GLN C 50 12.51 4.91 -12.51
CA GLN C 50 12.91 6.24 -12.09
C GLN C 50 11.94 6.78 -11.04
N VAL C 51 10.70 6.99 -11.46
CA VAL C 51 9.66 7.47 -10.56
C VAL C 51 9.29 6.42 -9.52
N GLY C 52 9.17 5.17 -9.98
CA GLY C 52 8.83 4.09 -9.07
C GLY C 52 9.88 3.87 -8.01
N LYS C 53 11.10 3.55 -8.43
CA LYS C 53 12.21 3.35 -7.51
C LYS C 53 12.47 4.63 -6.71
N LYS C 54 12.15 5.76 -7.32
CA LYS C 54 12.30 7.06 -6.65
C LYS C 54 11.20 7.26 -5.61
N LEU C 55 10.06 6.61 -5.83
CA LEU C 55 8.94 6.69 -4.90
C LEU C 55 9.23 5.90 -3.64
N GLY C 56 9.89 4.75 -3.80
CA GLY C 56 10.24 3.94 -2.66
C GLY C 56 11.32 4.58 -1.80
N GLU C 57 12.44 4.92 -2.42
CA GLU C 57 13.52 5.59 -1.71
C GLU C 57 13.04 6.89 -1.09
N LYS C 58 12.41 7.72 -1.90
CA LYS C 58 11.87 9.00 -1.43
C LYS C 58 10.79 8.77 -0.39
N TRP C 59 10.09 7.65 -0.50
CA TRP C 59 9.02 7.31 0.44
C TRP C 59 9.56 7.28 1.86
N LYS C 60 10.61 6.49 2.06
CA LYS C 60 11.22 6.36 3.38
C LYS C 60 12.31 7.41 3.58
N ALA C 61 12.55 8.22 2.55
CA ALA C 61 13.56 9.26 2.63
C ALA C 61 13.03 10.49 3.36
N LEU C 62 11.75 10.78 3.18
CA LEU C 62 11.13 11.93 3.82
C LEU C 62 11.29 11.87 5.33
N THR C 63 10.50 11.01 5.97
CA THR C 63 10.54 10.86 7.42
C THR C 63 9.17 10.41 7.95
N PRO C 64 9.15 9.63 9.03
CA PRO C 64 7.92 9.15 9.64
C PRO C 64 6.85 10.22 9.70
N GLU C 65 7.24 11.41 10.15
CA GLU C 65 6.32 12.54 10.21
C GLU C 65 5.74 12.85 8.84
N GLU C 66 6.60 12.89 7.83
CA GLU C 66 6.17 13.12 6.45
C GLU C 66 5.18 12.04 6.01
N LYS C 67 5.27 10.88 6.65
CA LYS C 67 4.38 9.76 6.33
C LYS C 67 3.03 9.92 7.03
N GLN C 68 3.05 10.63 8.15
CA GLN C 68 1.83 10.83 8.93
C GLN C 68 0.59 10.86 8.04
N PRO C 69 0.62 11.68 6.98
CA PRO C 69 -0.51 11.83 6.06
C PRO C 69 -0.96 10.49 5.49
N TYR C 70 -0.02 9.78 4.85
CA TYR C 70 -0.33 8.51 4.22
C TYR C 70 -0.34 7.38 5.24
N GLU C 71 0.80 7.15 5.89
CA GLU C 71 0.89 6.12 6.92
C GLU C 71 -0.37 6.12 7.78
N ALA C 72 -0.74 7.30 8.26
CA ALA C 72 -1.99 7.46 9.00
C ALA C 72 -3.17 7.09 8.11
N LYS C 73 -3.10 7.51 6.85
CA LYS C 73 -4.08 7.12 5.85
C LYS C 73 -4.09 5.61 5.67
N ALA C 74 -3.01 4.97 6.14
CA ALA C 74 -2.90 3.52 6.06
C ALA C 74 -3.76 2.87 7.11
N GLN C 75 -3.66 3.35 8.33
CA GLN C 75 -4.53 2.90 9.41
C GLN C 75 -5.99 3.19 9.07
N ALA C 76 -6.20 4.30 8.36
CA ALA C 76 -7.53 4.67 7.91
C ALA C 76 -8.09 3.62 6.95
N ASP C 77 -7.27 3.21 6.00
CA ASP C 77 -7.65 2.19 5.04
C ASP C 77 -7.69 0.81 5.70
N LYS C 78 -6.95 0.67 6.79
CA LYS C 78 -6.92 -0.58 7.54
C LYS C 78 -8.31 -0.89 8.08
N LYS C 79 -8.95 0.10 8.69
CA LYS C 79 -10.31 -0.03 9.17
C LYS C 79 -11.28 -0.17 8.00
N ARG C 80 -11.07 0.63 6.96
CA ARG C 80 -11.89 0.57 5.77
C ARG C 80 -12.21 -0.88 5.42
N TYR C 81 -11.18 -1.69 5.24
CA TYR C 81 -11.36 -3.11 4.95
C TYR C 81 -11.83 -3.85 6.20
N GLU C 82 -11.34 -3.42 7.36
CA GLU C 82 -11.73 -4.03 8.63
C GLU C 82 -13.23 -4.23 8.68
N SER C 83 -13.96 -3.43 7.91
CA SER C 83 -15.41 -3.54 7.84
C SER C 83 -15.83 -4.77 7.05
N GLU C 84 -15.22 -4.94 5.87
CA GLU C 84 -15.52 -6.09 5.02
C GLU C 84 -14.99 -7.38 5.62
N LYS C 85 -14.14 -7.26 6.64
CA LYS C 85 -13.61 -8.42 7.34
C LYS C 85 -14.54 -8.83 8.48
N GLU C 86 -14.90 -7.85 9.32
CA GLU C 86 -15.85 -8.10 10.40
C GLU C 86 -17.11 -8.73 9.87
N LEU C 87 -17.51 -8.32 8.66
CA LEU C 87 -18.66 -8.91 8.00
C LEU C 87 -18.27 -10.22 7.32
N TYR C 88 -17.10 -10.22 6.69
CA TYR C 88 -16.58 -11.44 6.09
C TYR C 88 -16.93 -12.65 6.94
N ASN C 89 -16.80 -12.50 8.25
CA ASN C 89 -17.15 -13.57 9.18
C ASN C 89 -18.59 -13.44 9.65
N ALA C 90 -19.07 -12.20 9.72
CA ALA C 90 -20.44 -11.94 10.17
C ALA C 90 -21.45 -12.33 9.10
N THR C 91 -20.96 -12.87 7.99
CA THR C 91 -21.83 -13.28 6.90
C THR C 91 -21.44 -14.68 6.39
N LEU C 92 -20.14 -14.88 6.21
CA LEU C 92 -19.63 -16.17 5.75
C LEU C 92 -19.79 -17.24 6.83
N ALA C 93 -19.69 -16.80 8.09
CA ALA C 93 -19.81 -17.72 9.21
C ALA C 93 -21.01 -18.65 9.04
N MET C 1 10.08 2.13 13.59
CA MET C 1 10.84 0.97 14.12
C MET C 1 9.99 -0.29 14.10
N VAL C 2 9.95 -0.97 12.95
CA VAL C 2 9.18 -2.20 12.80
C VAL C 2 9.82 -3.13 11.77
N THR C 3 11.12 -3.35 11.90
CA THR C 3 11.85 -4.22 10.98
C THR C 3 11.70 -3.73 9.54
N PRO C 4 12.83 -3.53 8.85
CA PRO C 4 12.84 -3.06 7.46
C PRO C 4 12.32 -4.12 6.49
N ARG C 5 12.53 -5.38 6.83
CA ARG C 5 12.09 -6.49 5.99
C ARG C 5 12.94 -6.60 4.74
N GLU C 6 12.79 -7.71 4.02
CA GLU C 6 13.56 -7.94 2.80
C GLU C 6 12.65 -8.39 1.67
N PRO C 7 11.93 -7.45 1.03
CA PRO C 7 11.02 -7.76 -0.07
C PRO C 7 11.76 -8.17 -1.34
N LYS C 8 11.06 -8.90 -2.21
CA LYS C 8 11.66 -9.35 -3.46
C LYS C 8 10.57 -9.68 -4.48
N LYS C 9 9.52 -10.36 -4.03
CA LYS C 9 8.41 -10.73 -4.91
C LYS C 9 7.45 -11.68 -4.21
N ARG C 10 6.25 -11.80 -4.75
CA ARG C 10 5.24 -12.67 -4.17
C ARG C 10 4.26 -13.15 -5.24
N THR C 11 3.28 -12.32 -5.56
CA THR C 11 2.27 -12.65 -6.55
C THR C 11 1.54 -13.93 -6.18
N THR C 12 0.20 -13.86 -6.19
CA THR C 12 -0.63 -15.01 -5.85
C THR C 12 -2.01 -14.57 -5.41
N ARG C 13 -2.08 -13.40 -4.79
CA ARG C 13 -3.34 -12.86 -4.31
C ARG C 13 -4.50 -13.28 -5.21
N LYS C 14 -5.70 -13.35 -4.64
CA LYS C 14 -6.89 -13.75 -5.39
C LYS C 14 -6.83 -15.21 -5.77
N LYS C 15 -7.26 -16.08 -4.85
CA LYS C 15 -7.26 -17.51 -5.08
C LYS C 15 -7.92 -18.26 -3.94
N LYS C 16 -7.52 -17.91 -2.72
CA LYS C 16 -8.08 -18.56 -1.52
C LYS C 16 -8.80 -17.54 -0.64
N ASP C 17 -9.92 -17.02 -1.14
CA ASP C 17 -10.71 -16.04 -0.39
C ASP C 17 -12.11 -15.92 -0.96
N PRO C 18 -13.13 -16.26 -0.17
CA PRO C 18 -14.53 -16.18 -0.60
C PRO C 18 -14.95 -14.75 -0.90
N ASN C 19 -14.98 -13.91 0.13
CA ASN C 19 -15.35 -12.51 -0.03
C ASN C 19 -14.11 -11.63 -0.14
N ALA C 20 -12.97 -12.18 0.29
CA ALA C 20 -11.70 -11.45 0.23
C ALA C 20 -11.91 -9.97 0.55
N PRO C 21 -11.69 -9.59 1.82
CA PRO C 21 -11.89 -8.22 2.28
C PRO C 21 -10.90 -7.25 1.66
N LYS C 22 -9.60 -7.53 1.85
CA LYS C 22 -8.54 -6.67 1.33
C LYS C 22 -7.97 -5.80 2.43
N ARG C 23 -7.11 -6.39 3.26
CA ARG C 23 -6.48 -5.68 4.37
C ARG C 23 -6.03 -4.28 3.94
N ALA C 24 -5.47 -3.54 4.89
CA ALA C 24 -5.01 -2.18 4.63
C ALA C 24 -4.48 -2.05 3.20
N LEU C 25 -4.54 -0.83 2.66
CA LEU C 25 -4.10 -0.58 1.31
C LEU C 25 -2.69 0.00 1.28
N SER C 26 -1.82 -0.54 2.13
CA SER C 26 -0.42 -0.15 2.15
C SER C 26 -0.24 1.36 2.26
N ALA C 27 0.60 1.76 3.21
CA ALA C 27 0.97 3.16 3.35
C ALA C 27 1.75 3.64 2.14
N TYR C 28 2.29 2.69 1.39
CA TYR C 28 3.05 3.00 0.18
C TYR C 28 2.12 3.30 -0.98
N MET C 29 0.87 2.86 -0.87
CA MET C 29 -0.11 3.11 -1.91
C MET C 29 -0.80 4.46 -1.70
N PHE C 30 -1.09 4.79 -0.45
CA PHE C 30 -1.64 6.10 -0.13
C PHE C 30 -0.65 7.19 -0.50
N PHE C 31 0.59 7.03 -0.05
CA PHE C 31 1.66 7.95 -0.39
C PHE C 31 1.94 7.90 -1.90
N ALA C 32 2.06 6.70 -2.44
CA ALA C 32 2.28 6.51 -3.87
C ALA C 32 1.15 7.16 -4.67
N ASN C 33 0.00 7.31 -4.04
CA ASN C 33 -1.14 7.95 -4.69
C ASN C 33 -0.89 9.45 -4.85
N GLU C 34 -0.44 10.09 -3.77
CA GLU C 34 -0.11 11.51 -3.80
C GLU C 34 1.03 11.76 -4.78
N ASN C 35 2.05 10.92 -4.72
CA ASN C 35 3.21 11.05 -5.60
C ASN C 35 2.81 10.81 -7.05
N ARG C 36 2.55 9.55 -7.38
CA ARG C 36 2.13 9.16 -8.73
C ARG C 36 1.82 10.40 -9.57
N ASP C 37 0.80 11.15 -9.16
CA ASP C 37 0.40 12.36 -9.87
C ASP C 37 1.47 13.44 -9.73
N ILE C 38 1.83 13.75 -8.49
CA ILE C 38 2.86 14.75 -8.23
C ILE C 38 4.19 14.34 -8.86
N VAL C 39 4.83 13.33 -8.29
CA VAL C 39 6.11 12.84 -8.78
C VAL C 39 6.11 12.74 -10.30
N ARG C 40 5.20 11.93 -10.84
CA ARG C 40 5.13 11.72 -12.28
C ARG C 40 4.81 13.03 -13.01
N SER C 41 4.15 13.95 -12.31
CA SER C 41 3.81 15.24 -12.88
C SER C 41 5.06 16.08 -13.09
N GLU C 42 6.09 15.82 -12.28
CA GLU C 42 7.35 16.53 -12.39
C GLU C 42 8.30 15.79 -13.32
N ASN C 43 8.05 14.50 -13.50
CA ASN C 43 8.89 13.67 -14.37
C ASN C 43 8.03 12.72 -15.20
N PRO C 44 7.12 13.28 -16.00
CA PRO C 44 6.21 12.49 -16.85
C PRO C 44 6.97 11.68 -17.90
N ASP C 45 8.11 12.19 -18.32
CA ASP C 45 8.94 11.50 -19.31
C ASP C 45 10.15 10.87 -18.63
N ILE C 46 9.93 10.30 -17.45
CA ILE C 46 10.99 9.73 -16.65
C ILE C 46 11.09 8.22 -16.86
N THR C 47 9.94 7.55 -16.77
CA THR C 47 9.88 6.10 -16.97
C THR C 47 9.58 5.39 -15.66
N PHE C 48 9.07 4.16 -15.76
CA PHE C 48 8.70 3.39 -14.58
C PHE C 48 9.87 3.26 -13.61
N GLY C 49 11.03 2.87 -14.12
CA GLY C 49 12.18 2.65 -13.26
C GLY C 49 12.65 3.92 -12.59
N GLN C 50 12.07 5.05 -12.98
CA GLN C 50 12.42 6.33 -12.38
C GLN C 50 11.34 6.80 -11.42
N VAL C 51 10.17 7.08 -11.97
CA VAL C 51 9.02 7.49 -11.16
C VAL C 51 8.76 6.49 -10.04
N GLY C 52 8.73 5.21 -10.40
CA GLY C 52 8.45 4.17 -9.42
C GLY C 52 9.58 3.96 -8.43
N LYS C 53 10.67 3.35 -8.90
CA LYS C 53 11.81 3.08 -8.05
C LYS C 53 12.18 4.31 -7.21
N LYS C 54 12.30 5.44 -7.89
CA LYS C 54 12.61 6.70 -7.22
C LYS C 54 11.54 7.04 -6.20
N LEU C 55 10.28 6.76 -6.54
CA LEU C 55 9.17 7.00 -5.63
C LEU C 55 9.46 6.42 -4.26
N GLY C 56 9.79 5.14 -4.22
CA GLY C 56 10.11 4.47 -2.98
C GLY C 56 11.32 5.09 -2.29
N GLU C 57 12.31 5.48 -3.10
CA GLU C 57 13.51 6.11 -2.56
C GLU C 57 13.16 7.36 -1.75
N LYS C 58 12.50 8.30 -2.40
CA LYS C 58 12.08 9.54 -1.74
C LYS C 58 11.02 9.24 -0.68
N TRP C 59 10.33 8.12 -0.85
CA TRP C 59 9.29 7.71 0.10
C TRP C 59 9.87 7.62 1.50
N LYS C 60 10.89 6.78 1.65
CA LYS C 60 11.54 6.60 2.95
C LYS C 60 12.41 7.81 3.29
N ALA C 61 12.82 8.54 2.26
CA ALA C 61 13.66 9.71 2.45
C ALA C 61 12.89 10.84 3.11
N LEU C 62 11.57 10.82 2.97
CA LEU C 62 10.72 11.86 3.56
C LEU C 62 11.00 12.02 5.05
N THR C 63 10.51 11.05 5.84
CA THR C 63 10.65 11.09 7.29
C THR C 63 9.34 10.66 7.94
N PRO C 64 9.42 10.03 9.12
CA PRO C 64 8.23 9.55 9.84
C PRO C 64 7.08 10.54 9.78
N GLU C 65 7.36 11.80 10.13
CA GLU C 65 6.34 12.84 10.11
C GLU C 65 5.69 12.94 8.73
N GLU C 66 6.51 12.84 7.68
CA GLU C 66 6.01 12.92 6.32
C GLU C 66 5.11 11.73 5.99
N LYS C 67 5.36 10.61 6.66
CA LYS C 67 4.58 9.40 6.44
C LYS C 67 3.24 9.47 7.15
N GLN C 68 3.23 10.08 8.32
CA GLN C 68 2.02 10.20 9.13
C GLN C 68 0.80 10.39 8.24
N PRO C 69 0.87 11.35 7.30
CA PRO C 69 -0.22 11.60 6.35
C PRO C 69 -0.78 10.31 5.76
N TYR C 70 0.09 9.55 5.10
CA TYR C 70 -0.32 8.30 4.46
C TYR C 70 -0.33 7.16 5.47
N GLU C 71 0.84 6.82 5.99
CA GLU C 71 0.97 5.75 6.97
C GLU C 71 -0.22 5.78 7.93
N ALA C 72 -0.50 6.96 8.49
CA ALA C 72 -1.68 7.16 9.30
C ALA C 72 -2.93 6.88 8.48
N LYS C 73 -2.95 7.41 7.27
CA LYS C 73 -4.02 7.11 6.31
C LYS C 73 -4.10 5.60 6.07
N ALA C 74 -3.06 4.89 6.45
CA ALA C 74 -3.01 3.45 6.32
C ALA C 74 -3.81 2.78 7.41
N GLN C 75 -3.65 3.28 8.63
CA GLN C 75 -4.45 2.82 9.76
C GLN C 75 -5.91 3.19 9.53
N ALA C 76 -6.13 4.32 8.85
CA ALA C 76 -7.48 4.75 8.50
C ALA C 76 -8.14 3.77 7.54
N ASP C 77 -7.42 3.42 6.47
CA ASP C 77 -7.90 2.45 5.51
C ASP C 77 -7.83 1.03 6.08
N LYS C 78 -7.08 0.89 7.18
CA LYS C 78 -6.95 -0.40 7.85
C LYS C 78 -8.27 -0.81 8.48
N LYS C 79 -8.88 0.13 9.21
CA LYS C 79 -10.19 -0.11 9.80
C LYS C 79 -11.26 -0.20 8.72
N ARG C 80 -11.13 0.65 7.71
CA ARG C 80 -12.05 0.64 6.57
C ARG C 80 -12.24 -0.78 6.06
N TYR C 81 -11.14 -1.48 5.85
CA TYR C 81 -11.18 -2.86 5.38
C TYR C 81 -11.63 -3.78 6.51
N GLU C 82 -11.15 -3.52 7.72
CA GLU C 82 -11.53 -4.31 8.88
C GLU C 82 -13.03 -4.59 8.88
N SER C 83 -13.80 -3.63 8.39
CA SER C 83 -15.24 -3.78 8.27
C SER C 83 -15.59 -4.77 7.17
N GLU C 84 -15.05 -4.52 5.98
CA GLU C 84 -15.26 -5.41 4.85
C GLU C 84 -14.90 -6.85 5.20
N LYS C 85 -14.04 -7.00 6.21
CA LYS C 85 -13.64 -8.33 6.67
C LYS C 85 -14.67 -8.88 7.66
N GLU C 86 -15.23 -7.99 8.48
CA GLU C 86 -16.28 -8.36 9.41
C GLU C 86 -17.45 -9.00 8.67
N LEU C 87 -17.69 -8.51 7.46
CA LEU C 87 -18.73 -9.08 6.60
C LEU C 87 -18.19 -10.30 5.87
N TYR C 88 -16.96 -10.19 5.39
CA TYR C 88 -16.29 -11.32 4.75
C TYR C 88 -16.63 -12.61 5.49
N ASN C 89 -16.67 -12.53 6.81
CA ASN C 89 -17.02 -13.69 7.64
C ASN C 89 -18.51 -13.69 7.96
N ALA C 90 -19.10 -12.50 8.01
CA ALA C 90 -20.53 -12.38 8.30
C ALA C 90 -21.37 -12.74 7.08
N THR C 91 -20.70 -13.19 6.02
CA THR C 91 -21.38 -13.56 4.79
C THR C 91 -20.84 -14.89 4.26
N LEU C 92 -19.52 -15.01 4.23
CA LEU C 92 -18.87 -16.22 3.77
C LEU C 92 -19.00 -17.34 4.80
N ALA C 93 -19.06 -16.96 6.07
CA ALA C 93 -19.20 -17.93 7.15
C ALA C 93 -20.28 -17.50 8.15
N MET C 1 12.03 -4.22 11.45
CA MET C 1 12.89 -5.22 10.74
C MET C 1 12.07 -6.07 9.80
N VAL C 2 12.74 -6.69 8.83
CA VAL C 2 12.07 -7.54 7.86
C VAL C 2 12.98 -8.67 7.39
N THR C 3 13.94 -9.03 8.24
CA THR C 3 14.88 -10.10 7.93
C THR C 3 14.16 -11.31 7.34
N PRO C 4 13.16 -11.83 8.06
CA PRO C 4 12.38 -12.99 7.61
C PRO C 4 11.50 -12.66 6.42
N ARG C 5 11.90 -13.12 5.24
CA ARG C 5 11.15 -12.87 4.01
C ARG C 5 10.23 -14.06 3.69
N GLU C 6 9.53 -13.96 2.57
CA GLU C 6 8.62 -15.01 2.15
C GLU C 6 9.25 -15.88 1.07
N PRO C 7 8.70 -17.08 0.85
CA PRO C 7 9.21 -18.02 -0.16
C PRO C 7 9.35 -17.36 -1.53
N LYS C 8 9.49 -18.19 -2.56
CA LYS C 8 9.64 -17.68 -3.93
C LYS C 8 8.38 -17.98 -4.75
N LYS C 9 7.93 -16.99 -5.51
CA LYS C 9 6.74 -17.15 -6.35
C LYS C 9 6.42 -15.85 -7.08
N ARG C 10 5.92 -15.99 -8.31
CA ARG C 10 5.57 -14.82 -9.11
C ARG C 10 4.09 -14.49 -8.99
N THR C 11 3.24 -15.33 -9.58
CA THR C 11 1.80 -15.12 -9.53
C THR C 11 1.37 -14.49 -8.22
N THR C 12 1.38 -15.28 -7.16
CA THR C 12 0.99 -14.79 -5.84
C THR C 12 -0.46 -14.33 -5.83
N ARG C 13 -0.91 -13.82 -4.68
CA ARG C 13 -2.28 -13.33 -4.55
C ARG C 13 -3.23 -14.08 -5.49
N LYS C 14 -3.69 -15.24 -5.06
CA LYS C 14 -4.60 -16.05 -5.86
C LYS C 14 -6.04 -15.63 -5.64
N LYS C 15 -6.69 -16.24 -4.66
CA LYS C 15 -8.08 -15.92 -4.33
C LYS C 15 -8.47 -16.49 -2.98
N LYS C 16 -9.01 -17.70 -2.99
CA LYS C 16 -9.42 -18.37 -1.76
C LYS C 16 -10.29 -17.44 -0.91
N ASP C 17 -10.83 -17.97 0.18
CA ASP C 17 -11.68 -17.20 1.08
C ASP C 17 -13.02 -16.90 0.44
N PRO C 18 -14.11 -17.07 1.21
CA PRO C 18 -15.47 -16.80 0.73
C PRO C 18 -15.66 -15.34 0.34
N ASN C 19 -15.52 -14.46 1.33
CA ASN C 19 -15.63 -13.02 1.09
C ASN C 19 -14.25 -12.41 0.85
N ALA C 20 -13.23 -13.07 1.40
CA ALA C 20 -11.86 -12.62 1.22
C ALA C 20 -11.77 -11.10 1.15
N PRO C 21 -11.76 -10.43 2.32
CA PRO C 21 -11.65 -8.97 2.39
C PRO C 21 -10.42 -8.46 1.64
N LYS C 22 -9.29 -9.10 1.88
CA LYS C 22 -8.04 -8.75 1.21
C LYS C 22 -7.29 -7.66 1.98
N ARG C 23 -7.02 -7.93 3.25
CA ARG C 23 -6.27 -7.00 4.09
C ARG C 23 -6.52 -5.56 3.68
N ALA C 24 -5.57 -4.69 3.99
CA ALA C 24 -5.68 -3.27 3.66
C ALA C 24 -4.54 -2.83 2.75
N LEU C 25 -4.61 -1.58 2.31
CA LEU C 25 -3.54 -1.01 1.49
C LEU C 25 -2.29 -0.81 2.32
N SER C 26 -1.34 -0.05 1.79
CA SER C 26 -0.09 0.23 2.49
C SER C 26 0.23 1.72 2.47
N ALA C 27 1.10 2.13 3.38
CA ALA C 27 1.53 3.52 3.43
C ALA C 27 2.21 3.93 2.14
N TYR C 28 2.67 2.93 1.38
CA TYR C 28 3.34 3.17 0.12
C TYR C 28 2.33 3.42 -1.00
N MET C 29 1.11 2.92 -0.81
CA MET C 29 0.06 3.11 -1.79
C MET C 29 -0.58 4.49 -1.65
N PHE C 30 -0.89 4.87 -0.41
CA PHE C 30 -1.47 6.18 -0.14
C PHE C 30 -0.48 7.28 -0.46
N PHE C 31 0.77 7.09 -0.02
CA PHE C 31 1.82 8.05 -0.32
C PHE C 31 2.14 8.05 -1.81
N ALA C 32 2.45 6.88 -2.35
CA ALA C 32 2.71 6.73 -3.77
C ALA C 32 1.56 7.29 -4.59
N ASN C 33 0.37 7.31 -3.99
CA ASN C 33 -0.81 7.87 -4.65
C ASN C 33 -0.64 9.38 -4.83
N GLU C 34 -0.26 10.06 -3.75
CA GLU C 34 -0.02 11.49 -3.79
C GLU C 34 1.13 11.81 -4.74
N ASN C 35 2.22 11.06 -4.62
CA ASN C 35 3.39 11.26 -5.47
C ASN C 35 3.03 10.98 -6.93
N ARG C 36 2.90 9.70 -7.25
CA ARG C 36 2.53 9.29 -8.61
C ARG C 36 2.16 10.50 -9.46
N ASP C 37 1.06 11.16 -9.10
CA ASP C 37 0.60 12.33 -9.83
C ASP C 37 1.59 13.48 -9.69
N ILE C 38 1.89 13.84 -8.45
CA ILE C 38 2.85 14.91 -8.19
C ILE C 38 4.21 14.59 -8.78
N VAL C 39 4.88 13.60 -8.19
CA VAL C 39 6.21 13.19 -8.65
C VAL C 39 6.29 13.17 -10.17
N ARG C 40 5.48 12.32 -10.80
CA ARG C 40 5.50 12.18 -12.26
C ARG C 40 5.06 13.48 -12.92
N SER C 41 4.29 14.29 -12.20
CA SER C 41 3.83 15.57 -12.72
C SER C 41 4.99 16.55 -12.86
N GLU C 42 6.03 16.33 -12.06
CA GLU C 42 7.23 17.17 -12.12
C GLU C 42 8.27 16.54 -13.03
N ASN C 43 8.15 15.24 -13.24
CA ASN C 43 9.07 14.51 -14.10
C ASN C 43 8.30 13.57 -15.04
N PRO C 44 7.42 14.13 -15.87
CA PRO C 44 6.60 13.35 -16.80
C PRO C 44 7.46 12.54 -17.79
N ASP C 45 8.75 12.85 -17.82
CA ASP C 45 9.67 12.16 -18.73
C ASP C 45 10.06 10.80 -18.17
N ILE C 46 10.54 10.79 -16.92
CA ILE C 46 10.97 9.55 -16.28
C ILE C 46 9.92 8.46 -16.44
N THR C 47 10.38 7.24 -16.73
CA THR C 47 9.50 6.10 -16.85
C THR C 47 9.29 5.42 -15.49
N PHE C 48 8.71 4.24 -15.50
CA PHE C 48 8.45 3.50 -14.27
C PHE C 48 9.75 3.25 -13.51
N GLY C 49 10.84 3.06 -14.24
CA GLY C 49 12.10 2.73 -13.61
C GLY C 49 12.77 3.90 -12.93
N GLN C 50 12.20 5.09 -13.11
CA GLN C 50 12.72 6.29 -12.46
C GLN C 50 11.72 6.81 -11.44
N VAL C 51 10.52 7.14 -11.91
CA VAL C 51 9.47 7.61 -11.02
C VAL C 51 9.16 6.58 -9.94
N GLY C 52 9.21 5.30 -10.32
CA GLY C 52 8.91 4.24 -9.38
C GLY C 52 9.99 4.07 -8.32
N LYS C 53 11.11 3.48 -8.71
CA LYS C 53 12.21 3.24 -7.78
C LYS C 53 12.52 4.51 -6.99
N LYS C 54 12.56 5.64 -7.69
CA LYS C 54 12.81 6.94 -7.04
C LYS C 54 11.73 7.23 -6.01
N LEU C 55 10.49 6.89 -6.33
CA LEU C 55 9.38 7.10 -5.42
C LEU C 55 9.64 6.45 -4.07
N GLY C 56 9.98 5.16 -4.10
CA GLY C 56 10.25 4.43 -2.87
C GLY C 56 11.35 5.07 -2.04
N GLU C 57 12.51 5.27 -2.66
CA GLU C 57 13.65 5.89 -1.98
C GLU C 57 13.22 7.17 -1.28
N LYS C 58 12.46 8.00 -1.99
CA LYS C 58 11.98 9.27 -1.43
C LYS C 58 10.88 9.01 -0.40
N TRP C 59 10.18 7.90 -0.55
CA TRP C 59 9.11 7.54 0.37
C TRP C 59 9.63 7.49 1.80
N LYS C 60 10.69 6.71 2.01
CA LYS C 60 11.30 6.58 3.32
C LYS C 60 12.28 7.72 3.57
N ALA C 61 12.69 8.39 2.50
CA ALA C 61 13.62 9.50 2.61
C ALA C 61 13.03 10.65 3.41
N LEU C 62 11.73 10.87 3.26
CA LEU C 62 11.05 11.96 3.96
C LEU C 62 11.23 11.83 5.46
N THR C 63 10.48 10.91 6.07
CA THR C 63 10.52 10.69 7.50
C THR C 63 9.16 10.22 8.02
N PRO C 64 9.15 9.39 9.06
CA PRO C 64 7.92 8.90 9.66
C PRO C 64 6.85 9.98 9.77
N GLU C 65 7.26 11.15 10.24
CA GLU C 65 6.35 12.29 10.35
C GLU C 65 5.75 12.64 8.99
N GLU C 66 6.61 12.72 7.98
CA GLU C 66 6.16 13.01 6.62
C GLU C 66 5.18 11.95 6.15
N LYS C 67 5.27 10.76 6.73
CA LYS C 67 4.39 9.65 6.37
C LYS C 67 3.05 9.78 7.09
N GLN C 68 3.06 10.44 8.24
CA GLN C 68 1.85 10.61 9.04
C GLN C 68 0.60 10.67 8.16
N PRO C 69 0.63 11.53 7.12
CA PRO C 69 -0.51 11.70 6.22
C PRO C 69 -0.97 10.37 5.61
N TYR C 70 -0.04 9.68 4.96
CA TYR C 70 -0.36 8.42 4.29
C TYR C 70 -0.36 7.27 5.28
N GLU C 71 0.78 7.02 5.91
CA GLU C 71 0.89 5.98 6.92
C GLU C 71 -0.36 5.95 7.79
N ALA C 72 -0.73 7.12 8.30
CA ALA C 72 -1.98 7.26 9.04
C ALA C 72 -3.16 6.90 8.14
N LYS C 73 -3.10 7.37 6.90
CA LYS C 73 -4.10 7.00 5.90
C LYS C 73 -4.10 5.49 5.69
N ALA C 74 -3.03 4.84 6.14
CA ALA C 74 -2.91 3.39 6.04
C ALA C 74 -3.78 2.72 7.08
N GLN C 75 -3.66 3.17 8.32
CA GLN C 75 -4.52 2.70 9.40
C GLN C 75 -5.98 3.01 9.06
N ALA C 76 -6.20 4.12 8.35
CA ALA C 76 -7.53 4.49 7.91
C ALA C 76 -8.08 3.45 6.93
N ASP C 77 -7.26 3.07 5.96
CA ASP C 77 -7.65 2.05 4.99
C ASP C 77 -7.68 0.68 5.64
N LYS C 78 -6.98 0.55 6.76
CA LYS C 78 -6.96 -0.70 7.50
C LYS C 78 -8.35 -1.02 8.04
N LYS C 79 -8.97 -0.04 8.68
CA LYS C 79 -10.34 -0.19 9.16
C LYS C 79 -11.30 -0.35 7.98
N ARG C 80 -11.05 0.41 6.92
CA ARG C 80 -11.86 0.30 5.71
C ARG C 80 -12.13 -1.16 5.37
N TYR C 81 -11.07 -1.92 5.15
CA TYR C 81 -11.19 -3.33 4.86
C TYR C 81 -11.64 -4.11 6.08
N GLU C 82 -11.30 -3.59 7.26
CA GLU C 82 -11.69 -4.23 8.51
C GLU C 82 -13.21 -4.41 8.57
N SER C 83 -13.92 -3.57 7.83
CA SER C 83 -15.37 -3.68 7.74
C SER C 83 -15.76 -4.82 6.81
N GLU C 84 -14.96 -5.02 5.78
CA GLU C 84 -15.19 -6.10 4.82
C GLU C 84 -14.96 -7.46 5.48
N LYS C 85 -14.02 -7.51 6.41
CA LYS C 85 -13.73 -8.75 7.15
C LYS C 85 -14.79 -9.00 8.21
N GLU C 86 -15.12 -7.96 8.97
CA GLU C 86 -16.18 -8.06 9.96
C GLU C 86 -17.46 -8.60 9.33
N LEU C 87 -17.68 -8.23 8.08
CA LEU C 87 -18.82 -8.74 7.33
C LEU C 87 -18.46 -10.05 6.65
N TYR C 88 -17.17 -10.25 6.40
CA TYR C 88 -16.70 -11.51 5.85
C TYR C 88 -17.26 -12.67 6.65
N ASN C 89 -17.29 -12.51 7.96
CA ASN C 89 -17.86 -13.51 8.84
C ASN C 89 -19.33 -13.21 9.13
N ALA C 90 -19.68 -11.92 9.14
CA ALA C 90 -21.06 -11.51 9.35
C ALA C 90 -21.95 -11.98 8.21
N THR C 91 -21.32 -12.47 7.16
CA THR C 91 -22.06 -12.98 6.00
C THR C 91 -21.65 -14.42 5.72
N LEU C 92 -20.35 -14.70 5.84
CA LEU C 92 -19.83 -16.05 5.65
C LEU C 92 -20.68 -17.06 6.41
N ALA C 93 -20.98 -16.75 7.66
CA ALA C 93 -21.79 -17.63 8.50
C ALA C 93 -21.12 -18.99 8.66
N MET C 1 11.47 -15.94 9.51
CA MET C 1 11.90 -14.53 9.74
C MET C 1 10.75 -13.70 10.32
N VAL C 2 11.03 -13.04 11.43
CA VAL C 2 10.03 -12.21 12.10
C VAL C 2 9.13 -11.51 11.08
N THR C 3 9.74 -11.04 10.00
CA THR C 3 9.00 -10.35 8.94
C THR C 3 9.59 -10.65 7.57
N PRO C 4 8.74 -11.03 6.61
CA PRO C 4 9.18 -11.35 5.24
C PRO C 4 9.64 -10.12 4.48
N ARG C 5 10.96 -9.95 4.38
CA ARG C 5 11.53 -8.80 3.68
C ARG C 5 11.26 -8.90 2.18
N GLU C 6 10.82 -10.07 1.73
CA GLU C 6 10.53 -10.29 0.32
C GLU C 6 9.41 -11.31 0.15
N PRO C 7 8.42 -10.99 -0.70
CA PRO C 7 7.29 -11.87 -0.95
C PRO C 7 7.69 -13.11 -1.74
N LYS C 8 8.95 -13.18 -2.12
CA LYS C 8 9.46 -14.32 -2.88
C LYS C 8 8.87 -14.36 -4.29
N LYS C 9 7.73 -15.04 -4.43
CA LYS C 9 7.06 -15.14 -5.71
C LYS C 9 5.84 -16.05 -5.61
N ARG C 10 4.94 -15.95 -6.59
CA ARG C 10 3.74 -16.76 -6.62
C ARG C 10 2.79 -16.37 -5.48
N THR C 11 1.62 -16.99 -5.46
CA THR C 11 0.63 -16.71 -4.43
C THR C 11 -0.77 -17.05 -4.92
N THR C 12 -0.94 -17.11 -6.24
CA THR C 12 -2.24 -17.42 -6.83
C THR C 12 -3.34 -16.56 -6.20
N ARG C 13 -2.99 -15.32 -5.88
CA ARG C 13 -3.94 -14.40 -5.26
C ARG C 13 -5.37 -14.70 -5.70
N LYS C 14 -6.26 -14.85 -4.73
CA LYS C 14 -7.67 -15.14 -5.02
C LYS C 14 -7.89 -16.64 -5.22
N LYS C 15 -8.13 -17.34 -4.12
CA LYS C 15 -8.38 -18.78 -4.17
C LYS C 15 -8.39 -19.39 -2.77
N LYS C 16 -9.17 -18.80 -1.89
CA LYS C 16 -9.28 -19.29 -0.51
C LYS C 16 -9.81 -18.19 0.41
N ASP C 17 -11.12 -18.19 0.64
CA ASP C 17 -11.73 -17.21 1.52
C ASP C 17 -13.23 -17.08 1.21
N PRO C 18 -14.08 -17.32 2.22
CA PRO C 18 -15.53 -17.20 2.07
C PRO C 18 -15.96 -15.79 1.70
N ASN C 19 -15.76 -14.85 2.62
CA ASN C 19 -16.08 -13.45 2.37
C ASN C 19 -14.86 -12.70 1.86
N ALA C 20 -13.69 -13.29 2.06
CA ALA C 20 -12.45 -12.69 1.60
C ALA C 20 -12.48 -11.17 1.72
N PRO C 21 -11.98 -10.64 2.85
CA PRO C 21 -11.94 -9.20 3.10
C PRO C 21 -11.04 -8.47 2.11
N LYS C 22 -9.75 -8.78 2.16
CA LYS C 22 -8.77 -8.16 1.27
C LYS C 22 -8.04 -7.02 1.99
N ARG C 23 -7.06 -7.39 2.80
CA ARG C 23 -6.27 -6.41 3.54
C ARG C 23 -6.32 -5.05 2.87
N ALA C 24 -6.34 -3.99 3.69
CA ALA C 24 -6.41 -2.63 3.18
C ALA C 24 -5.13 -2.24 2.46
N LEU C 25 -5.19 -1.09 1.79
CA LEU C 25 -4.02 -0.55 1.12
C LEU C 25 -2.87 -0.35 2.09
N SER C 26 -1.82 0.32 1.64
CA SER C 26 -0.67 0.58 2.49
C SER C 26 -0.26 2.05 2.42
N ALA C 27 0.56 2.48 3.37
CA ALA C 27 1.06 3.84 3.37
C ALA C 27 1.80 4.15 2.08
N TYR C 28 2.16 3.09 1.36
CA TYR C 28 2.88 3.23 0.11
C TYR C 28 1.94 3.55 -1.04
N MET C 29 0.69 3.08 -0.93
CA MET C 29 -0.30 3.33 -1.97
C MET C 29 -0.88 4.73 -1.83
N PHE C 30 -1.20 5.13 -0.61
CA PHE C 30 -1.73 6.46 -0.35
C PHE C 30 -0.68 7.52 -0.65
N PHE C 31 0.54 7.30 -0.14
CA PHE C 31 1.65 8.19 -0.42
C PHE C 31 2.01 8.16 -1.90
N ALA C 32 2.25 6.97 -2.42
CA ALA C 32 2.56 6.80 -3.84
C ALA C 32 1.44 7.38 -4.70
N ASN C 33 0.25 7.47 -4.13
CA ASN C 33 -0.88 8.07 -4.83
C ASN C 33 -0.66 9.56 -5.05
N GLU C 34 -0.26 10.25 -3.98
CA GLU C 34 0.05 11.67 -4.07
C GLU C 34 1.27 11.91 -4.96
N ASN C 35 2.30 11.11 -4.75
CA ASN C 35 3.52 11.23 -5.55
C ASN C 35 3.25 10.90 -7.01
N ARG C 36 3.03 9.62 -7.28
CA ARG C 36 2.73 9.16 -8.63
C ARG C 36 2.50 10.34 -9.57
N ASP C 37 1.43 11.08 -9.32
CA ASP C 37 1.09 12.25 -10.14
C ASP C 37 2.10 13.37 -9.93
N ILE C 38 2.34 13.72 -8.67
CA ILE C 38 3.31 14.76 -8.35
C ILE C 38 4.67 14.45 -8.94
N VAL C 39 5.31 13.42 -8.40
CA VAL C 39 6.64 13.01 -8.85
C VAL C 39 6.71 12.93 -10.38
N ARG C 40 5.88 12.06 -10.95
CA ARG C 40 5.87 11.86 -12.39
C ARG C 40 5.49 13.14 -13.13
N SER C 41 4.87 14.06 -12.40
CA SER C 41 4.48 15.35 -12.97
C SER C 41 5.67 16.28 -13.08
N GLU C 42 6.65 16.08 -12.20
CA GLU C 42 7.88 16.88 -12.22
C GLU C 42 8.96 16.16 -13.02
N ASN C 43 8.73 14.89 -13.30
CA ASN C 43 9.68 14.09 -14.06
C ASN C 43 8.96 13.21 -15.08
N PRO C 44 8.21 13.84 -16.00
CA PRO C 44 7.43 13.12 -17.01
C PRO C 44 8.31 12.37 -18.00
N ASP C 45 9.63 12.56 -17.88
CA ASP C 45 10.58 11.94 -18.79
C ASP C 45 11.72 11.26 -18.04
N ILE C 46 11.38 10.29 -17.21
CA ILE C 46 12.38 9.52 -16.49
C ILE C 46 12.15 8.02 -16.67
N THR C 47 10.88 7.61 -16.65
CA THR C 47 10.52 6.20 -16.83
C THR C 47 10.17 5.55 -15.49
N PHE C 48 9.30 4.56 -15.54
CA PHE C 48 8.86 3.86 -14.34
C PHE C 48 10.01 3.69 -13.35
N GLY C 49 10.80 2.63 -13.54
CA GLY C 49 11.89 2.33 -12.62
C GLY C 49 12.47 3.56 -11.96
N GLN C 50 12.44 4.68 -12.67
CA GLN C 50 12.95 5.94 -12.13
C GLN C 50 11.98 6.49 -11.09
N VAL C 51 10.73 6.69 -11.51
CA VAL C 51 9.71 7.22 -10.63
C VAL C 51 9.35 6.21 -9.55
N GLY C 52 9.06 4.98 -9.96
CA GLY C 52 8.70 3.94 -9.00
C GLY C 52 9.73 3.76 -7.93
N LYS C 53 10.96 3.42 -8.32
CA LYS C 53 12.04 3.22 -7.37
C LYS C 53 12.34 4.51 -6.61
N LYS C 54 12.06 5.65 -7.25
CA LYS C 54 12.25 6.94 -6.61
C LYS C 54 11.14 7.21 -5.60
N LEU C 55 10.01 6.54 -5.78
CA LEU C 55 8.88 6.68 -4.86
C LEU C 55 9.15 5.94 -3.56
N GLY C 56 9.71 4.74 -3.67
CA GLY C 56 10.05 3.97 -2.49
C GLY C 56 11.16 4.61 -1.68
N GLU C 57 12.27 4.94 -2.35
CA GLU C 57 13.40 5.58 -1.68
C GLU C 57 12.99 6.93 -1.12
N LYS C 58 12.41 7.78 -1.97
CA LYS C 58 11.94 9.09 -1.54
C LYS C 58 10.82 8.95 -0.50
N TRP C 59 10.12 7.82 -0.55
CA TRP C 59 9.05 7.56 0.40
C TRP C 59 9.58 7.59 1.82
N LYS C 60 10.50 6.67 2.10
CA LYS C 60 11.12 6.60 3.42
C LYS C 60 12.13 7.73 3.61
N ALA C 61 12.42 8.43 2.51
CA ALA C 61 13.39 9.52 2.54
C ALA C 61 12.81 10.74 3.27
N LEU C 62 11.52 11.01 3.06
CA LEU C 62 10.87 12.15 3.68
C LEU C 62 11.04 12.10 5.19
N THR C 63 10.27 11.23 5.84
CA THR C 63 10.31 11.11 7.29
C THR C 63 8.94 10.67 7.81
N PRO C 64 8.93 9.87 8.90
CA PRO C 64 7.69 9.40 9.51
C PRO C 64 6.62 10.49 9.56
N GLU C 65 7.03 11.70 9.95
CA GLU C 65 6.11 12.83 10.00
C GLU C 65 5.50 13.10 8.63
N GLU C 66 6.35 13.16 7.61
CA GLU C 66 5.90 13.38 6.24
C GLU C 66 4.93 12.28 5.82
N LYS C 67 5.03 11.12 6.47
CA LYS C 67 4.15 10.00 6.16
C LYS C 67 2.81 10.15 6.88
N GLN C 68 2.82 10.85 8.00
CA GLN C 68 1.62 11.03 8.80
C GLN C 68 0.37 11.06 7.92
N PRO C 69 0.38 11.89 6.86
CA PRO C 69 -0.77 12.01 5.95
C PRO C 69 -1.21 10.67 5.38
N TYR C 70 -0.28 9.97 4.74
CA TYR C 70 -0.59 8.70 4.10
C TYR C 70 -0.58 7.57 5.12
N GLU C 71 0.57 7.35 5.76
CA GLU C 71 0.69 6.32 6.78
C GLU C 71 -0.55 6.30 7.66
N ALA C 72 -0.92 7.47 8.15
CA ALA C 72 -2.16 7.62 8.91
C ALA C 72 -3.34 7.23 8.04
N LYS C 73 -3.30 7.67 6.78
CA LYS C 73 -4.30 7.26 5.79
C LYS C 73 -4.28 5.76 5.59
N ALA C 74 -3.20 5.13 6.05
CA ALA C 74 -3.04 3.69 5.94
C ALA C 74 -3.85 2.99 7.02
N GLN C 75 -3.79 3.53 8.24
CA GLN C 75 -4.60 3.03 9.33
C GLN C 75 -6.08 3.32 9.04
N ALA C 76 -6.32 4.42 8.33
CA ALA C 76 -7.68 4.78 7.94
C ALA C 76 -8.26 3.76 6.97
N ASP C 77 -7.46 3.38 5.97
CA ASP C 77 -7.88 2.38 4.99
C ASP C 77 -7.84 0.99 5.61
N LYS C 78 -6.97 0.82 6.60
CA LYS C 78 -6.88 -0.45 7.31
C LYS C 78 -8.21 -0.81 7.96
N LYS C 79 -8.85 0.19 8.55
CA LYS C 79 -10.18 0.02 9.13
C LYS C 79 -11.21 -0.22 8.03
N ARG C 80 -11.13 0.60 6.99
CA ARG C 80 -12.02 0.45 5.85
C ARG C 80 -12.27 -1.02 5.54
N TYR C 81 -11.20 -1.75 5.27
CA TYR C 81 -11.30 -3.17 5.01
C TYR C 81 -11.51 -3.95 6.31
N GLU C 82 -11.06 -3.37 7.42
CA GLU C 82 -11.23 -4.00 8.73
C GLU C 82 -12.70 -4.33 8.97
N SER C 83 -13.57 -3.67 8.22
CA SER C 83 -15.00 -3.92 8.31
C SER C 83 -15.37 -5.22 7.61
N GLU C 84 -14.81 -5.41 6.42
CA GLU C 84 -15.08 -6.61 5.63
C GLU C 84 -14.40 -7.82 6.24
N LYS C 85 -13.41 -7.59 7.11
CA LYS C 85 -12.73 -8.68 7.79
C LYS C 85 -13.48 -9.07 9.06
N GLU C 86 -13.84 -8.07 9.86
CA GLU C 86 -14.62 -8.31 11.07
C GLU C 86 -15.89 -9.09 10.74
N LEU C 87 -16.48 -8.77 9.59
CA LEU C 87 -17.67 -9.49 9.13
C LEU C 87 -17.27 -10.79 8.46
N TYR C 88 -16.20 -10.75 7.67
CA TYR C 88 -15.67 -11.94 7.05
C TYR C 88 -15.76 -13.13 8.01
N ASN C 89 -15.47 -12.87 9.28
CA ASN C 89 -15.56 -13.90 10.31
C ASN C 89 -16.94 -13.88 10.96
N ALA C 90 -17.54 -12.69 11.03
CA ALA C 90 -18.87 -12.54 11.63
C ALA C 90 -19.96 -13.01 10.67
N THR C 91 -19.56 -13.64 9.58
CA THR C 91 -20.49 -14.13 8.58
C THR C 91 -20.06 -15.49 8.06
N LEU C 92 -18.76 -15.64 7.80
CA LEU C 92 -18.21 -16.89 7.32
C LEU C 92 -18.07 -17.90 8.46
N ALA C 93 -17.85 -17.39 9.67
CA ALA C 93 -17.71 -18.25 10.84
C ALA C 93 -18.94 -19.12 11.05
N MET C 1 5.17 -5.69 14.23
CA MET C 1 6.50 -5.36 13.64
C MET C 1 7.36 -6.62 13.51
N VAL C 2 8.67 -6.44 13.47
CA VAL C 2 9.60 -7.55 13.35
C VAL C 2 9.77 -7.96 11.89
N THR C 3 10.98 -7.75 11.36
CA THR C 3 11.28 -8.10 9.97
C THR C 3 12.67 -7.64 9.59
N PRO C 4 13.52 -8.58 9.13
CA PRO C 4 14.90 -8.28 8.72
C PRO C 4 14.95 -7.48 7.44
N ARG C 5 16.12 -7.45 6.81
CA ARG C 5 16.31 -6.70 5.57
C ARG C 5 16.07 -7.60 4.36
N GLU C 6 15.17 -8.57 4.51
CA GLU C 6 14.85 -9.50 3.43
C GLU C 6 14.11 -8.79 2.31
N PRO C 7 14.46 -9.10 1.05
CA PRO C 7 13.83 -8.48 -0.13
C PRO C 7 12.39 -8.94 -0.31
N LYS C 8 11.45 -8.03 -0.09
CA LYS C 8 10.03 -8.34 -0.23
C LYS C 8 9.78 -9.22 -1.45
N LYS C 9 8.75 -10.06 -1.38
CA LYS C 9 8.41 -10.95 -2.48
C LYS C 9 7.05 -10.59 -3.08
N ARG C 10 6.84 -10.97 -4.33
CA ARG C 10 5.59 -10.70 -5.02
C ARG C 10 4.56 -11.79 -4.75
N THR C 11 4.98 -13.04 -4.91
CA THR C 11 4.10 -14.17 -4.68
C THR C 11 2.72 -13.92 -5.29
N THR C 12 2.60 -14.19 -6.59
CA THR C 12 1.34 -13.98 -7.29
C THR C 12 0.14 -14.26 -6.38
N ARG C 13 -0.53 -13.20 -5.96
CA ARG C 13 -1.69 -13.33 -5.08
C ARG C 13 -2.46 -14.61 -5.38
N LYS C 14 -3.17 -15.12 -4.38
CA LYS C 14 -3.96 -16.33 -4.54
C LYS C 14 -5.44 -16.06 -4.30
N LYS C 15 -6.17 -17.09 -3.88
CA LYS C 15 -7.60 -16.96 -3.62
C LYS C 15 -7.99 -17.73 -2.36
N LYS C 16 -9.08 -17.31 -1.73
CA LYS C 16 -9.57 -17.95 -0.51
C LYS C 16 -10.55 -17.06 0.23
N ASP C 17 -11.15 -17.60 1.29
CA ASP C 17 -12.11 -16.85 2.09
C ASP C 17 -13.38 -16.57 1.29
N PRO C 18 -14.55 -16.80 1.90
CA PRO C 18 -15.85 -16.54 1.27
C PRO C 18 -16.00 -15.09 0.83
N ASN C 19 -16.03 -14.19 1.81
CA ASN C 19 -16.13 -12.77 1.54
C ASN C 19 -14.75 -12.18 1.25
N ALA C 20 -13.72 -12.83 1.78
CA ALA C 20 -12.34 -12.40 1.56
C ALA C 20 -12.24 -10.88 1.46
N PRO C 21 -12.10 -10.21 2.61
CA PRO C 21 -11.96 -8.75 2.66
C PRO C 21 -10.75 -8.27 1.85
N LYS C 22 -9.61 -8.87 2.09
CA LYS C 22 -8.38 -8.54 1.35
C LYS C 22 -7.62 -7.40 2.04
N ARG C 23 -7.29 -7.61 3.32
CA ARG C 23 -6.54 -6.62 4.08
C ARG C 23 -6.81 -5.21 3.57
N ALA C 24 -5.84 -4.32 3.75
CA ALA C 24 -5.99 -2.93 3.34
C ALA C 24 -4.81 -2.47 2.48
N LEU C 25 -4.88 -1.24 2.00
CA LEU C 25 -3.78 -0.66 1.24
C LEU C 25 -2.55 -0.52 2.11
N SER C 26 -1.56 0.21 1.61
CA SER C 26 -0.34 0.45 2.36
C SER C 26 0.04 1.93 2.34
N ALA C 27 0.89 2.33 3.27
CA ALA C 27 1.38 3.70 3.31
C ALA C 27 2.07 4.06 2.01
N TYR C 28 2.47 3.03 1.27
CA TYR C 28 3.16 3.22 0.00
C TYR C 28 2.18 3.55 -1.12
N MET C 29 0.95 3.07 -0.97
CA MET C 29 -0.09 3.32 -1.98
C MET C 29 -0.69 4.71 -1.82
N PHE C 30 -1.02 5.06 -0.58
CA PHE C 30 -1.56 6.39 -0.29
C PHE C 30 -0.52 7.47 -0.59
N PHE C 31 0.71 7.24 -0.13
CA PHE C 31 1.80 8.16 -0.42
C PHE C 31 2.12 8.16 -1.90
N ALA C 32 2.39 6.97 -2.45
CA ALA C 32 2.66 6.83 -3.88
C ALA C 32 1.49 7.36 -4.71
N ASN C 33 0.34 7.52 -4.07
CA ASN C 33 -0.83 8.08 -4.74
C ASN C 33 -0.65 9.58 -4.94
N GLU C 34 -0.27 10.28 -3.87
CA GLU C 34 0.01 11.71 -3.95
C GLU C 34 1.19 11.97 -4.87
N ASN C 35 2.28 11.24 -4.64
CA ASN C 35 3.48 11.38 -5.47
C ASN C 35 3.18 10.97 -6.91
N ARG C 36 2.91 9.69 -7.11
CA ARG C 36 2.56 9.17 -8.43
C ARG C 36 2.34 10.30 -9.42
N ASP C 37 1.30 11.10 -9.18
CA ASP C 37 0.99 12.22 -10.05
C ASP C 37 2.01 13.34 -9.88
N ILE C 38 2.25 13.74 -8.64
CA ILE C 38 3.23 14.77 -8.35
C ILE C 38 4.58 14.43 -8.99
N VAL C 39 5.23 13.40 -8.47
CA VAL C 39 6.53 12.98 -8.98
C VAL C 39 6.53 12.84 -10.49
N ARG C 40 5.67 11.96 -11.01
CA ARG C 40 5.61 11.70 -12.44
C ARG C 40 5.17 12.93 -13.20
N SER C 41 4.72 13.95 -12.48
CA SER C 41 4.28 15.20 -13.09
C SER C 41 5.46 16.17 -13.23
N GLU C 42 6.44 16.03 -12.34
CA GLU C 42 7.63 16.87 -12.37
C GLU C 42 8.74 16.20 -13.16
N ASN C 43 8.57 14.91 -13.43
CA ASN C 43 9.55 14.14 -14.18
C ASN C 43 8.87 13.14 -15.11
N PRO C 44 8.05 13.65 -16.04
CA PRO C 44 7.31 12.79 -16.99
C PRO C 44 8.25 11.93 -17.83
N ASP C 45 9.52 12.30 -17.87
CA ASP C 45 10.51 11.56 -18.63
C ASP C 45 10.80 10.21 -17.97
N ILE C 46 11.22 10.26 -16.70
CA ILE C 46 11.53 9.05 -15.96
C ILE C 46 10.41 8.02 -16.08
N THR C 47 10.79 6.77 -16.29
CA THR C 47 9.81 5.69 -16.41
C THR C 47 9.66 4.96 -15.08
N PHE C 48 8.74 3.99 -15.04
CA PHE C 48 8.48 3.23 -13.83
C PHE C 48 9.77 2.96 -13.06
N GLY C 49 10.88 2.87 -13.78
CA GLY C 49 12.15 2.53 -13.15
C GLY C 49 12.71 3.67 -12.32
N GLN C 50 12.70 4.88 -12.87
CA GLN C 50 13.21 6.05 -12.16
C GLN C 50 12.13 6.62 -11.25
N VAL C 51 10.97 6.89 -11.82
CA VAL C 51 9.84 7.40 -11.05
C VAL C 51 9.40 6.40 -9.99
N GLY C 52 9.52 5.11 -10.30
CA GLY C 52 9.12 4.08 -9.37
C GLY C 52 10.15 3.86 -8.27
N LYS C 53 11.23 3.16 -8.60
CA LYS C 53 12.29 2.90 -7.64
C LYS C 53 12.55 4.14 -6.80
N LYS C 54 12.49 5.31 -7.43
CA LYS C 54 12.65 6.57 -6.74
C LYS C 54 11.55 6.76 -5.69
N LEU C 55 10.30 6.64 -6.13
CA LEU C 55 9.17 6.73 -5.22
C LEU C 55 9.45 5.98 -3.93
N GLY C 56 10.09 4.82 -4.06
CA GLY C 56 10.43 4.02 -2.89
C GLY C 56 11.42 4.72 -1.98
N GLU C 57 12.60 5.01 -2.51
CA GLU C 57 13.64 5.68 -1.74
C GLU C 57 13.11 6.96 -1.11
N LYS C 58 12.57 7.84 -1.94
CA LYS C 58 12.00 9.10 -1.48
C LYS C 58 10.89 8.86 -0.46
N TRP C 59 10.16 7.76 -0.63
CA TRP C 59 9.07 7.43 0.28
C TRP C 59 9.59 7.34 1.71
N LYS C 60 10.62 6.53 1.91
CA LYS C 60 11.20 6.36 3.23
C LYS C 60 12.27 7.42 3.51
N ALA C 61 12.52 8.27 2.52
CA ALA C 61 13.51 9.32 2.64
C ALA C 61 12.93 10.57 3.29
N LEU C 62 11.63 10.78 3.12
CA LEU C 62 10.97 11.95 3.68
C LEU C 62 11.11 11.98 5.19
N THR C 63 10.29 11.17 5.88
CA THR C 63 10.30 11.12 7.34
C THR C 63 8.93 10.69 7.86
N PRO C 64 8.89 10.05 9.03
CA PRO C 64 7.65 9.61 9.66
C PRO C 64 6.57 10.67 9.60
N GLU C 65 6.95 11.91 9.93
CA GLU C 65 6.02 13.03 9.88
C GLU C 65 5.48 13.23 8.47
N GLU C 66 6.36 13.10 7.48
CA GLU C 66 5.97 13.23 6.08
C GLU C 66 4.97 12.15 5.71
N LYS C 67 5.10 10.99 6.34
CA LYS C 67 4.21 9.86 6.08
C LYS C 67 2.85 10.08 6.76
N GLN C 68 2.86 10.86 7.84
CA GLN C 68 1.64 11.13 8.59
C GLN C 68 0.40 11.03 7.71
N PRO C 69 0.34 11.87 6.66
CA PRO C 69 -0.81 11.91 5.74
C PRO C 69 -1.18 10.52 5.22
N TYR C 70 -0.21 9.85 4.61
CA TYR C 70 -0.46 8.56 3.98
C TYR C 70 -0.43 7.44 5.02
N GLU C 71 0.71 7.25 5.67
CA GLU C 71 0.83 6.23 6.71
C GLU C 71 -0.41 6.23 7.59
N ALA C 72 -0.81 7.42 8.04
CA ALA C 72 -2.04 7.58 8.79
C ALA C 72 -3.23 7.18 7.93
N LYS C 73 -3.17 7.55 6.66
CA LYS C 73 -4.17 7.13 5.68
C LYS C 73 -4.12 5.63 5.47
N ALA C 74 -3.07 5.01 6.00
CA ALA C 74 -2.89 3.57 5.87
C ALA C 74 -3.69 2.85 6.94
N GLN C 75 -3.53 3.29 8.19
CA GLN C 75 -4.33 2.75 9.29
C GLN C 75 -5.79 3.13 9.10
N ALA C 76 -6.01 4.26 8.43
CA ALA C 76 -7.37 4.69 8.09
C ALA C 76 -8.00 3.72 7.11
N ASP C 77 -7.25 3.35 6.08
CA ASP C 77 -7.70 2.38 5.09
C ASP C 77 -7.76 0.98 5.70
N LYS C 78 -6.95 0.77 6.74
CA LYS C 78 -6.93 -0.50 7.46
C LYS C 78 -8.30 -0.79 8.06
N LYS C 79 -8.88 0.23 8.71
CA LYS C 79 -10.23 0.11 9.25
C LYS C 79 -11.24 -0.03 8.13
N ARG C 80 -11.03 0.73 7.06
CA ARG C 80 -11.89 0.65 5.88
C ARG C 80 -12.25 -0.80 5.58
N TYR C 81 -11.23 -1.60 5.30
CA TYR C 81 -11.43 -3.02 5.02
C TYR C 81 -11.78 -3.77 6.30
N GLU C 82 -11.32 -3.25 7.43
CA GLU C 82 -11.61 -3.88 8.72
C GLU C 82 -13.09 -4.13 8.88
N SER C 83 -13.90 -3.31 8.22
CA SER C 83 -15.35 -3.47 8.24
C SER C 83 -15.77 -4.65 7.38
N GLU C 84 -15.08 -4.82 6.25
CA GLU C 84 -15.36 -5.93 5.35
C GLU C 84 -15.02 -7.27 6.00
N LYS C 85 -14.00 -7.27 6.85
CA LYS C 85 -13.59 -8.48 7.56
C LYS C 85 -14.56 -8.79 8.70
N GLU C 86 -14.91 -7.78 9.47
CA GLU C 86 -15.88 -7.94 10.55
C GLU C 86 -17.17 -8.54 10.00
N LEU C 87 -17.51 -8.18 8.76
CA LEU C 87 -18.67 -8.74 8.10
C LEU C 87 -18.30 -10.02 7.36
N TYR C 88 -17.01 -10.17 7.06
CA TYR C 88 -16.51 -11.39 6.45
C TYR C 88 -16.90 -12.59 7.29
N ASN C 89 -16.85 -12.42 8.61
CA ASN C 89 -17.25 -13.46 9.54
C ASN C 89 -18.70 -13.26 9.97
N ALA C 90 -19.14 -12.01 10.00
CA ALA C 90 -20.52 -11.69 10.38
C ALA C 90 -21.48 -11.99 9.25
N THR C 91 -20.95 -12.52 8.14
CA THR C 91 -21.76 -12.85 6.98
C THR C 91 -21.44 -14.25 6.48
N LEU C 92 -20.16 -14.56 6.39
CA LEU C 92 -19.72 -15.88 5.95
C LEU C 92 -19.96 -16.92 7.04
N ALA C 93 -19.88 -16.50 8.29
CA ALA C 93 -20.09 -17.39 9.42
C ALA C 93 -21.38 -17.06 10.16
N MET C 1 11.13 -11.49 13.16
CA MET C 1 9.80 -12.05 13.47
C MET C 1 8.75 -11.56 12.47
N VAL C 2 9.18 -11.31 11.25
CA VAL C 2 8.28 -10.83 10.20
C VAL C 2 8.87 -11.08 8.82
N THR C 3 8.00 -11.02 7.80
CA THR C 3 8.44 -11.24 6.42
C THR C 3 9.68 -10.42 6.10
N PRO C 4 10.69 -11.07 5.49
CA PRO C 4 11.95 -10.41 5.13
C PRO C 4 11.72 -9.13 4.33
N ARG C 5 11.14 -9.28 3.14
CA ARG C 5 10.87 -8.14 2.27
C ARG C 5 10.08 -8.57 1.03
N GLU C 6 10.51 -9.66 0.41
CA GLU C 6 9.84 -10.18 -0.78
C GLU C 6 9.56 -11.67 -0.65
N PRO C 7 8.28 -12.05 -0.59
CA PRO C 7 7.89 -13.46 -0.46
C PRO C 7 8.17 -14.26 -1.72
N LYS C 8 8.84 -15.40 -1.56
CA LYS C 8 9.18 -16.25 -2.68
C LYS C 8 7.95 -17.02 -3.17
N LYS C 9 7.27 -16.48 -4.17
CA LYS C 9 6.09 -17.12 -4.72
C LYS C 9 5.34 -16.16 -5.65
N ARG C 10 5.32 -16.48 -6.94
CA ARG C 10 4.65 -15.65 -7.93
C ARG C 10 3.14 -15.81 -7.84
N THR C 11 2.41 -14.76 -8.16
CA THR C 11 0.95 -14.79 -8.13
C THR C 11 0.46 -15.49 -6.86
N THR C 12 1.28 -15.44 -5.81
CA THR C 12 0.93 -16.08 -4.55
C THR C 12 -0.58 -16.00 -4.29
N ARG C 13 -1.16 -14.84 -4.56
CA ARG C 13 -2.59 -14.63 -4.35
C ARG C 13 -3.37 -15.90 -4.61
N LYS C 14 -4.47 -16.08 -3.90
CA LYS C 14 -5.31 -17.26 -4.05
C LYS C 14 -6.63 -17.10 -3.29
N LYS C 15 -7.71 -16.91 -4.03
CA LYS C 15 -9.03 -16.74 -3.42
C LYS C 15 -9.26 -17.78 -2.32
N LYS C 16 -9.60 -17.30 -1.14
CA LYS C 16 -9.86 -18.18 0.00
C LYS C 16 -10.54 -17.43 1.14
N ASP C 17 -11.85 -17.28 1.05
CA ASP C 17 -12.61 -16.59 2.08
C ASP C 17 -14.05 -16.36 1.62
N PRO C 18 -15.01 -16.70 2.49
CA PRO C 18 -16.44 -16.53 2.20
C PRO C 18 -16.80 -15.06 1.96
N ASN C 19 -16.63 -14.24 2.99
CA ASN C 19 -16.91 -12.81 2.88
C ASN C 19 -15.69 -12.08 2.31
N ALA C 20 -14.56 -12.76 2.29
CA ALA C 20 -13.33 -12.19 1.75
C ALA C 20 -13.24 -10.70 2.02
N PRO C 21 -12.59 -10.33 3.14
CA PRO C 21 -12.41 -8.93 3.52
C PRO C 21 -11.47 -8.20 2.56
N LYS C 22 -10.37 -8.85 2.20
CA LYS C 22 -9.40 -8.28 1.28
C LYS C 22 -8.54 -7.24 1.97
N ARG C 23 -7.54 -7.71 2.73
CA ARG C 23 -6.63 -6.84 3.44
C ARG C 23 -6.65 -5.41 2.90
N ALA C 24 -6.54 -4.45 3.79
CA ALA C 24 -6.56 -3.04 3.39
C ALA C 24 -5.34 -2.68 2.56
N LEU C 25 -5.33 -1.46 2.04
CA LEU C 25 -4.20 -0.96 1.28
C LEU C 25 -2.98 -0.80 2.18
N SER C 26 -1.99 -0.06 1.69
CA SER C 26 -0.76 0.17 2.46
C SER C 26 -0.40 1.65 2.46
N ALA C 27 0.42 2.04 3.44
CA ALA C 27 0.87 3.42 3.54
C ALA C 27 1.66 3.83 2.30
N TYR C 28 2.29 2.85 1.66
CA TYR C 28 3.07 3.10 0.46
C TYR C 28 2.17 3.35 -0.74
N MET C 29 0.92 2.90 -0.66
CA MET C 29 -0.04 3.06 -1.75
C MET C 29 -0.69 4.44 -1.67
N PHE C 30 -1.12 4.83 -0.48
CA PHE C 30 -1.73 6.14 -0.30
C PHE C 30 -0.72 7.25 -0.60
N PHE C 31 0.49 7.10 -0.08
CA PHE C 31 1.57 8.03 -0.36
C PHE C 31 1.96 7.96 -1.84
N ALA C 32 2.22 6.75 -2.32
CA ALA C 32 2.56 6.53 -3.72
C ALA C 32 1.45 7.08 -4.62
N ASN C 33 0.25 7.21 -4.08
CA ASN C 33 -0.87 7.77 -4.82
C ASN C 33 -0.67 9.27 -5.03
N GLU C 34 -0.35 9.97 -3.95
CA GLU C 34 -0.08 11.41 -4.03
C GLU C 34 1.12 11.68 -4.91
N ASN C 35 2.17 10.90 -4.73
CA ASN C 35 3.38 11.06 -5.53
C ASN C 35 3.11 10.77 -7.00
N ARG C 36 2.92 9.50 -7.32
CA ARG C 36 2.59 9.09 -8.68
C ARG C 36 2.33 10.30 -9.57
N ASP C 37 1.25 11.03 -9.27
CA ASP C 37 0.90 12.21 -10.04
C ASP C 37 1.93 13.31 -9.83
N ILE C 38 2.19 13.67 -8.58
CA ILE C 38 3.17 14.68 -8.24
C ILE C 38 4.55 14.30 -8.78
N VAL C 39 5.15 13.28 -8.18
CA VAL C 39 6.47 12.82 -8.57
C VAL C 39 6.62 12.81 -10.09
N ARG C 40 5.82 11.98 -10.76
CA ARG C 40 5.89 11.86 -12.21
C ARG C 40 5.55 13.17 -12.90
N SER C 41 4.78 14.01 -12.20
CA SER C 41 4.41 15.31 -12.74
C SER C 41 5.62 16.22 -12.84
N GLU C 42 6.60 15.99 -11.98
CA GLU C 42 7.84 16.75 -11.99
C GLU C 42 8.90 16.04 -12.80
N ASN C 43 8.70 14.74 -13.02
CA ASN C 43 9.65 13.94 -13.78
C ASN C 43 8.91 13.01 -14.74
N PRO C 44 8.13 13.59 -15.67
CA PRO C 44 7.36 12.81 -16.65
C PRO C 44 8.25 11.97 -17.55
N ASP C 45 9.56 12.19 -17.46
CA ASP C 45 10.52 11.47 -18.28
C ASP C 45 10.86 10.12 -17.66
N ILE C 46 11.39 10.16 -16.43
CA ILE C 46 11.78 8.95 -15.73
C ILE C 46 10.84 7.79 -16.04
N THR C 47 11.36 6.58 -16.00
CA THR C 47 10.57 5.39 -16.27
C THR C 47 10.31 4.61 -14.98
N PHE C 48 9.49 3.57 -15.08
CA PHE C 48 9.17 2.73 -13.93
C PHE C 48 10.37 2.61 -12.99
N GLY C 49 11.53 2.28 -13.56
CA GLY C 49 12.72 2.10 -12.76
C GLY C 49 13.42 3.41 -12.46
N GLN C 50 12.63 4.44 -12.18
CA GLN C 50 13.17 5.74 -11.82
C GLN C 50 12.16 6.52 -10.98
N VAL C 51 10.92 6.57 -11.47
CA VAL C 51 9.83 7.19 -10.72
C VAL C 51 9.34 6.24 -9.63
N GLY C 52 9.32 4.95 -9.94
CA GLY C 52 8.90 3.95 -8.97
C GLY C 52 9.96 3.71 -7.91
N LYS C 53 11.20 3.51 -8.36
CA LYS C 53 12.30 3.30 -7.43
C LYS C 53 12.57 4.56 -6.62
N LYS C 54 12.51 5.71 -7.28
CA LYS C 54 12.69 6.99 -6.61
C LYS C 54 11.53 7.27 -5.66
N LEU C 55 10.36 6.71 -5.98
CA LEU C 55 9.19 6.87 -5.14
C LEU C 55 9.40 6.24 -3.77
N GLY C 56 9.79 4.97 -3.78
CA GLY C 56 10.03 4.26 -2.52
C GLY C 56 11.11 4.91 -1.69
N GLU C 57 12.28 5.11 -2.29
CA GLU C 57 13.40 5.75 -1.60
C GLU C 57 12.96 7.07 -0.99
N LYS C 58 12.28 7.89 -1.78
CA LYS C 58 11.79 9.17 -1.31
C LYS C 58 10.65 9.00 -0.30
N TRP C 59 9.98 7.86 -0.37
CA TRP C 59 8.89 7.56 0.55
C TRP C 59 9.38 7.57 1.98
N LYS C 60 10.39 6.75 2.25
CA LYS C 60 10.98 6.69 3.59
C LYS C 60 11.96 7.83 3.80
N ALA C 61 12.34 8.49 2.72
CA ALA C 61 13.29 9.60 2.78
C ALA C 61 12.66 10.81 3.49
N LEU C 62 11.38 11.05 3.25
CA LEU C 62 10.68 12.18 3.85
C LEU C 62 10.82 12.15 5.37
N THR C 63 10.05 11.28 6.01
CA THR C 63 10.06 11.18 7.47
C THR C 63 8.69 10.74 7.98
N PRO C 64 8.65 9.99 9.09
CA PRO C 64 7.40 9.52 9.68
C PRO C 64 6.32 10.60 9.68
N GLU C 65 6.72 11.82 10.06
CA GLU C 65 5.80 12.94 10.07
C GLU C 65 5.23 13.20 8.67
N GLU C 66 6.11 13.22 7.67
CA GLU C 66 5.70 13.41 6.29
C GLU C 66 4.73 12.32 5.86
N LYS C 67 4.84 11.16 6.51
CA LYS C 67 3.97 10.03 6.21
C LYS C 67 2.61 10.20 6.90
N GLN C 68 2.60 10.94 8.00
CA GLN C 68 1.39 11.14 8.77
C GLN C 68 0.15 11.11 7.89
N PRO C 69 0.14 11.88 6.80
CA PRO C 69 -0.99 11.95 5.89
C PRO C 69 -1.40 10.58 5.37
N TYR C 70 -0.46 9.89 4.74
CA TYR C 70 -0.73 8.58 4.15
C TYR C 70 -0.70 7.48 5.20
N GLU C 71 0.44 7.33 5.88
CA GLU C 71 0.56 6.34 6.93
C GLU C 71 -0.68 6.34 7.81
N ALA C 72 -1.10 7.53 8.21
CA ALA C 72 -2.36 7.68 8.94
C ALA C 72 -3.52 7.24 8.08
N LYS C 73 -3.45 7.59 6.79
CA LYS C 73 -4.42 7.11 5.81
C LYS C 73 -4.31 5.60 5.63
N ALA C 74 -3.26 5.02 6.22
CA ALA C 74 -3.02 3.59 6.12
C ALA C 74 -3.79 2.86 7.22
N GLN C 75 -3.72 3.39 8.44
CA GLN C 75 -4.50 2.85 9.54
C GLN C 75 -5.98 3.19 9.34
N ALA C 76 -6.23 4.26 8.59
CA ALA C 76 -7.58 4.65 8.24
C ALA C 76 -8.19 3.66 7.24
N ASP C 77 -7.41 3.32 6.22
CA ASP C 77 -7.82 2.34 5.22
C ASP C 77 -7.79 0.93 5.82
N LYS C 78 -6.92 0.75 6.82
CA LYS C 78 -6.83 -0.52 7.52
C LYS C 78 -8.16 -0.86 8.19
N LYS C 79 -8.75 0.13 8.84
CA LYS C 79 -10.06 -0.04 9.45
C LYS C 79 -11.14 -0.17 8.38
N ARG C 80 -11.05 0.68 7.36
CA ARG C 80 -11.99 0.63 6.24
C ARG C 80 -12.30 -0.82 5.87
N TYR C 81 -11.25 -1.60 5.64
CA TYR C 81 -11.41 -3.01 5.31
C TYR C 81 -11.61 -3.83 6.58
N GLU C 82 -11.12 -3.32 7.71
CA GLU C 82 -11.29 -3.98 8.99
C GLU C 82 -12.77 -4.22 9.26
N SER C 83 -13.62 -3.50 8.53
CA SER C 83 -15.06 -3.67 8.66
C SER C 83 -15.53 -4.96 7.99
N GLU C 84 -15.06 -5.17 6.76
CA GLU C 84 -15.44 -6.37 6.00
C GLU C 84 -14.73 -7.60 6.55
N LYS C 85 -13.70 -7.38 7.36
CA LYS C 85 -12.98 -8.49 7.99
C LYS C 85 -13.66 -8.89 9.29
N GLU C 86 -13.91 -7.91 10.15
CA GLU C 86 -14.61 -8.16 11.40
C GLU C 86 -15.94 -8.85 11.15
N LEU C 87 -16.60 -8.48 10.05
CA LEU C 87 -17.85 -9.12 9.67
C LEU C 87 -17.58 -10.42 8.94
N TYR C 88 -16.57 -10.40 8.07
CA TYR C 88 -16.14 -11.61 7.39
C TYR C 88 -16.23 -12.81 8.31
N ASN C 89 -15.83 -12.62 9.56
CA ASN C 89 -15.91 -13.67 10.56
C ASN C 89 -17.23 -13.59 11.33
N ALA C 90 -17.76 -12.38 11.47
CA ALA C 90 -19.01 -12.17 12.18
C ALA C 90 -20.21 -12.50 11.29
N THR C 91 -19.94 -13.15 10.16
CA THR C 91 -20.99 -13.52 9.22
C THR C 91 -20.71 -14.90 8.63
N LEU C 92 -19.45 -15.14 8.30
CA LEU C 92 -19.04 -16.43 7.75
C LEU C 92 -18.89 -17.47 8.85
N ALA C 93 -18.53 -17.01 10.05
CA ALA C 93 -18.36 -17.91 11.19
C ALA C 93 -17.02 -18.63 11.12
N MET C 1 8.54 -0.99 11.23
CA MET C 1 8.20 -2.01 12.25
C MET C 1 7.68 -3.29 11.60
N VAL C 2 8.38 -4.40 11.83
CA VAL C 2 8.00 -5.68 11.27
C VAL C 2 7.86 -5.60 9.76
N THR C 3 8.77 -6.25 9.05
CA THR C 3 8.74 -6.25 7.58
C THR C 3 9.88 -7.09 7.02
N PRO C 4 9.60 -7.85 5.95
CA PRO C 4 10.61 -8.71 5.30
C PRO C 4 11.89 -7.95 4.96
N ARG C 5 12.68 -8.53 4.06
CA ARG C 5 13.93 -7.91 3.65
C ARG C 5 14.22 -8.20 2.18
N GLU C 6 13.97 -9.43 1.76
CA GLU C 6 14.19 -9.83 0.38
C GLU C 6 12.87 -10.02 -0.36
N PRO C 7 12.16 -8.91 -0.63
CA PRO C 7 10.87 -8.94 -1.33
C PRO C 7 11.02 -9.32 -2.79
N LYS C 8 10.77 -10.59 -3.11
CA LYS C 8 10.87 -11.08 -4.48
C LYS C 8 9.92 -12.26 -4.71
N LYS C 9 9.79 -12.65 -5.98
CA LYS C 9 8.91 -13.76 -6.33
C LYS C 9 7.47 -13.29 -6.48
N ARG C 10 6.87 -12.86 -5.37
CA ARG C 10 5.50 -12.40 -5.37
C ARG C 10 4.61 -13.33 -6.18
N THR C 11 3.51 -12.78 -6.71
CA THR C 11 2.58 -13.58 -7.51
C THR C 11 1.96 -14.69 -6.66
N THR C 12 0.62 -14.76 -6.69
CA THR C 12 -0.09 -15.78 -5.93
C THR C 12 -1.57 -15.44 -5.82
N ARG C 13 -1.94 -14.79 -4.72
CA ARG C 13 -3.32 -14.37 -4.50
C ARG C 13 -4.29 -15.32 -5.20
N LYS C 14 -4.31 -16.58 -4.77
CA LYS C 14 -5.19 -17.58 -5.36
C LYS C 14 -6.47 -17.72 -4.55
N LYS C 15 -7.00 -16.60 -4.08
CA LYS C 15 -8.23 -16.60 -3.29
C LYS C 15 -8.12 -17.59 -2.13
N LYS C 16 -9.09 -17.51 -1.22
CA LYS C 16 -9.11 -18.39 -0.05
C LYS C 16 -9.94 -17.80 1.06
N ASP C 17 -11.26 -17.92 0.94
CA ASP C 17 -12.18 -17.38 1.96
C ASP C 17 -13.57 -17.16 1.37
N PRO C 18 -14.60 -17.31 2.20
CA PRO C 18 -15.99 -17.09 1.79
C PRO C 18 -16.21 -15.69 1.24
N ASN C 19 -15.90 -14.68 2.06
CA ASN C 19 -16.02 -13.29 1.64
C ASN C 19 -14.65 -12.69 1.39
N ALA C 20 -13.64 -13.26 2.04
CA ALA C 20 -12.26 -12.80 1.86
C ALA C 20 -12.19 -11.29 1.70
N PRO C 21 -12.08 -10.57 2.83
CA PRO C 21 -11.97 -9.11 2.82
C PRO C 21 -10.81 -8.62 1.95
N LYS C 22 -9.61 -9.11 2.25
CA LYS C 22 -8.42 -8.76 1.50
C LYS C 22 -7.72 -7.53 2.10
N ARG C 23 -7.27 -7.68 3.34
CA ARG C 23 -6.53 -6.62 4.02
C ARG C 23 -6.93 -5.25 3.49
N ALA C 24 -5.99 -4.31 3.56
CA ALA C 24 -6.24 -2.95 3.09
C ALA C 24 -5.09 -2.44 2.22
N LEU C 25 -5.05 -1.14 2.00
CA LEU C 25 -3.95 -0.52 1.27
C LEU C 25 -2.78 -0.28 2.21
N SER C 26 -1.68 0.20 1.65
CA SER C 26 -0.48 0.46 2.44
C SER C 26 -0.10 1.93 2.39
N ALA C 27 0.75 2.35 3.31
CA ALA C 27 1.23 3.73 3.35
C ALA C 27 1.95 4.07 2.04
N TYR C 28 2.36 3.04 1.32
CA TYR C 28 3.06 3.22 0.06
C TYR C 28 2.08 3.51 -1.07
N MET C 29 0.84 3.04 -0.92
CA MET C 29 -0.19 3.25 -1.92
C MET C 29 -0.79 4.66 -1.80
N PHE C 30 -1.12 5.04 -0.58
CA PHE C 30 -1.67 6.38 -0.33
C PHE C 30 -0.63 7.45 -0.64
N PHE C 31 0.59 7.23 -0.16
CA PHE C 31 1.69 8.15 -0.44
C PHE C 31 2.03 8.12 -1.93
N ALA C 32 2.23 6.93 -2.47
CA ALA C 32 2.51 6.77 -3.88
C ALA C 32 1.37 7.33 -4.72
N ASN C 33 0.19 7.44 -4.12
CA ASN C 33 -0.96 8.03 -4.79
C ASN C 33 -0.73 9.52 -5.01
N GLU C 34 -0.29 10.20 -3.96
CA GLU C 34 0.03 11.63 -4.05
C GLU C 34 1.22 11.86 -4.97
N ASN C 35 2.27 11.06 -4.79
CA ASN C 35 3.47 11.18 -5.61
C ASN C 35 3.17 10.82 -7.05
N ARG C 36 2.96 9.52 -7.31
CA ARG C 36 2.62 9.04 -8.64
C ARG C 36 2.34 10.20 -9.59
N ASP C 37 1.28 10.95 -9.31
CA ASP C 37 0.90 12.09 -10.14
C ASP C 37 1.92 13.22 -9.99
N ILE C 38 2.17 13.62 -8.75
CA ILE C 38 3.14 14.67 -8.47
C ILE C 38 4.51 14.32 -9.06
N VAL C 39 5.16 13.33 -8.46
CA VAL C 39 6.49 12.91 -8.91
C VAL C 39 6.54 12.73 -10.42
N ARG C 40 5.70 11.84 -10.94
CA ARG C 40 5.68 11.56 -12.37
C ARG C 40 5.29 12.81 -13.16
N SER C 41 4.67 13.77 -12.49
CA SER C 41 4.28 15.02 -13.12
C SER C 41 5.50 15.93 -13.32
N GLU C 42 6.47 15.78 -12.43
CA GLU C 42 7.71 16.55 -12.53
C GLU C 42 8.75 15.78 -13.34
N ASN C 43 8.50 14.49 -13.52
CA ASN C 43 9.41 13.64 -14.29
C ASN C 43 8.62 12.71 -15.21
N PRO C 44 7.85 13.28 -16.14
CA PRO C 44 7.01 12.50 -17.06
C PRO C 44 7.83 11.62 -17.99
N ASP C 45 9.14 11.83 -18.01
CA ASP C 45 10.03 11.08 -18.89
C ASP C 45 11.35 10.74 -18.19
N ILE C 46 11.27 9.89 -17.17
CA ILE C 46 12.47 9.45 -16.46
C ILE C 46 12.51 7.93 -16.36
N THR C 47 11.46 7.28 -16.84
CA THR C 47 11.38 5.82 -16.81
C THR C 47 10.86 5.33 -15.47
N PHE C 48 10.31 4.12 -15.46
CA PHE C 48 9.77 3.54 -14.23
C PHE C 48 10.86 3.35 -13.19
N GLY C 49 12.07 3.05 -13.64
CA GLY C 49 13.17 2.84 -12.74
C GLY C 49 13.69 4.14 -12.14
N GLN C 50 13.07 5.25 -12.54
CA GLN C 50 13.45 6.55 -12.01
C GLN C 50 12.39 7.04 -11.02
N VAL C 51 11.16 7.18 -11.50
CA VAL C 51 10.06 7.62 -10.66
C VAL C 51 9.69 6.54 -9.66
N GLY C 52 9.60 5.30 -10.13
CA GLY C 52 9.25 4.20 -9.25
C GLY C 52 10.25 4.03 -8.12
N LYS C 53 11.51 3.75 -8.47
CA LYS C 53 12.55 3.59 -7.47
C LYS C 53 12.72 4.88 -6.66
N LYS C 54 12.37 6.01 -7.28
CA LYS C 54 12.43 7.30 -6.61
C LYS C 54 11.29 7.45 -5.61
N LEU C 55 10.20 6.74 -5.87
CA LEU C 55 9.04 6.77 -4.98
C LEU C 55 9.35 6.01 -3.69
N GLY C 56 9.93 4.83 -3.84
CA GLY C 56 10.28 4.03 -2.67
C GLY C 56 11.33 4.70 -1.80
N GLU C 57 12.45 5.07 -2.42
CA GLU C 57 13.53 5.73 -1.70
C GLU C 57 13.04 7.04 -1.09
N LYS C 58 12.50 7.91 -1.93
CA LYS C 58 11.98 9.19 -1.47
C LYS C 58 10.85 8.99 -0.46
N TRP C 59 10.18 7.85 -0.56
CA TRP C 59 9.09 7.53 0.35
C TRP C 59 9.60 7.48 1.79
N LYS C 60 10.56 6.61 2.04
CA LYS C 60 11.16 6.48 3.36
C LYS C 60 12.19 7.57 3.60
N ALA C 61 12.45 8.37 2.57
CA ALA C 61 13.42 9.45 2.66
C ALA C 61 12.85 10.65 3.40
N LEU C 62 11.58 10.94 3.15
CA LEU C 62 10.93 12.08 3.79
C LEU C 62 11.08 12.02 5.31
N THR C 63 10.31 11.13 5.93
CA THR C 63 10.34 10.97 7.38
C THR C 63 8.97 10.52 7.89
N PRO C 64 8.96 9.73 8.98
CA PRO C 64 7.72 9.25 9.58
C PRO C 64 6.65 10.33 9.62
N GLU C 65 7.04 11.53 10.04
CA GLU C 65 6.11 12.66 10.10
C GLU C 65 5.53 12.95 8.73
N GLU C 66 6.40 13.01 7.72
CA GLU C 66 5.97 13.24 6.34
C GLU C 66 4.99 12.16 5.90
N LYS C 67 5.08 10.99 6.52
CA LYS C 67 4.20 9.87 6.19
C LYS C 67 2.87 10.02 6.90
N GLN C 68 2.86 10.71 8.03
CA GLN C 68 1.64 10.90 8.81
C GLN C 68 0.41 10.95 7.92
N PRO C 69 0.44 11.78 6.87
CA PRO C 69 -0.69 11.93 5.95
C PRO C 69 -1.14 10.60 5.36
N TYR C 70 -0.20 9.90 4.72
CA TYR C 70 -0.51 8.63 4.08
C TYR C 70 -0.51 7.49 5.09
N GLU C 71 0.63 7.25 5.72
CA GLU C 71 0.74 6.22 6.74
C GLU C 71 -0.52 6.19 7.61
N ALA C 72 -0.90 7.37 8.11
CA ALA C 72 -2.14 7.51 8.85
C ALA C 72 -3.32 7.15 7.96
N LYS C 73 -3.27 7.61 6.71
CA LYS C 73 -4.26 7.23 5.72
C LYS C 73 -4.26 5.71 5.52
N ALA C 74 -3.19 5.08 5.97
CA ALA C 74 -3.07 3.62 5.89
C ALA C 74 -3.92 2.96 6.95
N GLN C 75 -3.79 3.45 8.19
CA GLN C 75 -4.65 2.98 9.27
C GLN C 75 -6.11 3.27 8.96
N ALA C 76 -6.33 4.34 8.20
CA ALA C 76 -7.68 4.70 7.77
C ALA C 76 -8.26 3.64 6.84
N ASP C 77 -7.47 3.24 5.85
CA ASP C 77 -7.88 2.20 4.92
C ASP C 77 -7.88 0.83 5.59
N LYS C 78 -7.09 0.71 6.65
CA LYS C 78 -7.01 -0.53 7.41
C LYS C 78 -8.37 -0.86 8.03
N LYS C 79 -8.96 0.12 8.69
CA LYS C 79 -10.29 -0.03 9.26
C LYS C 79 -11.33 -0.21 8.15
N ARG C 80 -11.14 0.53 7.07
CA ARG C 80 -12.02 0.41 5.90
C ARG C 80 -12.32 -1.06 5.61
N TYR C 81 -11.27 -1.84 5.40
CA TYR C 81 -11.41 -3.26 5.13
C TYR C 81 -11.73 -4.02 6.42
N GLU C 82 -11.32 -3.46 7.55
CA GLU C 82 -11.58 -4.07 8.84
C GLU C 82 -13.07 -4.32 9.03
N SER C 83 -13.88 -3.52 8.34
CA SER C 83 -15.32 -3.69 8.38
C SER C 83 -15.74 -4.88 7.51
N GLU C 84 -15.02 -5.08 6.41
CA GLU C 84 -15.29 -6.19 5.52
C GLU C 84 -14.96 -7.52 6.18
N LYS C 85 -13.96 -7.51 7.06
CA LYS C 85 -13.57 -8.71 7.78
C LYS C 85 -14.57 -9.00 8.90
N GLU C 86 -14.91 -7.96 9.66
CA GLU C 86 -15.90 -8.11 10.72
C GLU C 86 -17.19 -8.72 10.17
N LEU C 87 -17.51 -8.36 8.93
CA LEU C 87 -18.67 -8.94 8.26
C LEU C 87 -18.28 -10.24 7.56
N TYR C 88 -16.99 -10.39 7.27
CA TYR C 88 -16.48 -11.62 6.69
C TYR C 88 -16.89 -12.82 7.56
N ASN C 89 -16.87 -12.61 8.87
CA ASN C 89 -17.30 -13.63 9.81
C ASN C 89 -18.77 -13.44 10.18
N ALA C 90 -19.22 -12.18 10.17
CA ALA C 90 -20.61 -11.88 10.50
C ALA C 90 -21.54 -12.23 9.33
N THR C 91 -20.95 -12.77 8.27
CA THR C 91 -21.72 -13.15 7.09
C THR C 91 -21.38 -14.56 6.65
N LEU C 92 -20.09 -14.85 6.58
CA LEU C 92 -19.62 -16.19 6.20
C LEU C 92 -19.90 -17.20 7.30
N ALA C 93 -19.88 -16.73 8.55
CA ALA C 93 -20.14 -17.61 9.68
C ALA C 93 -21.21 -18.64 9.36
N MET C 1 4.80 -8.42 13.02
CA MET C 1 5.24 -7.29 12.16
C MET C 1 6.53 -7.64 11.42
N VAL C 2 6.49 -8.71 10.64
CA VAL C 2 7.65 -9.15 9.88
C VAL C 2 7.92 -8.23 8.70
N THR C 3 8.63 -7.13 8.96
CA THR C 3 8.96 -6.17 7.92
C THR C 3 10.43 -5.78 7.99
N PRO C 4 11.31 -6.76 8.13
CA PRO C 4 12.76 -6.53 8.21
C PRO C 4 13.35 -6.08 6.88
N ARG C 5 12.83 -6.66 5.79
CA ARG C 5 13.31 -6.32 4.46
C ARG C 5 12.73 -7.27 3.42
N GLU C 6 13.26 -7.20 2.20
CA GLU C 6 12.79 -8.06 1.11
C GLU C 6 11.32 -7.80 0.81
N PRO C 7 11.03 -7.23 -0.37
CA PRO C 7 9.66 -6.92 -0.79
C PRO C 7 8.85 -8.19 -1.09
N LYS C 8 9.55 -9.33 -1.15
CA LYS C 8 8.90 -10.60 -1.43
C LYS C 8 8.52 -10.69 -2.91
N LYS C 9 8.52 -11.92 -3.44
CA LYS C 9 8.17 -12.16 -4.83
C LYS C 9 7.23 -13.35 -4.96
N ARG C 10 6.86 -13.67 -6.20
CA ARG C 10 5.98 -14.79 -6.46
C ARG C 10 4.70 -14.69 -5.64
N THR C 11 4.08 -15.82 -5.37
CA THR C 11 2.85 -15.86 -4.59
C THR C 11 1.63 -15.63 -5.49
N THR C 12 1.61 -14.48 -6.15
CA THR C 12 0.50 -14.13 -7.03
C THR C 12 -0.84 -14.36 -6.35
N ARG C 13 -1.41 -13.31 -5.79
CA ARG C 13 -2.69 -13.40 -5.09
C ARG C 13 -3.59 -14.44 -5.74
N LYS C 14 -3.96 -15.46 -4.97
CA LYS C 14 -4.81 -16.52 -5.47
C LYS C 14 -6.19 -16.47 -4.82
N LYS C 15 -6.22 -16.04 -3.55
CA LYS C 15 -7.48 -15.94 -2.81
C LYS C 15 -7.85 -17.28 -2.19
N LYS C 16 -8.73 -17.24 -1.19
CA LYS C 16 -9.17 -18.44 -0.51
C LYS C 16 -10.12 -18.11 0.64
N ASP C 17 -11.27 -17.54 0.29
CA ASP C 17 -12.26 -17.16 1.29
C ASP C 17 -13.63 -16.94 0.65
N PRO C 18 -14.71 -17.08 1.43
CA PRO C 18 -16.08 -16.86 0.94
C PRO C 18 -16.27 -15.46 0.41
N ASN C 19 -15.96 -14.46 1.22
CA ASN C 19 -16.05 -13.07 0.80
C ASN C 19 -14.67 -12.44 0.69
N ALA C 20 -13.70 -13.05 1.36
CA ALA C 20 -12.32 -12.58 1.32
C ALA C 20 -12.25 -11.06 1.34
N PRO C 21 -11.96 -10.47 2.51
CA PRO C 21 -11.83 -9.02 2.67
C PRO C 21 -10.64 -8.47 1.89
N LYS C 22 -9.50 -9.15 2.00
CA LYS C 22 -8.31 -8.76 1.27
C LYS C 22 -7.50 -7.71 2.04
N ARG C 23 -7.24 -7.98 3.31
CA ARG C 23 -6.45 -7.09 4.14
C ARG C 23 -6.68 -5.63 3.74
N ALA C 24 -5.77 -4.75 4.17
CA ALA C 24 -5.88 -3.34 3.86
C ALA C 24 -4.71 -2.87 2.99
N LEU C 25 -4.89 -1.73 2.33
CA LEU C 25 -3.83 -1.14 1.55
C LEU C 25 -2.58 -0.95 2.40
N SER C 26 -1.66 -0.13 1.92
CA SER C 26 -0.42 0.12 2.65
C SER C 26 -0.07 1.61 2.63
N ALA C 27 0.79 2.02 3.56
CA ALA C 27 1.23 3.41 3.64
C ALA C 27 1.98 3.81 2.38
N TYR C 28 2.57 2.82 1.70
CA TYR C 28 3.31 3.07 0.48
C TYR C 28 2.36 3.34 -0.68
N MET C 29 1.12 2.88 -0.55
CA MET C 29 0.12 3.06 -1.59
C MET C 29 -0.54 4.43 -1.48
N PHE C 30 -0.95 4.79 -0.29
CA PHE C 30 -1.56 6.10 -0.06
C PHE C 30 -0.57 7.22 -0.38
N PHE C 31 0.66 7.06 0.10
CA PHE C 31 1.71 8.01 -0.21
C PHE C 31 2.06 7.96 -1.70
N ALA C 32 2.34 6.76 -2.20
CA ALA C 32 2.64 6.57 -3.60
C ALA C 32 1.49 7.08 -4.48
N ASN C 33 0.33 7.24 -3.87
CA ASN C 33 -0.84 7.76 -4.58
C ASN C 33 -0.70 9.26 -4.79
N GLU C 34 -0.37 9.98 -3.72
CA GLU C 34 -0.14 11.42 -3.81
C GLU C 34 1.04 11.73 -4.72
N ASN C 35 2.13 11.00 -4.53
CA ASN C 35 3.31 11.17 -5.35
C ASN C 35 3.03 10.81 -6.80
N ARG C 36 2.76 9.54 -7.04
CA ARG C 36 2.43 9.06 -8.37
C ARG C 36 2.15 10.22 -9.32
N ASP C 37 1.10 10.97 -9.02
CA ASP C 37 0.71 12.12 -9.83
C ASP C 37 1.73 13.25 -9.69
N ILE C 38 2.04 13.61 -8.45
CA ILE C 38 3.03 14.65 -8.18
C ILE C 38 4.36 14.32 -8.86
N VAL C 39 5.05 13.32 -8.33
CA VAL C 39 6.34 12.91 -8.87
C VAL C 39 6.31 12.80 -10.39
N ARG C 40 5.45 11.92 -10.89
CA ARG C 40 5.35 11.68 -12.33
C ARG C 40 4.94 12.96 -13.06
N SER C 41 4.34 13.89 -12.33
CA SER C 41 3.93 15.17 -12.91
C SER C 41 5.13 16.07 -13.11
N GLU C 42 6.15 15.90 -12.27
CA GLU C 42 7.37 16.68 -12.39
C GLU C 42 8.42 15.93 -13.20
N ASN C 43 8.16 14.65 -13.46
CA ASN C 43 9.07 13.82 -14.23
C ASN C 43 8.30 12.89 -15.16
N PRO C 44 7.55 13.48 -16.10
CA PRO C 44 6.74 12.71 -17.06
C PRO C 44 7.61 11.98 -18.09
N ASP C 45 8.92 12.14 -17.98
CA ASP C 45 9.84 11.54 -18.93
C ASP C 45 10.67 10.43 -18.29
N ILE C 46 11.22 10.70 -17.11
CA ILE C 46 12.06 9.73 -16.43
C ILE C 46 11.59 8.30 -16.68
N THR C 47 10.27 8.10 -16.59
CA THR C 47 9.67 6.79 -16.85
C THR C 47 9.45 6.04 -15.54
N PHE C 48 8.75 4.90 -15.63
CA PHE C 48 8.43 4.11 -14.46
C PHE C 48 9.64 3.95 -13.54
N GLY C 49 10.41 2.90 -13.78
CA GLY C 49 11.55 2.59 -12.92
C GLY C 49 12.06 3.80 -12.16
N GLN C 50 12.10 4.95 -12.82
CA GLN C 50 12.55 6.18 -12.19
C GLN C 50 11.56 6.63 -11.11
N VAL C 51 10.32 6.84 -11.53
CA VAL C 51 9.27 7.26 -10.61
C VAL C 51 9.00 6.18 -9.55
N GLY C 52 8.84 4.95 -10.00
CA GLY C 52 8.55 3.86 -9.09
C GLY C 52 9.65 3.63 -8.09
N LYS C 53 10.83 3.26 -8.56
CA LYS C 53 11.96 2.99 -7.68
C LYS C 53 12.31 4.22 -6.84
N LYS C 54 12.48 5.35 -7.52
CA LYS C 54 12.78 6.61 -6.84
C LYS C 54 11.63 7.00 -5.89
N LEU C 55 10.45 6.45 -6.16
CA LEU C 55 9.28 6.72 -5.32
C LEU C 55 9.46 6.07 -3.95
N GLY C 56 9.85 4.80 -3.95
CA GLY C 56 10.07 4.09 -2.70
C GLY C 56 11.18 4.71 -1.87
N GLU C 57 12.32 4.94 -2.51
CA GLU C 57 13.46 5.57 -1.83
C GLU C 57 13.04 6.90 -1.21
N LYS C 58 12.31 7.70 -1.98
CA LYS C 58 11.82 8.99 -1.50
C LYS C 58 10.73 8.80 -0.45
N TRP C 59 10.03 7.68 -0.53
CA TRP C 59 8.97 7.38 0.42
C TRP C 59 9.51 7.37 1.85
N LYS C 60 10.56 6.58 2.07
CA LYS C 60 11.17 6.49 3.38
C LYS C 60 12.19 7.61 3.59
N ALA C 61 12.55 8.29 2.50
CA ALA C 61 13.51 9.38 2.56
C ALA C 61 12.92 10.60 3.27
N LEU C 62 11.62 10.81 3.08
CA LEU C 62 10.95 11.96 3.69
C LEU C 62 11.13 11.96 5.20
N THR C 63 10.33 11.16 5.88
CA THR C 63 10.38 11.08 7.34
C THR C 63 9.02 10.66 7.90
N PRO C 64 9.02 9.97 9.05
CA PRO C 64 7.78 9.52 9.70
C PRO C 64 6.70 10.60 9.67
N GLU C 65 7.08 11.81 10.03
CA GLU C 65 6.15 12.93 10.02
C GLU C 65 5.58 13.15 8.62
N GLU C 66 6.46 13.13 7.62
CA GLU C 66 6.04 13.28 6.23
C GLU C 66 5.04 12.20 5.85
N LYS C 67 5.15 11.05 6.51
CA LYS C 67 4.25 9.93 6.26
C LYS C 67 2.92 10.12 6.97
N GLN C 68 2.96 10.89 8.06
CA GLN C 68 1.76 11.15 8.86
C GLN C 68 0.50 11.06 8.01
N PRO C 69 0.40 11.89 6.97
CA PRO C 69 -0.77 11.92 6.08
C PRO C 69 -1.16 10.53 5.57
N TYR C 70 -0.21 9.85 4.94
CA TYR C 70 -0.47 8.55 4.34
C TYR C 70 -0.41 7.45 5.40
N GLU C 71 0.75 7.26 6.00
CA GLU C 71 0.91 6.27 7.05
C GLU C 71 -0.32 6.25 7.96
N ALA C 72 -0.69 7.44 8.44
CA ALA C 72 -1.91 7.59 9.22
C ALA C 72 -3.12 7.14 8.39
N LYS C 73 -3.11 7.53 7.12
CA LYS C 73 -4.13 7.07 6.17
C LYS C 73 -4.07 5.55 6.04
N ALA C 74 -2.95 4.97 6.44
CA ALA C 74 -2.77 3.53 6.40
C ALA C 74 -3.60 2.87 7.50
N GLN C 75 -3.51 3.43 8.70
CA GLN C 75 -4.36 2.98 9.80
C GLN C 75 -5.83 3.18 9.44
N ALA C 76 -6.12 4.30 8.79
CA ALA C 76 -7.46 4.59 8.33
C ALA C 76 -7.91 3.58 7.27
N ASP C 77 -6.94 3.02 6.55
CA ASP C 77 -7.21 2.03 5.52
C ASP C 77 -7.30 0.63 6.13
N LYS C 78 -6.59 0.42 7.24
CA LYS C 78 -6.63 -0.85 7.93
C LYS C 78 -8.04 -1.12 8.46
N LYS C 79 -8.66 -0.09 9.01
CA LYS C 79 -10.05 -0.19 9.47
C LYS C 79 -10.99 -0.27 8.27
N ARG C 80 -10.72 0.55 7.26
CA ARG C 80 -11.51 0.52 6.03
C ARG C 80 -11.85 -0.91 5.65
N TYR C 81 -10.82 -1.74 5.49
CA TYR C 81 -11.02 -3.14 5.16
C TYR C 81 -11.56 -3.91 6.37
N GLU C 82 -11.10 -3.50 7.55
CA GLU C 82 -11.56 -4.13 8.79
C GLU C 82 -13.07 -4.30 8.78
N SER C 83 -13.74 -3.45 8.01
CA SER C 83 -15.19 -3.52 7.88
C SER C 83 -15.61 -4.71 7.02
N GLU C 84 -14.95 -4.87 5.88
CA GLU C 84 -15.24 -5.97 4.97
C GLU C 84 -14.79 -7.29 5.58
N LYS C 85 -14.00 -7.23 6.65
CA LYS C 85 -13.55 -8.43 7.34
C LYS C 85 -14.56 -8.83 8.41
N GLU C 86 -14.91 -7.88 9.27
CA GLU C 86 -15.93 -8.13 10.29
C GLU C 86 -17.20 -8.68 9.66
N LEU C 87 -17.49 -8.22 8.45
CA LEU C 87 -18.64 -8.73 7.71
C LEU C 87 -18.28 -10.03 7.00
N TYR C 88 -17.08 -10.07 6.43
CA TYR C 88 -16.58 -11.28 5.81
C TYR C 88 -17.02 -12.51 6.60
N ASN C 89 -16.95 -12.39 7.92
CA ASN C 89 -17.39 -13.47 8.81
C ASN C 89 -18.85 -13.28 9.20
N ALA C 90 -19.29 -12.02 9.27
CA ALA C 90 -20.67 -11.71 9.65
C ALA C 90 -21.62 -12.00 8.49
N THR C 91 -21.09 -12.56 7.41
CA THR C 91 -21.89 -12.87 6.23
C THR C 91 -21.58 -14.27 5.73
N LEU C 92 -20.29 -14.59 5.65
CA LEU C 92 -19.86 -15.91 5.20
C LEU C 92 -20.21 -16.97 6.24
N ALA C 93 -20.16 -16.59 7.51
CA ALA C 93 -20.47 -17.51 8.60
C ALA C 93 -21.98 -17.78 8.66
N MET C 1 11.81 -4.53 7.83
CA MET C 1 11.55 -5.98 7.63
C MET C 1 11.70 -6.74 8.95
N VAL C 2 10.57 -6.99 9.61
CA VAL C 2 10.58 -7.72 10.87
C VAL C 2 10.71 -9.21 10.66
N THR C 3 9.88 -9.75 9.77
CA THR C 3 9.90 -11.18 9.47
C THR C 3 10.54 -11.44 8.11
N PRO C 4 11.44 -12.44 8.04
CA PRO C 4 12.13 -12.79 6.80
C PRO C 4 11.20 -13.43 5.78
N ARG C 5 10.71 -12.63 4.83
CA ARG C 5 9.80 -13.12 3.81
C ARG C 5 10.27 -12.67 2.41
N GLU C 6 9.32 -12.59 1.49
CA GLU C 6 9.63 -12.18 0.13
C GLU C 6 8.38 -11.67 -0.59
N PRO C 7 7.74 -10.63 -0.03
CA PRO C 7 6.53 -10.05 -0.61
C PRO C 7 6.81 -9.30 -1.91
N LYS C 8 6.92 -10.04 -3.01
CA LYS C 8 7.20 -9.45 -4.31
C LYS C 8 7.11 -10.51 -5.41
N LYS C 9 7.53 -10.12 -6.61
CA LYS C 9 7.50 -11.03 -7.75
C LYS C 9 6.07 -11.45 -8.09
N ARG C 10 5.93 -12.61 -8.71
CA ARG C 10 4.61 -13.12 -9.08
C ARG C 10 3.90 -13.72 -7.88
N THR C 11 2.80 -14.41 -8.14
CA THR C 11 2.02 -15.04 -7.07
C THR C 11 0.58 -15.26 -7.52
N THR C 12 0.15 -14.50 -8.51
CA THR C 12 -1.22 -14.61 -9.03
C THR C 12 -2.23 -14.59 -7.90
N ARG C 13 -2.31 -13.45 -7.20
CA ARG C 13 -3.23 -13.30 -6.09
C ARG C 13 -4.51 -14.09 -6.33
N LYS C 14 -4.64 -15.22 -5.64
CA LYS C 14 -5.82 -16.07 -5.78
C LYS C 14 -6.90 -15.67 -4.79
N LYS C 15 -7.83 -16.58 -4.52
CA LYS C 15 -8.93 -16.32 -3.60
C LYS C 15 -9.07 -17.46 -2.59
N LYS C 16 -9.84 -17.21 -1.54
CA LYS C 16 -10.07 -18.21 -0.51
C LYS C 16 -10.66 -17.58 0.75
N ASP C 17 -11.98 -17.64 0.89
CA ASP C 17 -12.66 -17.08 2.04
C ASP C 17 -14.13 -16.81 1.73
N PRO C 18 -15.00 -17.02 2.73
CA PRO C 18 -16.45 -16.79 2.58
C PRO C 18 -16.76 -15.35 2.21
N ASN C 19 -16.34 -14.41 3.05
CA ASN C 19 -16.55 -12.99 2.78
C ASN C 19 -15.26 -12.35 2.30
N ALA C 20 -14.15 -13.06 2.49
CA ALA C 20 -12.85 -12.58 2.04
C ALA C 20 -12.74 -11.06 2.16
N PRO C 21 -12.24 -10.58 3.31
CA PRO C 21 -12.03 -9.15 3.56
C PRO C 21 -10.99 -8.56 2.61
N LYS C 22 -9.93 -9.33 2.35
CA LYS C 22 -8.89 -8.94 1.41
C LYS C 22 -8.01 -7.84 2.02
N ARG C 23 -7.55 -8.07 3.23
CA ARG C 23 -6.66 -7.14 3.91
C ARG C 23 -6.96 -5.70 3.50
N ALA C 24 -5.99 -4.82 3.69
CA ALA C 24 -6.15 -3.40 3.34
C ALA C 24 -4.99 -2.91 2.50
N LEU C 25 -5.08 -1.66 2.06
CA LEU C 25 -4.00 -1.02 1.32
C LEU C 25 -2.77 -0.89 2.21
N SER C 26 -1.85 -0.03 1.80
CA SER C 26 -0.63 0.20 2.55
C SER C 26 -0.21 1.66 2.50
N ALA C 27 0.56 2.10 3.50
CA ALA C 27 1.02 3.47 3.56
C ALA C 27 1.76 3.85 2.28
N TYR C 28 2.30 2.84 1.61
CA TYR C 28 3.04 3.06 0.36
C TYR C 28 2.08 3.34 -0.79
N MET C 29 0.91 2.72 -0.74
CA MET C 29 -0.08 2.88 -1.81
C MET C 29 -0.71 4.26 -1.77
N PHE C 30 -1.07 4.71 -0.57
CA PHE C 30 -1.64 6.05 -0.41
C PHE C 30 -0.62 7.12 -0.76
N PHE C 31 0.57 7.01 -0.16
CA PHE C 31 1.65 7.94 -0.46
C PHE C 31 2.08 7.82 -1.92
N ALA C 32 2.70 6.71 -2.26
CA ALA C 32 3.13 6.46 -3.63
C ALA C 32 2.13 7.03 -4.62
N ASN C 33 0.84 6.90 -4.29
CA ASN C 33 -0.22 7.43 -5.14
C ASN C 33 -0.05 8.93 -5.33
N GLU C 34 0.06 9.66 -4.22
CA GLU C 34 0.20 11.11 -4.26
C GLU C 34 1.49 11.52 -4.97
N ASN C 35 2.59 10.86 -4.62
CA ASN C 35 3.89 11.18 -5.20
C ASN C 35 4.05 10.56 -6.58
N ARG C 36 3.05 9.78 -6.99
CA ARG C 36 3.06 9.16 -8.31
C ARG C 36 2.75 10.18 -9.39
N ASP C 37 1.64 10.88 -9.21
CA ASP C 37 1.26 11.96 -10.14
C ASP C 37 2.15 13.18 -9.92
N ILE C 38 2.50 13.42 -8.66
CA ILE C 38 3.40 14.53 -8.32
C ILE C 38 4.79 14.29 -8.89
N VAL C 39 5.50 13.34 -8.32
CA VAL C 39 6.85 13.02 -8.78
C VAL C 39 6.91 12.93 -10.30
N ARG C 40 6.07 12.08 -10.87
CA ARG C 40 6.04 11.89 -12.32
C ARG C 40 5.64 13.20 -13.02
N SER C 41 4.84 14.00 -12.33
CA SER C 41 4.42 15.29 -12.88
C SER C 41 5.62 16.22 -13.05
N GLU C 42 6.64 16.02 -12.22
CA GLU C 42 7.85 16.80 -12.30
C GLU C 42 8.93 16.05 -13.07
N ASN C 43 8.68 14.77 -13.32
CA ASN C 43 9.62 13.93 -14.05
C ASN C 43 8.90 12.83 -14.84
N PRO C 44 8.04 13.25 -15.78
CA PRO C 44 7.28 12.30 -16.61
C PRO C 44 8.17 11.47 -17.51
N ASP C 45 9.48 11.74 -17.48
CA ASP C 45 10.44 11.06 -18.33
C ASP C 45 11.06 9.86 -17.60
N ILE C 46 11.57 10.10 -16.39
CA ILE C 46 12.23 9.05 -15.63
C ILE C 46 11.63 7.69 -15.92
N THR C 47 10.33 7.55 -15.66
CA THR C 47 9.63 6.29 -15.89
C THR C 47 9.59 5.44 -14.63
N PHE C 48 8.61 4.55 -14.55
CA PHE C 48 8.44 3.69 -13.39
C PHE C 48 9.78 3.32 -12.75
N GLY C 49 10.82 3.23 -13.58
CA GLY C 49 12.12 2.81 -13.09
C GLY C 49 12.72 3.81 -12.11
N GLN C 50 12.80 5.07 -12.52
CA GLN C 50 13.37 6.11 -11.68
C GLN C 50 12.31 6.66 -10.72
N VAL C 51 11.11 6.88 -11.25
CA VAL C 51 10.00 7.38 -10.45
C VAL C 51 9.60 6.36 -9.39
N GLY C 52 9.76 5.09 -9.71
CA GLY C 52 9.40 4.02 -8.79
C GLY C 52 10.41 3.89 -7.66
N LYS C 53 11.63 3.48 -8.00
CA LYS C 53 12.68 3.35 -7.00
C LYS C 53 12.86 4.65 -6.23
N LYS C 54 12.61 5.77 -6.91
CA LYS C 54 12.71 7.08 -6.28
C LYS C 54 11.53 7.32 -5.34
N LEU C 55 10.38 6.76 -5.68
CA LEU C 55 9.20 6.88 -4.84
C LEU C 55 9.43 6.21 -3.49
N GLY C 56 10.12 5.07 -3.51
CA GLY C 56 10.41 4.36 -2.29
C GLY C 56 11.41 5.08 -1.42
N GLU C 57 12.63 5.26 -1.95
CA GLU C 57 13.67 5.97 -1.22
C GLU C 57 13.15 7.30 -0.69
N LYS C 58 12.40 8.00 -1.53
CA LYS C 58 11.81 9.28 -1.14
C LYS C 58 10.68 9.08 -0.14
N TRP C 59 10.00 7.95 -0.26
CA TRP C 59 8.88 7.63 0.63
C TRP C 59 9.33 7.72 2.09
N LYS C 60 10.44 7.06 2.39
CA LYS C 60 10.97 7.04 3.75
C LYS C 60 11.95 8.19 3.97
N ALA C 61 12.37 8.82 2.87
CA ALA C 61 13.31 9.93 2.94
C ALA C 61 12.67 11.16 3.57
N LEU C 62 11.37 11.33 3.33
CA LEU C 62 10.65 12.48 3.86
C LEU C 62 10.72 12.53 5.37
N THR C 63 9.93 11.68 6.03
CA THR C 63 9.88 11.64 7.48
C THR C 63 8.51 11.18 7.96
N PRO C 64 8.45 10.48 9.10
CA PRO C 64 7.19 10.00 9.67
C PRO C 64 6.09 11.04 9.60
N GLU C 65 6.42 12.27 9.98
CA GLU C 65 5.48 13.37 9.91
C GLU C 65 4.96 13.56 8.48
N GLU C 66 5.89 13.57 7.53
CA GLU C 66 5.53 13.69 6.12
C GLU C 66 4.60 12.56 5.70
N LYS C 67 4.71 11.43 6.38
CA LYS C 67 3.86 10.28 6.09
C LYS C 67 2.48 10.45 6.73
N GLN C 68 2.43 11.23 7.80
CA GLN C 68 1.18 11.44 8.52
C GLN C 68 -0.03 11.34 7.60
N PRO C 69 -0.02 12.07 6.47
CA PRO C 69 -1.13 12.08 5.52
C PRO C 69 -1.48 10.67 5.03
N TYR C 70 -0.49 9.98 4.48
CA TYR C 70 -0.70 8.65 3.93
C TYR C 70 -0.69 7.60 5.03
N GLU C 71 0.43 7.50 5.74
CA GLU C 71 0.54 6.55 6.84
C GLU C 71 -0.73 6.55 7.68
N ALA C 72 -1.21 7.75 8.00
CA ALA C 72 -2.49 7.89 8.69
C ALA C 72 -3.61 7.38 7.80
N LYS C 73 -3.50 7.69 6.51
CA LYS C 73 -4.42 7.15 5.51
C LYS C 73 -4.28 5.63 5.42
N ALA C 74 -3.23 5.11 6.05
CA ALA C 74 -2.97 3.68 6.04
C ALA C 74 -3.78 2.98 7.13
N GLN C 75 -3.72 3.54 8.34
CA GLN C 75 -4.54 3.04 9.43
C GLN C 75 -6.01 3.34 9.16
N ALA C 76 -6.25 4.35 8.33
CA ALA C 76 -7.61 4.69 7.89
C ALA C 76 -8.15 3.61 6.96
N ASP C 77 -7.34 3.22 5.99
CA ASP C 77 -7.71 2.15 5.07
C ASP C 77 -7.65 0.80 5.77
N LYS C 78 -6.87 0.72 6.84
CA LYS C 78 -6.77 -0.49 7.64
C LYS C 78 -8.13 -0.82 8.26
N LYS C 79 -8.76 0.20 8.84
CA LYS C 79 -10.10 0.04 9.40
C LYS C 79 -11.12 -0.19 8.28
N ARG C 80 -11.01 0.60 7.21
CA ARG C 80 -11.86 0.44 6.06
C ARG C 80 -12.15 -1.03 5.80
N TYR C 81 -11.09 -1.80 5.57
CA TYR C 81 -11.22 -3.23 5.38
C TYR C 81 -11.57 -3.93 6.69
N GLU C 82 -11.11 -3.36 7.79
CA GLU C 82 -11.41 -3.91 9.11
C GLU C 82 -12.91 -4.14 9.25
N SER C 83 -13.69 -3.47 8.42
CA SER C 83 -15.13 -3.64 8.41
C SER C 83 -15.52 -4.95 7.74
N GLU C 84 -14.92 -5.22 6.58
CA GLU C 84 -15.22 -6.43 5.83
C GLU C 84 -14.57 -7.65 6.47
N LYS C 85 -13.68 -7.41 7.43
CA LYS C 85 -13.06 -8.50 8.19
C LYS C 85 -13.88 -8.84 9.43
N GLU C 86 -14.21 -7.81 10.20
CA GLU C 86 -15.05 -7.99 11.37
C GLU C 86 -16.36 -8.67 11.00
N LEU C 87 -16.88 -8.33 9.82
CA LEU C 87 -18.09 -8.96 9.32
C LEU C 87 -17.76 -10.30 8.68
N TYR C 88 -16.66 -10.33 7.93
CA TYR C 88 -16.19 -11.58 7.34
C TYR C 88 -16.42 -12.74 8.30
N ASN C 89 -16.15 -12.51 9.58
CA ASN C 89 -16.36 -13.51 10.61
C ASN C 89 -17.76 -13.36 11.22
N ALA C 90 -18.26 -12.13 11.25
CA ALA C 90 -19.57 -11.85 11.81
C ALA C 90 -20.68 -12.23 10.83
N THR C 91 -20.30 -12.92 9.76
CA THR C 91 -21.26 -13.33 8.74
C THR C 91 -20.95 -14.74 8.25
N LEU C 92 -19.66 -15.02 8.06
CA LEU C 92 -19.22 -16.33 7.62
C LEU C 92 -19.27 -17.33 8.77
N ALA C 93 -19.03 -16.83 9.98
CA ALA C 93 -19.04 -17.69 11.17
C ALA C 93 -20.47 -17.93 11.65
N MET C 1 6.14 -8.38 10.96
CA MET C 1 7.26 -7.41 10.79
C MET C 1 8.60 -8.15 10.70
N VAL C 2 9.47 -7.67 9.81
CA VAL C 2 10.77 -8.28 9.63
C VAL C 2 10.64 -9.73 9.16
N THR C 3 10.64 -9.92 7.85
CA THR C 3 10.52 -11.25 7.27
C THR C 3 11.42 -11.40 6.05
N PRO C 4 11.93 -12.62 5.81
CA PRO C 4 12.81 -12.90 4.66
C PRO C 4 12.06 -12.84 3.33
N ARG C 5 12.14 -11.69 2.67
CA ARG C 5 11.48 -11.51 1.39
C ARG C 5 12.44 -10.95 0.34
N GLU C 6 12.28 -11.40 -0.90
CA GLU C 6 13.14 -10.94 -1.98
C GLU C 6 12.76 -11.59 -3.30
N PRO C 7 12.72 -12.94 -3.33
CA PRO C 7 12.37 -13.70 -4.53
C PRO C 7 11.04 -13.24 -5.14
N LYS C 8 10.46 -14.07 -5.99
CA LYS C 8 9.20 -13.75 -6.64
C LYS C 8 8.04 -14.40 -5.90
N LYS C 9 6.83 -13.87 -6.13
CA LYS C 9 5.63 -14.41 -5.50
C LYS C 9 4.64 -14.92 -6.55
N ARG C 10 5.13 -15.12 -7.77
CA ARG C 10 4.29 -15.62 -8.86
C ARG C 10 3.55 -14.46 -9.54
N THR C 11 2.67 -13.81 -8.79
CA THR C 11 1.90 -12.69 -9.31
C THR C 11 0.67 -12.41 -8.45
N THR C 12 -0.23 -11.59 -8.96
CA THR C 12 -1.45 -11.23 -8.24
C THR C 12 -1.90 -12.38 -7.35
N ARG C 13 -1.77 -12.20 -6.04
CA ARG C 13 -2.17 -13.22 -5.08
C ARG C 13 -3.43 -13.95 -5.54
N LYS C 14 -3.67 -15.12 -4.98
CA LYS C 14 -4.85 -15.91 -5.33
C LYS C 14 -6.03 -15.55 -4.43
N LYS C 15 -6.94 -16.50 -4.26
CA LYS C 15 -8.12 -16.28 -3.42
C LYS C 15 -7.93 -16.90 -2.04
N LYS C 16 -8.36 -18.16 -1.90
CA LYS C 16 -8.23 -18.87 -0.63
C LYS C 16 -8.95 -18.12 0.49
N ASP C 17 -10.22 -18.44 0.69
CA ASP C 17 -11.02 -17.79 1.73
C ASP C 17 -12.51 -17.96 1.44
N PRO C 18 -13.32 -18.07 2.51
CA PRO C 18 -14.78 -18.20 2.38
C PRO C 18 -15.41 -17.00 1.69
N ASN C 19 -15.16 -15.81 2.22
CA ASN C 19 -15.69 -14.58 1.64
C ASN C 19 -14.55 -13.71 1.14
N ALA C 20 -13.41 -13.77 1.82
CA ALA C 20 -12.23 -13.00 1.42
C ALA C 20 -12.53 -11.50 1.44
N PRO C 21 -12.26 -10.85 2.58
CA PRO C 21 -12.51 -9.41 2.74
C PRO C 21 -11.68 -8.57 1.78
N LYS C 22 -10.36 -8.72 1.86
CA LYS C 22 -9.45 -7.96 1.02
C LYS C 22 -8.84 -6.79 1.77
N ARG C 23 -7.90 -7.09 2.65
CA ARG C 23 -7.24 -6.07 3.45
C ARG C 23 -7.09 -4.76 2.67
N ALA C 24 -6.94 -3.67 3.40
CA ALA C 24 -6.81 -2.35 2.78
C ALA C 24 -5.45 -2.17 2.14
N LEU C 25 -5.22 -0.96 1.62
CA LEU C 25 -3.93 -0.62 1.03
C LEU C 25 -2.88 -0.42 2.11
N SER C 26 -1.72 0.08 1.70
CA SER C 26 -0.63 0.35 2.65
C SER C 26 -0.18 1.80 2.55
N ALA C 27 0.57 2.24 3.56
CA ALA C 27 1.07 3.62 3.59
C ALA C 27 1.82 3.95 2.30
N TYR C 28 2.37 2.92 1.66
CA TYR C 28 3.14 3.11 0.43
C TYR C 28 2.23 3.40 -0.75
N MET C 29 1.03 2.80 -0.74
CA MET C 29 0.09 2.96 -1.84
C MET C 29 -0.59 4.32 -1.79
N PHE C 30 -0.92 4.78 -0.60
CA PHE C 30 -1.53 6.09 -0.43
C PHE C 30 -0.53 7.19 -0.77
N PHE C 31 0.66 7.11 -0.18
CA PHE C 31 1.72 8.05 -0.49
C PHE C 31 2.11 7.95 -1.96
N ALA C 32 2.68 6.82 -2.33
CA ALA C 32 3.06 6.58 -3.71
C ALA C 32 2.05 7.20 -4.67
N ASN C 33 0.78 6.83 -4.50
CA ASN C 33 -0.28 7.39 -5.33
C ASN C 33 -0.12 8.90 -5.48
N GLU C 34 0.04 9.58 -4.35
CA GLU C 34 0.16 11.04 -4.36
C GLU C 34 1.40 11.49 -5.13
N ASN C 35 2.56 11.03 -4.68
CA ASN C 35 3.83 11.44 -5.28
C ASN C 35 4.03 10.79 -6.64
N ARG C 36 3.06 10.00 -7.06
CA ARG C 36 3.11 9.35 -8.36
C ARG C 36 2.71 10.32 -9.47
N ASP C 37 1.57 10.98 -9.27
CA ASP C 37 1.11 12.00 -10.19
C ASP C 37 1.97 13.25 -10.05
N ILE C 38 2.41 13.53 -8.83
CA ILE C 38 3.27 14.67 -8.56
C ILE C 38 4.66 14.43 -9.15
N VAL C 39 5.41 13.53 -8.55
CA VAL C 39 6.75 13.20 -9.01
C VAL C 39 6.81 13.09 -10.53
N ARG C 40 5.95 12.22 -11.08
CA ARG C 40 5.89 12.01 -12.52
C ARG C 40 5.48 13.29 -13.24
N SER C 41 4.64 14.09 -12.58
CA SER C 41 4.21 15.36 -13.15
C SER C 41 5.38 16.32 -13.31
N GLU C 42 6.42 16.07 -12.51
CA GLU C 42 7.62 16.90 -12.58
C GLU C 42 8.74 16.16 -13.32
N ASN C 43 8.53 14.87 -13.57
CA ASN C 43 9.52 14.06 -14.27
C ASN C 43 8.85 13.10 -15.25
N PRO C 44 8.08 13.65 -16.20
CA PRO C 44 7.39 12.84 -17.21
C PRO C 44 8.35 12.13 -18.16
N ASP C 45 9.65 12.39 -17.99
CA ASP C 45 10.66 11.82 -18.86
C ASP C 45 11.40 10.68 -18.18
N ILE C 46 11.92 10.94 -16.98
CA ILE C 46 12.70 9.94 -16.26
C ILE C 46 12.16 8.53 -16.52
N THR C 47 10.84 8.38 -16.46
CA THR C 47 10.21 7.09 -16.73
C THR C 47 9.93 6.34 -15.43
N PHE C 48 9.07 5.33 -15.51
CA PHE C 48 8.69 4.54 -14.35
C PHE C 48 9.88 4.36 -13.39
N GLY C 49 10.63 3.28 -13.60
CA GLY C 49 11.73 2.96 -12.71
C GLY C 49 12.25 4.15 -11.94
N GLN C 50 12.36 5.29 -12.62
CA GLN C 50 12.83 6.51 -11.98
C GLN C 50 11.83 6.98 -10.94
N VAL C 51 10.60 7.22 -11.38
CA VAL C 51 9.54 7.66 -10.50
C VAL C 51 9.21 6.59 -9.46
N GLY C 52 9.00 5.36 -9.93
CA GLY C 52 8.65 4.27 -9.04
C GLY C 52 9.71 4.02 -7.98
N LYS C 53 10.90 3.62 -8.41
CA LYS C 53 11.99 3.34 -7.48
C LYS C 53 12.28 4.56 -6.61
N LYS C 54 12.21 5.74 -7.22
CA LYS C 54 12.44 6.99 -6.51
C LYS C 54 11.33 7.25 -5.49
N LEU C 55 10.15 6.69 -5.76
CA LEU C 55 9.02 6.84 -4.85
C LEU C 55 9.22 5.97 -3.61
N GLY C 56 9.81 4.80 -3.80
CA GLY C 56 10.09 3.91 -2.68
C GLY C 56 11.10 4.50 -1.73
N GLU C 57 12.27 4.88 -2.25
CA GLU C 57 13.31 5.49 -1.43
C GLU C 57 12.82 6.79 -0.83
N LYS C 58 12.37 7.70 -1.69
CA LYS C 58 11.84 8.99 -1.23
C LYS C 58 10.67 8.79 -0.28
N TRP C 59 9.98 7.67 -0.43
CA TRP C 59 8.85 7.35 0.43
C TRP C 59 9.29 7.22 1.88
N LYS C 60 10.28 6.36 2.10
CA LYS C 60 10.80 6.12 3.44
C LYS C 60 11.92 7.11 3.77
N ALA C 61 12.20 8.01 2.83
CA ALA C 61 13.23 9.03 3.03
C ALA C 61 12.68 10.24 3.76
N LEU C 62 11.46 10.65 3.38
CA LEU C 62 10.83 11.81 4.01
C LEU C 62 10.95 11.74 5.53
N THR C 63 10.29 10.76 6.12
CA THR C 63 10.27 10.59 7.57
C THR C 63 8.87 10.24 8.05
N PRO C 64 8.77 9.43 9.13
CA PRO C 64 7.48 9.02 9.68
C PRO C 64 6.46 10.15 9.68
N GLU C 65 6.86 11.31 10.20
CA GLU C 65 5.98 12.47 10.24
C GLU C 65 5.44 12.79 8.85
N GLU C 66 6.33 12.82 7.87
CA GLU C 66 5.93 13.08 6.49
C GLU C 66 4.93 12.04 6.01
N LYS C 67 5.01 10.85 6.59
CA LYS C 67 4.10 9.77 6.23
C LYS C 67 2.75 9.91 6.92
N GLN C 68 2.75 10.63 8.03
CA GLN C 68 1.53 10.83 8.81
C GLN C 68 0.30 10.85 7.91
N PRO C 69 0.33 11.67 6.86
CA PRO C 69 -0.79 11.81 5.93
C PRO C 69 -1.23 10.46 5.36
N TYR C 70 -0.29 9.76 4.73
CA TYR C 70 -0.58 8.49 4.09
C TYR C 70 -0.59 7.36 5.11
N GLU C 71 0.54 7.14 5.75
CA GLU C 71 0.65 6.11 6.78
C GLU C 71 -0.61 6.09 7.64
N ALA C 72 -1.01 7.26 8.11
CA ALA C 72 -2.26 7.41 8.84
C ALA C 72 -3.43 7.02 7.94
N LYS C 73 -3.36 7.46 6.69
CA LYS C 73 -4.34 7.06 5.69
C LYS C 73 -4.30 5.55 5.48
N ALA C 74 -3.24 4.93 5.98
CA ALA C 74 -3.08 3.48 5.89
C ALA C 74 -3.89 2.79 6.96
N GLN C 75 -3.86 3.34 8.17
CA GLN C 75 -4.70 2.85 9.25
C GLN C 75 -6.15 3.16 8.96
N ALA C 76 -6.38 4.22 8.19
CA ALA C 76 -7.73 4.60 7.79
C ALA C 76 -8.31 3.60 6.80
N ASP C 77 -7.53 3.25 5.79
CA ASP C 77 -7.95 2.27 4.80
C ASP C 77 -7.97 0.86 5.39
N LYS C 78 -7.01 0.59 6.28
CA LYS C 78 -6.94 -0.69 6.96
C LYS C 78 -8.25 -0.99 7.66
N LYS C 79 -8.78 0.00 8.37
CA LYS C 79 -10.07 -0.14 9.03
C LYS C 79 -11.19 -0.25 7.98
N ARG C 80 -11.10 0.58 6.96
CA ARG C 80 -12.05 0.55 5.85
C ARG C 80 -12.47 -0.89 5.56
N TYR C 81 -11.51 -1.73 5.22
CA TYR C 81 -11.77 -3.13 4.94
C TYR C 81 -11.95 -3.92 6.24
N GLU C 82 -11.26 -3.47 7.28
CA GLU C 82 -11.36 -4.12 8.58
C GLU C 82 -12.79 -4.52 8.88
N SER C 83 -13.73 -3.70 8.40
CA SER C 83 -15.14 -4.02 8.54
C SER C 83 -15.51 -5.23 7.71
N GLU C 84 -15.15 -5.20 6.43
CA GLU C 84 -15.38 -6.31 5.53
C GLU C 84 -14.84 -7.61 6.12
N LYS C 85 -13.82 -7.49 6.97
CA LYS C 85 -13.24 -8.65 7.63
C LYS C 85 -14.09 -9.06 8.83
N GLU C 86 -14.65 -8.07 9.52
CA GLU C 86 -15.54 -8.34 10.65
C GLU C 86 -16.69 -9.24 10.20
N LEU C 87 -17.13 -9.03 8.96
CA LEU C 87 -18.18 -9.87 8.38
C LEU C 87 -17.57 -11.16 7.84
N TYR C 88 -16.40 -11.05 7.23
CA TYR C 88 -15.67 -12.21 6.75
C TYR C 88 -15.80 -13.36 7.75
N ASN C 89 -15.72 -13.01 9.03
CA ASN C 89 -15.87 -14.00 10.10
C ASN C 89 -17.32 -14.07 10.58
N ALA C 90 -18.03 -12.94 10.46
CA ALA C 90 -19.42 -12.87 10.88
C ALA C 90 -20.33 -13.53 9.84
N THR C 91 -19.73 -14.14 8.84
CA THR C 91 -20.48 -14.81 7.79
C THR C 91 -19.87 -16.17 7.46
N LEU C 92 -18.54 -16.21 7.37
CA LEU C 92 -17.83 -17.44 7.10
C LEU C 92 -17.84 -18.36 8.31
N ALA C 93 -17.83 -17.76 9.50
CA ALA C 93 -17.83 -18.52 10.74
C ALA C 93 -19.19 -19.18 10.97
N MET C 1 14.07 -12.00 3.51
CA MET C 1 13.84 -12.20 4.97
C MET C 1 12.41 -11.81 5.35
N VAL C 2 12.07 -10.55 5.13
CA VAL C 2 10.73 -10.06 5.44
C VAL C 2 9.65 -11.01 4.92
N THR C 3 9.84 -11.50 3.70
CA THR C 3 8.90 -12.41 3.09
C THR C 3 9.46 -12.98 1.78
N PRO C 4 9.20 -14.27 1.53
CA PRO C 4 9.68 -14.95 0.32
C PRO C 4 9.30 -14.19 -0.96
N ARG C 5 10.31 -13.76 -1.70
CA ARG C 5 10.08 -13.03 -2.94
C ARG C 5 10.36 -13.90 -4.15
N GLU C 6 10.18 -15.21 -3.99
CA GLU C 6 10.42 -16.16 -5.07
C GLU C 6 9.34 -17.24 -5.09
N PRO C 7 8.07 -16.85 -4.96
CA PRO C 7 6.95 -17.78 -4.96
C PRO C 7 6.72 -18.41 -6.33
N LYS C 8 6.15 -19.61 -6.34
CA LYS C 8 5.87 -20.32 -7.58
C LYS C 8 4.61 -21.18 -7.45
N LYS C 9 4.13 -21.69 -8.58
CA LYS C 9 2.95 -22.53 -8.60
C LYS C 9 1.72 -21.76 -8.10
N ARG C 10 1.78 -20.44 -8.22
CA ARG C 10 0.68 -19.58 -7.79
C ARG C 10 0.73 -18.23 -8.48
N THR C 11 1.94 -17.70 -8.64
CA THR C 11 2.12 -16.41 -9.29
C THR C 11 1.81 -15.26 -8.33
N THR C 12 1.94 -15.54 -7.04
CA THR C 12 1.68 -14.53 -6.01
C THR C 12 0.19 -14.47 -5.66
N ARG C 13 -0.18 -13.52 -4.81
CA ARG C 13 -1.57 -13.37 -4.40
C ARG C 13 -2.53 -13.75 -5.53
N LYS C 14 -3.30 -14.82 -5.31
CA LYS C 14 -4.25 -15.28 -6.31
C LYS C 14 -5.67 -15.27 -5.75
N LYS C 15 -6.01 -16.30 -4.98
CA LYS C 15 -7.33 -16.41 -4.39
C LYS C 15 -7.33 -17.39 -3.22
N LYS C 16 -8.12 -17.09 -2.19
CA LYS C 16 -8.20 -17.94 -1.01
C LYS C 16 -8.99 -17.26 0.09
N ASP C 17 -10.30 -17.49 0.10
CA ASP C 17 -11.16 -16.90 1.12
C ASP C 17 -12.62 -16.88 0.65
N PRO C 18 -13.54 -17.29 1.53
CA PRO C 18 -14.97 -17.29 1.23
C PRO C 18 -15.51 -15.89 0.92
N ASN C 19 -15.43 -15.01 1.91
CA ASN C 19 -15.86 -13.63 1.72
C ASN C 19 -14.67 -12.76 1.33
N ALA C 20 -13.47 -13.27 1.55
CA ALA C 20 -12.25 -12.56 1.18
C ALA C 20 -12.41 -11.05 1.39
N PRO C 21 -12.09 -10.58 2.60
CA PRO C 21 -12.18 -9.16 2.94
C PRO C 21 -11.26 -8.31 2.08
N LYS C 22 -10.10 -8.85 1.73
CA LYS C 22 -9.14 -8.16 0.90
C LYS C 22 -8.37 -7.12 1.70
N ARG C 23 -7.39 -7.59 2.47
CA ARG C 23 -6.56 -6.72 3.29
C ARG C 23 -6.56 -5.28 2.78
N ALA C 24 -6.44 -4.33 3.68
CA ALA C 24 -6.46 -2.92 3.32
C ALA C 24 -5.23 -2.54 2.50
N LEU C 25 -5.27 -1.33 1.94
CA LEU C 25 -4.15 -0.81 1.19
C LEU C 25 -2.91 -0.67 2.07
N SER C 26 -1.89 -0.01 1.56
CA SER C 26 -0.66 0.20 2.30
C SER C 26 -0.27 1.68 2.32
N ALA C 27 0.60 2.04 3.25
CA ALA C 27 1.08 3.42 3.33
C ALA C 27 1.81 3.80 2.05
N TYR C 28 2.26 2.80 1.30
CA TYR C 28 2.98 3.02 0.05
C TYR C 28 2.00 3.32 -1.09
N MET C 29 0.76 2.88 -0.93
CA MET C 29 -0.26 3.12 -1.95
C MET C 29 -0.86 4.51 -1.80
N PHE C 30 -1.20 4.88 -0.56
CA PHE C 30 -1.74 6.20 -0.28
C PHE C 30 -0.70 7.27 -0.59
N PHE C 31 0.52 7.05 -0.11
CA PHE C 31 1.62 7.95 -0.40
C PHE C 31 1.94 7.95 -1.90
N ALA C 32 2.10 6.76 -2.46
CA ALA C 32 2.35 6.62 -3.88
C ALA C 32 1.23 7.25 -4.69
N ASN C 33 0.06 7.38 -4.06
CA ASN C 33 -1.08 8.02 -4.70
C ASN C 33 -0.81 9.51 -4.89
N GLU C 34 -0.37 10.17 -3.82
CA GLU C 34 -0.02 11.58 -3.88
C GLU C 34 1.16 11.81 -4.80
N ASN C 35 2.17 10.96 -4.69
CA ASN C 35 3.36 11.06 -5.52
C ASN C 35 3.01 10.85 -6.99
N ARG C 36 2.72 9.61 -7.35
CA ARG C 36 2.34 9.28 -8.72
C ARG C 36 2.18 10.53 -9.57
N ASP C 37 1.16 11.32 -9.25
CA ASP C 37 0.90 12.56 -9.97
C ASP C 37 1.98 13.59 -9.70
N ILE C 38 2.25 13.84 -8.41
CA ILE C 38 3.29 14.77 -8.02
C ILE C 38 4.63 14.39 -8.65
N VAL C 39 5.20 13.28 -8.19
CA VAL C 39 6.50 12.82 -8.66
C VAL C 39 6.60 12.92 -10.18
N ARG C 40 5.71 12.22 -10.88
CA ARG C 40 5.75 12.20 -12.35
C ARG C 40 5.40 13.56 -12.93
N SER C 41 4.77 14.40 -12.11
CA SER C 41 4.39 15.74 -12.55
C SER C 41 5.61 16.65 -12.65
N GLU C 42 6.60 16.40 -11.80
CA GLU C 42 7.83 17.17 -11.82
C GLU C 42 8.89 16.46 -12.67
N ASN C 43 8.66 15.18 -12.92
CA ASN C 43 9.58 14.38 -13.72
C ASN C 43 8.82 13.46 -14.67
N PRO C 44 8.00 14.05 -15.56
CA PRO C 44 7.20 13.28 -16.52
C PRO C 44 8.06 12.40 -17.43
N ASP C 45 9.37 12.65 -17.41
CA ASP C 45 10.29 11.87 -18.23
C ASP C 45 10.58 10.52 -17.61
N ILE C 46 11.00 10.52 -16.35
CA ILE C 46 11.31 9.28 -15.64
C ILE C 46 10.20 8.25 -15.82
N THR C 47 10.58 7.02 -16.08
CA THR C 47 9.63 5.93 -16.23
C THR C 47 9.49 5.13 -14.92
N PHE C 48 8.70 4.07 -14.96
CA PHE C 48 8.48 3.24 -13.79
C PHE C 48 9.77 3.03 -13.00
N GLY C 49 10.87 2.82 -13.72
CA GLY C 49 12.13 2.52 -13.07
C GLY C 49 12.64 3.65 -12.21
N GLN C 50 12.47 4.89 -12.68
CA GLN C 50 12.91 6.06 -11.93
C GLN C 50 11.80 6.54 -11.01
N VAL C 51 10.70 7.00 -11.61
CA VAL C 51 9.56 7.48 -10.83
C VAL C 51 9.11 6.43 -9.82
N GLY C 52 9.20 5.16 -10.21
CA GLY C 52 8.77 4.09 -9.33
C GLY C 52 9.80 3.77 -8.25
N LYS C 53 10.79 2.96 -8.60
CA LYS C 53 11.84 2.59 -7.65
C LYS C 53 12.23 3.79 -6.79
N LYS C 54 12.37 4.95 -7.43
CA LYS C 54 12.67 6.18 -6.72
C LYS C 54 11.55 6.52 -5.74
N LEU C 55 10.32 6.52 -6.24
CA LEU C 55 9.16 6.76 -5.39
C LEU C 55 9.37 6.14 -4.02
N GLY C 56 9.75 4.87 -4.00
CA GLY C 56 10.03 4.19 -2.76
C GLY C 56 11.21 4.80 -2.02
N GLU C 57 12.26 5.11 -2.76
CA GLU C 57 13.44 5.74 -2.18
C GLU C 57 13.05 7.01 -1.41
N LYS C 58 12.48 7.97 -2.13
CA LYS C 58 12.03 9.21 -1.52
C LYS C 58 10.91 8.95 -0.53
N TRP C 59 10.22 7.83 -0.71
CA TRP C 59 9.13 7.45 0.20
C TRP C 59 9.62 7.41 1.63
N LYS C 60 10.71 6.67 1.84
CA LYS C 60 11.29 6.53 3.18
C LYS C 60 12.26 7.67 3.46
N ALA C 61 12.64 8.40 2.41
CA ALA C 61 13.58 9.50 2.55
C ALA C 61 12.94 10.71 3.22
N LEU C 62 11.64 10.86 3.05
CA LEU C 62 10.92 11.99 3.63
C LEU C 62 11.13 12.09 5.13
N THR C 63 10.43 11.23 5.88
CA THR C 63 10.50 11.25 7.34
C THR C 63 9.16 10.81 7.92
N PRO C 64 9.20 10.09 9.06
CA PRO C 64 7.98 9.57 9.70
C PRO C 64 6.86 10.60 9.77
N GLU C 65 7.22 11.87 9.70
CA GLU C 65 6.23 12.95 9.73
C GLU C 65 5.59 13.13 8.36
N GLU C 66 6.40 13.05 7.31
CA GLU C 66 5.90 13.17 5.94
C GLU C 66 5.09 11.93 5.56
N LYS C 67 5.39 10.81 6.20
CA LYS C 67 4.68 9.56 5.93
C LYS C 67 3.48 9.41 6.84
N GLN C 68 3.56 10.01 8.03
CA GLN C 68 2.48 9.96 9.00
C GLN C 68 1.13 10.21 8.33
N PRO C 69 1.08 11.09 7.31
CA PRO C 69 -0.15 11.42 6.60
C PRO C 69 -0.75 10.20 5.90
N TYR C 70 0.07 9.50 5.12
CA TYR C 70 -0.38 8.33 4.40
C TYR C 70 -0.37 7.10 5.29
N GLU C 71 0.78 6.80 5.88
CA GLU C 71 0.88 5.69 6.81
C GLU C 71 -0.29 5.70 7.78
N ALA C 72 -0.58 6.88 8.33
CA ALA C 72 -1.77 7.05 9.16
C ALA C 72 -3.02 6.79 8.34
N LYS C 73 -2.99 7.25 7.09
CA LYS C 73 -4.05 6.96 6.13
C LYS C 73 -4.10 5.46 5.84
N ALA C 74 -3.05 4.76 6.24
CA ALA C 74 -2.98 3.32 6.05
C ALA C 74 -3.80 2.61 7.11
N GLN C 75 -3.65 3.04 8.36
CA GLN C 75 -4.48 2.54 9.44
C GLN C 75 -5.94 2.92 9.20
N ALA C 76 -6.14 4.09 8.62
CA ALA C 76 -7.48 4.55 8.26
C ALA C 76 -8.13 3.60 7.26
N ASP C 77 -7.37 3.24 6.23
CA ASP C 77 -7.86 2.29 5.24
C ASP C 77 -7.88 0.88 5.80
N LYS C 78 -7.08 0.65 6.83
CA LYS C 78 -7.04 -0.64 7.50
C LYS C 78 -8.40 -1.00 8.06
N LYS C 79 -9.02 -0.03 8.74
CA LYS C 79 -10.37 -0.21 9.27
C LYS C 79 -11.38 -0.32 8.13
N ARG C 80 -11.25 0.58 7.16
CA ARG C 80 -12.11 0.57 5.99
C ARG C 80 -12.41 -0.86 5.56
N TYR C 81 -11.37 -1.63 5.28
CA TYR C 81 -11.52 -3.02 4.90
C TYR C 81 -11.82 -3.89 6.12
N GLU C 82 -11.32 -3.46 7.28
CA GLU C 82 -11.58 -4.17 8.52
C GLU C 82 -13.06 -4.47 8.68
N SER C 83 -13.89 -3.69 7.99
CA SER C 83 -15.33 -3.89 8.03
C SER C 83 -15.73 -5.16 7.28
N GLU C 84 -15.19 -5.33 6.08
CA GLU C 84 -15.49 -6.50 5.27
C GLU C 84 -14.81 -7.74 5.83
N LYS C 85 -13.83 -7.53 6.71
CA LYS C 85 -13.14 -8.64 7.35
C LYS C 85 -13.93 -9.12 8.57
N GLU C 86 -14.39 -8.18 9.38
CA GLU C 86 -15.18 -8.51 10.56
C GLU C 86 -16.48 -9.19 10.16
N LEU C 87 -17.03 -8.78 9.02
CA LEU C 87 -18.24 -9.42 8.49
C LEU C 87 -17.88 -10.73 7.81
N TYR C 88 -16.80 -10.70 7.03
CA TYR C 88 -16.28 -11.91 6.42
C TYR C 88 -16.43 -13.09 7.38
N ASN C 89 -15.95 -12.91 8.61
CA ASN C 89 -16.09 -13.92 9.63
C ASN C 89 -17.52 -13.99 10.12
N ALA C 90 -18.18 -12.84 10.20
CA ALA C 90 -19.58 -12.78 10.60
C ALA C 90 -20.43 -13.69 9.71
N THR C 91 -20.72 -13.22 8.50
CA THR C 91 -21.48 -14.00 7.54
C THR C 91 -20.88 -15.38 7.38
N LEU C 92 -19.55 -15.45 7.36
CA LEU C 92 -18.85 -16.72 7.22
C LEU C 92 -19.55 -17.82 8.00
N ALA C 93 -19.53 -17.70 9.33
CA ALA C 93 -20.16 -18.69 10.20
C ALA C 93 -19.93 -18.36 11.66
N MET C 1 14.57 -5.65 8.66
CA MET C 1 14.55 -6.04 7.22
C MET C 1 13.88 -7.39 7.03
N VAL C 2 12.55 -7.40 7.07
CA VAL C 2 11.79 -8.63 6.91
C VAL C 2 12.20 -9.36 5.64
N THR C 3 11.51 -10.46 5.34
CA THR C 3 11.80 -11.26 4.15
C THR C 3 11.89 -10.36 2.92
N PRO C 4 13.11 -10.15 2.41
CA PRO C 4 13.33 -9.31 1.22
C PRO C 4 12.45 -9.72 0.04
N ARG C 5 12.84 -9.30 -1.15
CA ARG C 5 12.08 -9.61 -2.35
C ARG C 5 12.99 -10.18 -3.44
N GLU C 6 14.15 -10.69 -3.04
CA GLU C 6 15.10 -11.26 -3.97
C GLU C 6 14.68 -12.67 -4.39
N PRO C 7 14.50 -13.57 -3.43
CA PRO C 7 14.10 -14.95 -3.70
C PRO C 7 12.85 -15.02 -4.57
N LYS C 8 12.86 -15.95 -5.53
CA LYS C 8 11.73 -16.13 -6.43
C LYS C 8 10.41 -16.02 -5.68
N LYS C 9 9.73 -14.89 -5.85
CA LYS C 9 8.45 -14.66 -5.18
C LYS C 9 7.32 -15.29 -5.97
N ARG C 10 7.02 -14.73 -7.14
CA ARG C 10 5.96 -15.24 -7.99
C ARG C 10 4.59 -14.94 -7.38
N THR C 11 4.48 -13.80 -6.70
CA THR C 11 3.24 -13.40 -6.06
C THR C 11 2.03 -13.89 -6.86
N THR C 12 1.71 -13.18 -7.94
CA THR C 12 0.58 -13.55 -8.79
C THR C 12 -0.57 -14.10 -7.95
N ARG C 13 -1.01 -13.30 -6.97
CA ARG C 13 -2.10 -13.71 -6.10
C ARG C 13 -3.11 -14.58 -6.83
N LYS C 14 -3.80 -15.45 -6.10
CA LYS C 14 -4.79 -16.34 -6.69
C LYS C 14 -6.17 -16.08 -6.11
N LYS C 15 -6.21 -15.44 -4.95
CA LYS C 15 -7.47 -15.12 -4.29
C LYS C 15 -7.95 -16.29 -3.43
N LYS C 16 -9.03 -16.07 -2.69
CA LYS C 16 -9.59 -17.10 -1.82
C LYS C 16 -10.59 -16.51 -0.85
N ASP C 17 -11.45 -17.36 -0.29
CA ASP C 17 -12.46 -16.91 0.67
C ASP C 17 -13.74 -16.48 -0.05
N PRO C 18 -14.88 -16.63 0.63
CA PRO C 18 -16.19 -16.25 0.08
C PRO C 18 -16.24 -14.77 -0.31
N ASN C 19 -15.98 -13.90 0.67
CA ASN C 19 -15.96 -12.46 0.43
C ASN C 19 -14.52 -11.97 0.29
N ALA C 20 -13.60 -12.67 0.93
CA ALA C 20 -12.18 -12.32 0.87
C ALA C 20 -11.99 -10.82 0.86
N PRO C 21 -11.97 -10.19 2.04
CA PRO C 21 -11.75 -8.75 2.17
C PRO C 21 -10.47 -8.30 1.46
N LYS C 22 -9.37 -8.97 1.78
CA LYS C 22 -8.09 -8.66 1.15
C LYS C 22 -7.34 -7.58 1.91
N ARG C 23 -7.09 -7.83 3.19
CA ARG C 23 -6.36 -6.89 4.03
C ARG C 23 -6.61 -5.46 3.58
N ALA C 24 -5.66 -4.57 3.86
CA ALA C 24 -5.79 -3.16 3.51
C ALA C 24 -4.60 -2.68 2.71
N LEU C 25 -4.71 -1.46 2.18
CA LEU C 25 -3.60 -0.83 1.47
C LEU C 25 -2.40 -0.65 2.38
N SER C 26 -1.42 0.11 1.92
CA SER C 26 -0.23 0.39 2.71
C SER C 26 0.12 1.87 2.66
N ALA C 27 0.93 2.32 3.61
CA ALA C 27 1.38 3.70 3.63
C ALA C 27 2.06 4.06 2.33
N TYR C 28 2.45 3.04 1.57
CA TYR C 28 3.12 3.23 0.30
C TYR C 28 2.13 3.55 -0.81
N MET C 29 0.94 2.96 -0.72
CA MET C 29 -0.10 3.17 -1.73
C MET C 29 -0.73 4.56 -1.57
N PHE C 30 -0.99 4.94 -0.32
CA PHE C 30 -1.56 6.25 -0.05
C PHE C 30 -0.55 7.36 -0.36
N PHE C 31 0.65 7.22 0.19
CA PHE C 31 1.73 8.17 -0.09
C PHE C 31 2.05 8.17 -1.58
N ALA C 32 2.52 7.04 -2.08
CA ALA C 32 2.82 6.89 -3.50
C ALA C 32 1.65 7.36 -4.34
N ASN C 33 0.44 7.19 -3.82
CA ASN C 33 -0.76 7.64 -4.51
C ASN C 33 -0.66 9.12 -4.84
N GLU C 34 -0.24 9.92 -3.86
CA GLU C 34 -0.08 11.35 -4.04
C GLU C 34 1.16 11.67 -4.86
N ASN C 35 2.23 10.88 -4.65
CA ASN C 35 3.48 11.11 -5.35
C ASN C 35 3.40 10.64 -6.79
N ARG C 36 3.36 9.34 -6.99
CA ARG C 36 3.26 8.76 -8.34
C ARG C 36 2.70 9.78 -9.32
N ASP C 37 1.55 10.35 -8.99
CA ASP C 37 0.92 11.35 -9.83
C ASP C 37 1.75 12.62 -9.87
N ILE C 38 2.09 13.13 -8.69
CA ILE C 38 2.94 14.32 -8.58
C ILE C 38 4.28 14.08 -9.25
N VAL C 39 5.11 13.25 -8.62
CA VAL C 39 6.43 12.94 -9.14
C VAL C 39 6.40 12.76 -10.66
N ARG C 40 5.65 11.77 -11.12
CA ARG C 40 5.55 11.47 -12.55
C ARG C 40 4.99 12.67 -13.31
N SER C 41 4.17 13.46 -12.64
CA SER C 41 3.57 14.64 -13.26
C SER C 41 4.64 15.69 -13.56
N GLU C 42 5.74 15.62 -12.82
CA GLU C 42 6.85 16.54 -13.03
C GLU C 42 7.97 15.87 -13.81
N ASN C 43 7.89 14.56 -13.94
CA ASN C 43 8.90 13.79 -14.67
C ASN C 43 8.26 12.68 -15.49
N PRO C 44 7.38 13.04 -16.43
CA PRO C 44 6.68 12.08 -17.28
C PRO C 44 7.61 11.39 -18.27
N ASP C 45 8.89 11.76 -18.24
CA ASP C 45 9.86 11.23 -19.18
C ASP C 45 10.75 10.19 -18.51
N ILE C 46 11.28 10.52 -17.34
CA ILE C 46 12.19 9.62 -16.62
C ILE C 46 11.80 8.16 -16.83
N THR C 47 10.50 7.89 -16.73
CA THR C 47 9.98 6.54 -16.92
C THR C 47 9.72 5.85 -15.58
N PHE C 48 8.88 4.82 -15.61
CA PHE C 48 8.53 4.08 -14.40
C PHE C 48 9.73 3.91 -13.48
N GLY C 49 10.49 2.85 -13.71
CA GLY C 49 11.62 2.54 -12.84
C GLY C 49 12.21 3.76 -12.16
N GLN C 50 12.18 4.90 -12.85
CA GLN C 50 12.69 6.14 -12.27
C GLN C 50 11.73 6.67 -11.21
N VAL C 51 10.49 6.87 -11.61
CA VAL C 51 9.46 7.37 -10.71
C VAL C 51 9.16 6.35 -9.61
N GLY C 52 8.90 5.11 -10.01
CA GLY C 52 8.59 4.07 -9.06
C GLY C 52 9.66 3.90 -8.00
N LYS C 53 10.87 3.59 -8.44
CA LYS C 53 11.99 3.41 -7.52
C LYS C 53 12.26 4.70 -6.74
N LYS C 54 12.03 5.83 -7.39
CA LYS C 54 12.20 7.12 -6.76
C LYS C 54 11.10 7.37 -5.73
N LEU C 55 9.99 6.68 -5.89
CA LEU C 55 8.87 6.79 -4.96
C LEU C 55 9.19 6.07 -3.65
N GLY C 56 9.79 4.89 -3.77
CA GLY C 56 10.18 4.14 -2.59
C GLY C 56 11.24 4.85 -1.77
N GLU C 57 12.33 5.24 -2.42
CA GLU C 57 13.40 5.96 -1.75
C GLU C 57 12.89 7.27 -1.16
N LYS C 58 12.27 8.09 -2.01
CA LYS C 58 11.71 9.36 -1.57
C LYS C 58 10.67 9.15 -0.49
N TRP C 59 10.00 8.01 -0.53
CA TRP C 59 8.98 7.67 0.45
C TRP C 59 9.57 7.67 1.86
N LYS C 60 10.59 6.85 2.06
CA LYS C 60 11.27 6.76 3.34
C LYS C 60 12.29 7.88 3.49
N ALA C 61 12.43 8.68 2.44
CA ALA C 61 13.38 9.79 2.45
C ALA C 61 12.82 10.99 3.19
N LEU C 62 11.51 11.23 3.05
CA LEU C 62 10.87 12.35 3.71
C LEU C 62 11.07 12.30 5.21
N THR C 63 10.35 11.42 5.87
CA THR C 63 10.44 11.27 7.33
C THR C 63 9.11 10.78 7.89
N PRO C 64 9.16 9.99 8.98
CA PRO C 64 7.95 9.48 9.63
C PRO C 64 6.85 10.52 9.72
N GLU C 65 7.22 11.74 10.13
CA GLU C 65 6.27 12.84 10.21
C GLU C 65 5.61 13.09 8.86
N GLU C 66 6.43 13.18 7.82
CA GLU C 66 5.93 13.38 6.46
C GLU C 66 4.97 12.26 6.08
N LYS C 67 5.13 11.10 6.71
CA LYS C 67 4.29 9.95 6.44
C LYS C 67 2.96 10.05 7.18
N GLN C 68 2.97 10.75 8.31
CA GLN C 68 1.78 10.90 9.14
C GLN C 68 0.51 10.89 8.29
N PRO C 69 0.48 11.72 7.23
CA PRO C 69 -0.68 11.83 6.35
C PRO C 69 -1.09 10.48 5.77
N TYR C 70 -0.16 9.83 5.10
CA TYR C 70 -0.44 8.54 4.46
C TYR C 70 -0.38 7.40 5.47
N GLU C 71 0.78 7.21 6.09
CA GLU C 71 0.93 6.17 7.10
C GLU C 71 -0.29 6.12 7.99
N ALA C 72 -0.69 7.29 8.50
CA ALA C 72 -1.92 7.39 9.27
C ALA C 72 -3.11 6.98 8.41
N LYS C 73 -3.09 7.42 7.16
CA LYS C 73 -4.09 7.00 6.18
C LYS C 73 -4.03 5.49 5.97
N ALA C 74 -2.93 4.89 6.41
CA ALA C 74 -2.75 3.45 6.33
C ALA C 74 -3.56 2.75 7.40
N GLN C 75 -3.46 3.26 8.62
CA GLN C 75 -4.30 2.76 9.71
C GLN C 75 -5.77 2.98 9.39
N ALA C 76 -6.06 4.08 8.69
CA ALA C 76 -7.42 4.38 8.27
C ALA C 76 -7.92 3.37 7.25
N ASP C 77 -7.05 3.00 6.31
CA ASP C 77 -7.40 2.02 5.30
C ASP C 77 -7.43 0.61 5.88
N LYS C 78 -6.67 0.40 6.94
CA LYS C 78 -6.64 -0.89 7.63
C LYS C 78 -8.02 -1.21 8.21
N LYS C 79 -8.59 -0.25 8.92
CA LYS C 79 -9.94 -0.39 9.45
C LYS C 79 -10.95 -0.44 8.32
N ARG C 80 -10.71 0.35 7.28
CA ARG C 80 -11.57 0.37 6.11
C ARG C 80 -11.92 -1.06 5.70
N TYR C 81 -10.90 -1.87 5.45
CA TYR C 81 -11.09 -3.26 5.07
C TYR C 81 -11.54 -4.09 6.27
N GLU C 82 -11.10 -3.68 7.46
CA GLU C 82 -11.48 -4.37 8.69
C GLU C 82 -12.99 -4.56 8.75
N SER C 83 -13.71 -3.64 8.12
CA SER C 83 -15.17 -3.74 8.06
C SER C 83 -15.60 -4.81 7.07
N GLU C 84 -14.86 -4.92 5.97
CA GLU C 84 -15.14 -5.92 4.96
C GLU C 84 -14.91 -7.33 5.50
N LYS C 85 -13.97 -7.46 6.42
CA LYS C 85 -13.66 -8.75 7.03
C LYS C 85 -14.71 -9.10 8.08
N GLU C 86 -15.02 -8.13 8.95
CA GLU C 86 -16.05 -8.34 9.95
C GLU C 86 -17.34 -8.81 9.30
N LEU C 87 -17.60 -8.31 8.09
CA LEU C 87 -18.76 -8.76 7.33
C LEU C 87 -18.42 -10.01 6.53
N TYR C 88 -17.15 -10.17 6.20
CA TYR C 88 -16.68 -11.37 5.53
C TYR C 88 -17.21 -12.61 6.24
N ASN C 89 -17.21 -12.55 7.57
CA ASN C 89 -17.74 -13.64 8.38
C ASN C 89 -19.21 -13.40 8.72
N ALA C 90 -19.58 -12.13 8.85
CA ALA C 90 -20.96 -11.77 9.18
C ALA C 90 -21.86 -11.89 7.97
N THR C 91 -21.31 -12.40 6.87
CA THR C 91 -22.07 -12.57 5.64
C THR C 91 -21.80 -13.94 5.02
N LEU C 92 -20.54 -14.34 5.02
CA LEU C 92 -20.15 -15.64 4.48
C LEU C 92 -20.63 -16.76 5.40
N ALA C 93 -20.64 -16.50 6.70
CA ALA C 93 -21.07 -17.49 7.68
C ALA C 93 -22.49 -17.21 8.14
N MET C 1 1.84 -6.12 15.14
CA MET C 1 2.76 -7.05 15.85
C MET C 1 3.59 -7.86 14.85
N VAL C 2 4.61 -7.22 14.30
CA VAL C 2 5.49 -7.89 13.33
C VAL C 2 6.94 -7.43 13.50
N THR C 3 7.86 -8.27 13.03
CA THR C 3 9.29 -7.95 13.13
C THR C 3 10.07 -8.63 12.01
N PRO C 4 10.17 -9.96 12.05
CA PRO C 4 10.89 -10.74 11.04
C PRO C 4 10.18 -10.74 9.69
N ARG C 5 10.89 -11.17 8.65
CA ARG C 5 10.32 -11.22 7.31
C ARG C 5 11.13 -12.16 6.42
N GLU C 6 11.18 -13.43 6.81
CA GLU C 6 11.91 -14.44 6.04
C GLU C 6 11.62 -14.31 4.55
N PRO C 7 10.34 -14.21 4.19
CA PRO C 7 9.90 -14.08 2.79
C PRO C 7 10.63 -12.95 2.07
N LYS C 8 11.45 -13.31 1.09
CA LYS C 8 12.20 -12.33 0.31
C LYS C 8 11.49 -12.00 -0.99
N LYS C 9 11.09 -13.04 -1.72
CA LYS C 9 10.40 -12.87 -2.99
C LYS C 9 9.01 -12.29 -2.78
N ARG C 10 8.31 -12.02 -3.87
CA ARG C 10 6.96 -11.48 -3.81
C ARG C 10 6.03 -12.20 -4.77
N THR C 11 4.81 -11.68 -4.91
CA THR C 11 3.82 -12.29 -5.80
C THR C 11 3.40 -13.66 -5.30
N THR C 12 2.11 -13.96 -5.39
CA THR C 12 1.58 -15.24 -4.95
C THR C 12 0.09 -15.13 -4.62
N ARG C 13 -0.36 -13.92 -4.36
CA ARG C 13 -1.76 -13.67 -4.02
C ARG C 13 -2.68 -14.65 -4.74
N LYS C 14 -3.25 -15.59 -3.99
CA LYS C 14 -4.14 -16.59 -4.57
C LYS C 14 -5.57 -16.38 -4.07
N LYS C 15 -6.34 -17.47 -4.06
CA LYS C 15 -7.73 -17.41 -3.61
C LYS C 15 -7.98 -18.40 -2.47
N LYS C 16 -8.87 -18.03 -1.56
CA LYS C 16 -9.20 -18.89 -0.42
C LYS C 16 -9.91 -18.10 0.66
N ASP C 17 -11.24 -18.16 0.65
CA ASP C 17 -12.05 -17.44 1.63
C ASP C 17 -13.47 -17.23 1.12
N PRO C 18 -14.46 -17.32 2.02
CA PRO C 18 -15.87 -17.13 1.67
C PRO C 18 -16.15 -15.71 1.18
N ASN C 19 -15.84 -14.73 2.03
CA ASN C 19 -16.02 -13.32 1.68
C ASN C 19 -14.68 -12.68 1.36
N ALA C 20 -13.60 -13.32 1.82
CA ALA C 20 -12.25 -12.82 1.58
C ALA C 20 -12.22 -11.30 1.54
N PRO C 21 -12.02 -10.66 2.70
CA PRO C 21 -11.95 -9.21 2.81
C PRO C 21 -10.79 -8.63 1.99
N LYS C 22 -9.65 -9.30 2.04
CA LYS C 22 -8.49 -8.90 1.26
C LYS C 22 -7.70 -7.80 1.96
N ARG C 23 -7.40 -8.01 3.24
CA ARG C 23 -6.61 -7.06 4.01
C ARG C 23 -6.89 -5.63 3.56
N ALA C 24 -5.99 -4.72 3.92
CA ALA C 24 -6.13 -3.32 3.54
C ALA C 24 -4.99 -2.88 2.63
N LEU C 25 -5.03 -1.61 2.23
CA LEU C 25 -3.95 -1.04 1.43
C LEU C 25 -2.69 -0.88 2.29
N SER C 26 -1.76 -0.07 1.79
CA SER C 26 -0.51 0.15 2.51
C SER C 26 -0.15 1.63 2.52
N ALA C 27 0.68 2.03 3.49
CA ALA C 27 1.14 3.41 3.58
C ALA C 27 1.93 3.79 2.34
N TYR C 28 2.48 2.79 1.67
CA TYR C 28 3.25 3.00 0.45
C TYR C 28 2.33 3.33 -0.73
N MET C 29 1.09 2.86 -0.63
CA MET C 29 0.11 3.09 -1.69
C MET C 29 -0.51 4.48 -1.59
N PHE C 30 -0.94 4.85 -0.39
CA PHE C 30 -1.51 6.17 -0.16
C PHE C 30 -0.48 7.26 -0.46
N PHE C 31 0.72 7.07 0.05
CA PHE C 31 1.82 8.00 -0.24
C PHE C 31 2.18 7.94 -1.72
N ALA C 32 2.66 6.78 -2.16
CA ALA C 32 3.01 6.58 -3.56
C ALA C 32 1.90 7.10 -4.47
N ASN C 33 0.69 7.18 -3.93
CA ASN C 33 -0.45 7.71 -4.68
C ASN C 33 -0.31 9.21 -4.89
N GLU C 34 0.00 9.93 -3.82
CA GLU C 34 0.19 11.38 -3.90
C GLU C 34 1.47 11.71 -4.66
N ASN C 35 2.50 10.90 -4.46
CA ASN C 35 3.78 11.12 -5.13
C ASN C 35 3.75 10.57 -6.55
N ARG C 36 2.72 9.77 -6.84
CA ARG C 36 2.55 9.22 -8.17
C ARG C 36 2.29 10.34 -9.18
N ASP C 37 1.21 11.07 -8.96
CA ASP C 37 0.86 12.20 -9.82
C ASP C 37 1.84 13.35 -9.62
N ILE C 38 2.21 13.61 -8.36
CA ILE C 38 3.17 14.66 -8.05
C ILE C 38 4.51 14.39 -8.73
N VAL C 39 5.19 13.35 -8.27
CA VAL C 39 6.49 13.00 -8.82
C VAL C 39 6.47 13.03 -10.34
N ARG C 40 5.62 12.20 -10.94
CA ARG C 40 5.54 12.12 -12.39
C ARG C 40 5.09 13.44 -13.00
N SER C 41 4.42 14.26 -12.19
CA SER C 41 3.95 15.56 -12.64
C SER C 41 5.12 16.52 -12.84
N GLU C 42 6.17 16.35 -12.04
CA GLU C 42 7.36 17.18 -12.15
C GLU C 42 8.40 16.51 -13.04
N ASN C 43 8.21 15.22 -13.32
CA ASN C 43 9.12 14.47 -14.16
C ASN C 43 8.36 13.50 -15.06
N PRO C 44 7.48 14.04 -15.92
CA PRO C 44 6.67 13.23 -16.83
C PRO C 44 7.52 12.38 -17.77
N ASP C 45 8.82 12.66 -17.80
CA ASP C 45 9.74 11.92 -18.66
C ASP C 45 10.11 10.58 -18.03
N ILE C 46 10.63 10.63 -16.81
CA ILE C 46 11.04 9.42 -16.10
C ILE C 46 10.00 8.31 -16.25
N THR C 47 10.48 7.10 -16.51
CA THR C 47 9.60 5.94 -16.66
C THR C 47 9.33 5.29 -15.30
N PHE C 48 8.90 4.04 -15.33
CA PHE C 48 8.58 3.31 -14.10
C PHE C 48 9.82 3.12 -13.23
N GLY C 49 10.97 2.90 -13.87
CA GLY C 49 12.18 2.60 -13.13
C GLY C 49 12.80 3.81 -12.49
N GLN C 50 12.24 4.98 -12.75
CA GLN C 50 12.72 6.23 -12.16
C GLN C 50 11.73 6.74 -11.13
N VAL C 51 10.48 6.91 -11.54
CA VAL C 51 9.43 7.38 -10.66
C VAL C 51 9.08 6.32 -9.62
N GLY C 52 9.15 5.06 -10.03
CA GLY C 52 8.81 3.98 -9.12
C GLY C 52 9.88 3.76 -8.06
N LYS C 53 11.06 3.34 -8.47
CA LYS C 53 12.16 3.12 -7.54
C LYS C 53 12.43 4.38 -6.73
N LYS C 54 12.27 5.54 -7.36
CA LYS C 54 12.46 6.81 -6.68
C LYS C 54 11.34 7.07 -5.70
N LEU C 55 10.16 6.55 -6.00
CA LEU C 55 9.00 6.69 -5.12
C LEU C 55 9.25 6.00 -3.79
N GLY C 56 9.81 4.81 -3.85
CA GLY C 56 10.11 4.06 -2.63
C GLY C 56 11.21 4.71 -1.81
N GLU C 57 12.38 4.87 -2.41
CA GLU C 57 13.50 5.50 -1.72
C GLU C 57 13.07 6.84 -1.11
N LYS C 58 12.31 7.61 -1.88
CA LYS C 58 11.82 8.90 -1.40
C LYS C 58 10.73 8.71 -0.34
N TRP C 59 10.00 7.60 -0.45
CA TRP C 59 8.94 7.30 0.51
C TRP C 59 9.49 7.31 1.92
N LYS C 60 10.57 6.58 2.14
CA LYS C 60 11.20 6.49 3.44
C LYS C 60 12.21 7.62 3.64
N ALA C 61 12.57 8.27 2.54
CA ALA C 61 13.54 9.36 2.58
C ALA C 61 12.98 10.57 3.32
N LEU C 62 11.67 10.80 3.18
CA LEU C 62 11.03 11.94 3.83
C LEU C 62 11.20 11.88 5.34
N THR C 63 10.43 11.01 5.98
CA THR C 63 10.48 10.87 7.44
C THR C 63 9.12 10.43 7.97
N PRO C 64 9.10 9.65 9.06
CA PRO C 64 7.86 9.19 9.68
C PRO C 64 6.80 10.28 9.73
N GLU C 65 7.21 11.48 10.14
CA GLU C 65 6.30 12.61 10.20
C GLU C 65 5.69 12.89 8.83
N GLU C 66 6.55 12.94 7.81
CA GLU C 66 6.09 13.15 6.44
C GLU C 66 5.10 12.07 6.03
N LYS C 67 5.20 10.91 6.68
CA LYS C 67 4.31 9.80 6.39
C LYS C 67 2.97 9.96 7.09
N GLN C 68 2.99 10.67 8.22
CA GLN C 68 1.77 10.87 9.01
C GLN C 68 0.54 10.90 8.13
N PRO C 69 0.56 11.73 7.06
CA PRO C 69 -0.58 11.86 6.14
C PRO C 69 -1.03 10.51 5.58
N TYR C 70 -0.10 9.81 4.95
CA TYR C 70 -0.42 8.53 4.31
C TYR C 70 -0.41 7.41 5.34
N GLU C 71 0.72 7.19 5.99
CA GLU C 71 0.83 6.17 7.01
C GLU C 71 -0.42 6.16 7.90
N ALA C 72 -0.80 7.34 8.37
CA ALA C 72 -2.04 7.50 9.10
C ALA C 72 -3.22 7.10 8.22
N LYS C 73 -3.17 7.53 6.96
CA LYS C 73 -4.15 7.11 5.97
C LYS C 73 -4.10 5.60 5.78
N ALA C 74 -3.03 4.98 6.29
CA ALA C 74 -2.87 3.54 6.21
C ALA C 74 -3.72 2.86 7.27
N GLN C 75 -3.67 3.40 8.49
CA GLN C 75 -4.54 2.92 9.56
C GLN C 75 -6.00 3.18 9.19
N ALA C 76 -6.23 4.25 8.45
CA ALA C 76 -7.56 4.59 7.98
C ALA C 76 -8.08 3.52 7.01
N ASP C 77 -7.25 3.17 6.04
CA ASP C 77 -7.60 2.14 5.07
C ASP C 77 -7.60 0.76 5.73
N LYS C 78 -6.84 0.63 6.81
CA LYS C 78 -6.79 -0.62 7.56
C LYS C 78 -8.17 -0.96 8.10
N LYS C 79 -8.82 0.02 8.72
CA LYS C 79 -10.18 -0.16 9.21
C LYS C 79 -11.16 -0.30 8.04
N ARG C 80 -10.94 0.51 7.00
CA ARG C 80 -11.76 0.45 5.81
C ARG C 80 -12.09 -1.00 5.46
N TYR C 81 -11.04 -1.81 5.27
CA TYR C 81 -11.22 -3.23 4.98
C TYR C 81 -11.68 -3.96 6.23
N GLU C 82 -11.22 -3.52 7.39
CA GLU C 82 -11.61 -4.12 8.66
C GLU C 82 -13.12 -4.30 8.71
N SER C 83 -13.84 -3.50 7.92
CA SER C 83 -15.29 -3.59 7.85
C SER C 83 -15.71 -4.84 7.08
N GLU C 84 -15.07 -5.07 5.94
CA GLU C 84 -15.37 -6.23 5.12
C GLU C 84 -14.87 -7.51 5.76
N LYS C 85 -14.02 -7.37 6.78
CA LYS C 85 -13.52 -8.51 7.52
C LYS C 85 -14.49 -8.89 8.64
N GLU C 86 -14.95 -7.89 9.38
CA GLU C 86 -15.92 -8.10 10.44
C GLU C 86 -17.21 -8.70 9.88
N LEU C 87 -17.57 -8.27 8.68
CA LEU C 87 -18.73 -8.82 7.99
C LEU C 87 -18.38 -10.15 7.35
N TYR C 88 -17.21 -10.20 6.73
CA TYR C 88 -16.70 -11.44 6.17
C TYR C 88 -17.13 -12.62 7.02
N ASN C 89 -16.81 -12.54 8.31
CA ASN C 89 -17.23 -13.56 9.27
C ASN C 89 -18.71 -13.45 9.57
N ALA C 90 -19.21 -12.21 9.64
CA ALA C 90 -20.63 -11.97 9.89
C ALA C 90 -21.48 -12.79 8.94
N THR C 91 -21.54 -12.36 7.68
CA THR C 91 -22.27 -13.08 6.65
C THR C 91 -21.83 -14.54 6.59
N LEU C 92 -20.52 -14.76 6.76
CA LEU C 92 -19.97 -16.11 6.73
C LEU C 92 -20.92 -17.09 7.39
N ALA C 93 -21.14 -16.92 8.69
CA ALA C 93 -22.03 -17.80 9.44
C ALA C 93 -21.92 -19.24 8.95
N MET C 1 12.84 -11.18 10.04
CA MET C 1 12.57 -12.63 9.90
C MET C 1 11.68 -12.89 8.69
N VAL C 2 12.25 -13.49 7.65
CA VAL C 2 11.51 -13.80 6.43
C VAL C 2 12.45 -14.18 5.30
N THR C 3 12.42 -15.46 4.92
CA THR C 3 13.28 -15.96 3.85
C THR C 3 12.69 -15.61 2.48
N PRO C 4 11.41 -15.95 2.26
CA PRO C 4 10.72 -15.68 1.00
C PRO C 4 10.85 -14.22 0.58
N ARG C 5 10.64 -13.95 -0.72
CA ARG C 5 10.73 -12.60 -1.24
C ARG C 5 10.49 -12.58 -2.75
N GLU C 6 10.94 -13.63 -3.42
CA GLU C 6 10.78 -13.74 -4.87
C GLU C 6 10.35 -15.15 -5.27
N PRO C 7 9.22 -15.62 -4.70
CA PRO C 7 8.69 -16.96 -4.99
C PRO C 7 8.55 -17.21 -6.49
N LYS C 8 8.58 -18.49 -6.88
CA LYS C 8 8.46 -18.86 -8.28
C LYS C 8 7.62 -20.14 -8.42
N LYS C 9 6.31 -20.00 -8.30
CA LYS C 9 5.42 -21.14 -8.42
C LYS C 9 4.38 -20.90 -9.52
N ARG C 10 3.65 -19.80 -9.42
CA ARG C 10 2.64 -19.46 -10.40
C ARG C 10 1.79 -18.28 -9.93
N THR C 11 1.01 -17.70 -10.85
CA THR C 11 0.16 -16.58 -10.52
C THR C 11 -0.35 -16.66 -9.09
N THR C 12 0.35 -16.01 -8.17
CA THR C 12 -0.03 -16.02 -6.77
C THR C 12 -1.48 -15.56 -6.59
N ARG C 13 -1.78 -15.04 -5.41
CA ARG C 13 -3.12 -14.56 -5.10
C ARG C 13 -4.17 -15.35 -5.88
N LYS C 14 -4.75 -16.36 -5.24
CA LYS C 14 -5.77 -17.19 -5.86
C LYS C 14 -7.02 -17.27 -5.00
N LYS C 15 -7.90 -18.21 -5.32
CA LYS C 15 -9.13 -18.40 -4.56
C LYS C 15 -8.84 -18.72 -3.10
N LYS C 16 -9.68 -18.22 -2.21
CA LYS C 16 -9.51 -18.46 -0.78
C LYS C 16 -10.44 -17.58 0.04
N ASP C 17 -10.93 -18.11 1.16
CA ASP C 17 -11.83 -17.36 2.03
C ASP C 17 -13.18 -17.15 1.36
N PRO C 18 -14.27 -17.31 2.12
CA PRO C 18 -15.63 -17.10 1.63
C PRO C 18 -15.85 -15.69 1.10
N ASN C 19 -15.72 -14.71 1.98
CA ASN C 19 -15.86 -13.32 1.61
C ASN C 19 -14.49 -12.70 1.31
N ALA C 20 -13.46 -13.25 1.94
CA ALA C 20 -12.09 -12.78 1.72
C ALA C 20 -12.05 -11.27 1.52
N PRO C 21 -11.98 -10.50 2.62
CA PRO C 21 -11.90 -9.04 2.57
C PRO C 21 -10.75 -8.56 1.69
N LYS C 22 -9.57 -9.12 1.93
CA LYS C 22 -8.38 -8.77 1.17
C LYS C 22 -7.61 -7.63 1.82
N ARG C 23 -7.24 -7.83 3.09
CA ARG C 23 -6.47 -6.84 3.82
C ARG C 23 -6.79 -5.42 3.36
N ALA C 24 -5.87 -4.50 3.57
CA ALA C 24 -6.07 -3.11 3.18
C ALA C 24 -4.90 -2.60 2.32
N LEU C 25 -4.91 -1.31 2.03
CA LEU C 25 -3.82 -0.69 1.31
C LEU C 25 -2.62 -0.47 2.23
N SER C 26 -1.62 0.25 1.74
CA SER C 26 -0.43 0.53 2.52
C SER C 26 -0.08 2.01 2.46
N ALA C 27 0.77 2.44 3.38
CA ALA C 27 1.24 3.83 3.39
C ALA C 27 1.95 4.16 2.08
N TYR C 28 2.33 3.11 1.35
CA TYR C 28 3.01 3.27 0.08
C TYR C 28 2.03 3.58 -1.04
N MET C 29 0.81 3.09 -0.89
CA MET C 29 -0.23 3.32 -1.90
C MET C 29 -0.83 4.72 -1.74
N PHE C 30 -1.13 5.09 -0.51
CA PHE C 30 -1.69 6.42 -0.24
C PHE C 30 -0.65 7.51 -0.54
N PHE C 31 0.57 7.29 -0.08
CA PHE C 31 1.66 8.22 -0.39
C PHE C 31 1.98 8.20 -1.87
N ALA C 32 2.27 7.01 -2.40
CA ALA C 32 2.54 6.86 -3.82
C ALA C 32 1.38 7.40 -4.66
N ASN C 33 0.20 7.49 -4.04
CA ASN C 33 -0.97 8.04 -4.70
C ASN C 33 -0.79 9.54 -4.93
N GLU C 34 -0.41 10.24 -3.86
CA GLU C 34 -0.13 11.67 -3.96
C GLU C 34 1.03 11.95 -4.89
N ASN C 35 2.12 11.19 -4.71
CA ASN C 35 3.30 11.35 -5.54
C ASN C 35 2.97 11.01 -6.99
N ARG C 36 2.75 9.73 -7.25
CA ARG C 36 2.38 9.26 -8.59
C ARG C 36 2.10 10.44 -9.52
N ASP C 37 1.06 11.19 -9.21
CA ASP C 37 0.68 12.36 -10.01
C ASP C 37 1.72 13.46 -9.87
N ILE C 38 2.00 13.84 -8.62
CA ILE C 38 3.01 14.87 -8.36
C ILE C 38 4.36 14.50 -8.96
N VAL C 39 4.99 13.49 -8.37
CA VAL C 39 6.30 13.03 -8.84
C VAL C 39 6.32 12.85 -10.35
N ARG C 40 5.47 11.96 -10.85
CA ARG C 40 5.43 11.67 -12.27
C ARG C 40 5.01 12.89 -13.08
N SER C 41 4.45 13.89 -12.39
CA SER C 41 4.04 15.13 -13.04
C SER C 41 5.26 16.00 -13.35
N GLU C 42 6.25 15.95 -12.46
CA GLU C 42 7.49 16.69 -12.68
C GLU C 42 8.44 15.86 -13.53
N ASN C 43 8.17 14.56 -13.62
CA ASN C 43 8.99 13.65 -14.41
C ASN C 43 8.11 12.69 -15.21
N PRO C 44 7.30 13.24 -16.12
CA PRO C 44 6.35 12.46 -16.92
C PRO C 44 7.04 11.38 -17.76
N ASP C 45 8.37 11.46 -17.83
CA ASP C 45 9.14 10.51 -18.62
C ASP C 45 10.51 10.26 -18.01
N ILE C 46 10.54 9.49 -16.92
CA ILE C 46 11.79 9.12 -16.28
C ILE C 46 12.04 7.62 -16.41
N THR C 47 10.97 6.83 -16.28
CA THR C 47 11.05 5.37 -16.40
C THR C 47 10.51 4.70 -15.15
N PHE C 48 10.08 3.45 -15.30
CA PHE C 48 9.54 2.69 -14.17
C PHE C 48 10.54 2.64 -13.02
N GLY C 49 11.76 2.19 -13.33
CA GLY C 49 12.79 2.11 -12.30
C GLY C 49 13.23 3.47 -11.81
N GLN C 50 12.72 4.52 -12.45
CA GLN C 50 13.04 5.88 -12.04
C GLN C 50 11.95 6.44 -11.14
N VAL C 51 10.84 6.85 -11.74
CA VAL C 51 9.72 7.37 -10.98
C VAL C 51 9.29 6.37 -9.90
N GLY C 52 9.40 5.08 -10.22
CA GLY C 52 9.03 4.05 -9.27
C GLY C 52 10.05 3.88 -8.15
N LYS C 53 11.13 3.16 -8.43
CA LYS C 53 12.17 2.95 -7.45
C LYS C 53 12.46 4.23 -6.68
N LYS C 54 12.66 5.31 -7.42
CA LYS C 54 12.92 6.61 -6.82
C LYS C 54 11.81 6.98 -5.83
N LEU C 55 10.56 6.89 -6.29
CA LEU C 55 9.42 7.18 -5.43
C LEU C 55 9.64 6.60 -4.04
N GLY C 56 9.87 5.29 -3.98
CA GLY C 56 10.11 4.64 -2.71
C GLY C 56 11.26 5.28 -1.94
N GLU C 57 12.31 5.65 -2.66
CA GLU C 57 13.45 6.30 -2.05
C GLU C 57 13.03 7.56 -1.31
N LYS C 58 12.34 8.46 -2.02
CA LYS C 58 11.86 9.69 -1.42
C LYS C 58 10.74 9.42 -0.42
N TRP C 59 10.12 8.25 -0.55
CA TRP C 59 9.06 7.85 0.37
C TRP C 59 9.58 7.81 1.80
N LYS C 60 10.61 7.00 2.02
CA LYS C 60 11.22 6.87 3.33
C LYS C 60 12.19 8.03 3.58
N ALA C 61 12.53 8.74 2.52
CA ALA C 61 13.45 9.87 2.62
C ALA C 61 12.85 11.01 3.42
N LEU C 62 11.55 11.26 3.21
CA LEU C 62 10.87 12.34 3.91
C LEU C 62 11.06 12.23 5.41
N THR C 63 10.30 11.33 6.04
CA THR C 63 10.37 11.15 7.49
C THR C 63 9.03 10.64 8.01
N PRO C 64 9.05 9.93 9.15
CA PRO C 64 7.83 9.41 9.78
C PRO C 64 6.73 10.47 9.86
N GLU C 65 7.10 11.67 10.29
CA GLU C 65 6.16 12.78 10.36
C GLU C 65 5.57 13.08 8.99
N GLU C 66 6.40 13.00 7.96
CA GLU C 66 5.95 13.24 6.59
C GLU C 66 4.98 12.15 6.14
N LYS C 67 5.11 10.97 6.73
CA LYS C 67 4.26 9.84 6.39
C LYS C 67 2.90 9.94 7.09
N GLN C 68 2.88 10.62 8.23
CA GLN C 68 1.66 10.77 9.02
C GLN C 68 0.43 10.83 8.12
N PRO C 69 0.46 11.70 7.10
CA PRO C 69 -0.67 11.85 6.17
C PRO C 69 -1.11 10.52 5.57
N TYR C 70 -0.18 9.83 4.92
CA TYR C 70 -0.48 8.57 4.26
C TYR C 70 -0.46 7.41 5.25
N GLU C 71 0.68 7.18 5.88
CA GLU C 71 0.81 6.13 6.87
C GLU C 71 -0.43 6.08 7.75
N ALA C 72 -0.83 7.24 8.27
CA ALA C 72 -2.07 7.36 9.02
C ALA C 72 -3.25 7.00 8.13
N LYS C 73 -3.22 7.48 6.89
CA LYS C 73 -4.20 7.11 5.90
C LYS C 73 -4.18 5.59 5.67
N ALA C 74 -3.11 4.96 6.13
CA ALA C 74 -2.96 3.52 6.01
C ALA C 74 -3.79 2.82 7.07
N GLN C 75 -3.69 3.31 8.30
CA GLN C 75 -4.53 2.81 9.39
C GLN C 75 -5.99 3.12 9.10
N ALA C 76 -6.22 4.18 8.35
CA ALA C 76 -7.57 4.56 7.94
C ALA C 76 -8.15 3.56 6.96
N ASP C 77 -7.35 3.20 5.96
CA ASP C 77 -7.76 2.23 4.96
C ASP C 77 -7.76 0.82 5.55
N LYS C 78 -6.95 0.61 6.58
CA LYS C 78 -6.90 -0.66 7.28
C LYS C 78 -8.23 -0.96 7.95
N LYS C 79 -8.79 0.05 8.60
CA LYS C 79 -10.11 -0.07 9.21
C LYS C 79 -11.18 -0.22 8.12
N ARG C 80 -11.02 0.53 7.04
CA ARG C 80 -11.92 0.43 5.90
C ARG C 80 -12.23 -1.03 5.59
N TYR C 81 -11.17 -1.80 5.35
CA TYR C 81 -11.31 -3.23 5.08
C TYR C 81 -11.60 -3.98 6.37
N GLU C 82 -11.21 -3.41 7.50
CA GLU C 82 -11.46 -4.02 8.80
C GLU C 82 -12.94 -4.31 8.98
N SER C 83 -13.77 -3.52 8.30
CA SER C 83 -15.21 -3.74 8.33
C SER C 83 -15.58 -4.93 7.47
N GLU C 84 -14.85 -5.12 6.38
CA GLU C 84 -15.08 -6.25 5.49
C GLU C 84 -14.72 -7.56 6.17
N LYS C 85 -13.70 -7.53 7.02
CA LYS C 85 -13.29 -8.71 7.77
C LYS C 85 -14.29 -9.03 8.87
N GLU C 86 -14.67 -8.00 9.63
CA GLU C 86 -15.65 -8.16 10.69
C GLU C 86 -16.93 -8.81 10.13
N LEU C 87 -17.25 -8.47 8.89
CA LEU C 87 -18.39 -9.06 8.22
C LEU C 87 -17.99 -10.36 7.52
N TYR C 88 -16.70 -10.48 7.24
CA TYR C 88 -16.17 -11.71 6.66
C TYR C 88 -16.54 -12.90 7.51
N ASN C 89 -16.50 -12.70 8.83
CA ASN C 89 -16.88 -13.74 9.78
C ASN C 89 -18.34 -13.56 10.20
N ALA C 90 -18.80 -12.31 10.19
CA ALA C 90 -20.18 -12.01 10.57
C ALA C 90 -21.14 -12.34 9.43
N THR C 91 -20.59 -12.88 8.34
CA THR C 91 -21.39 -13.23 7.18
C THR C 91 -21.05 -14.65 6.71
N LEU C 92 -19.76 -14.95 6.64
CA LEU C 92 -19.31 -16.28 6.23
C LEU C 92 -19.54 -17.30 7.34
N ALA C 93 -19.47 -16.84 8.59
CA ALA C 93 -19.67 -17.71 9.74
C ALA C 93 -21.09 -17.58 10.28
#